data_3J0A
#
_entry.id   3J0A
#
_cell.length_a   1.000
_cell.length_b   1.000
_cell.length_c   1.000
_cell.angle_alpha   90.00
_cell.angle_beta   90.00
_cell.angle_gamma   90.00
#
_symmetry.space_group_name_H-M   'P 1'
#
loop_
_entity.id
_entity.type
_entity.pdbx_description
1 polymer 'Toll-like receptor 5'
2 branched alpha-L-fucopyranose-(1-6)-2-acetamido-2-deoxy-beta-D-glucopyranose
#
_entity_poly.entity_id   1
_entity_poly.type   'polypeptide(L)'
_entity_poly.pdbx_seq_one_letter_code
;SCSFDGRIAFYRFCNLTQVPQVLNTTERLLLSFNYIRTVTASSFPFLEQLQLLELGSQYTPLTIDKEAFRNLPNLRILDL
GSSKIYFLHPDAFQGLFHLFELRLYFCGLSDAVLKDGYFRNLKALTRLDLSKNQIRSLYLHPSFGKLNSLKSIDFSSNQI
FLVCEHELEPLQGKTLSFFSLAANSLYSRVSVDWGKCMNPFRNMVLEILDVSGNGWTVDITGNFSNAISKSQAFSLILAH
HIMGAGFGFHNIKDPDQNTFAGLARSSVRHLDLSHGFVFSLNSRVFETLKDLKVLNLAYNKINKIADEAFYGLDNLQVLN
LSYNLLGELYSSNFYGLPKVAYIDLQKNHIAIIQDQTFKFLEKLQTLDLRDNALTTIHFIPSIPDIFLSGNKLVTLPKIN
LTANLIHLSENRLENLDILYFLLRVPHLQILILNQNRFSSCSGDQTPSENPSLEQLFLGENMLQLAWETELCWDVFEGLS
HLQVLYLNHNYLNSLPPGVFSHLTALRGLSLNSNRLTVLSHNDLPANLEILDISRNQLLAPNPDVFVSLSVLDITHNKFI
CECELSTFINWLNHTNVTIAGPPADIYCVYPDSFSGVSLFSLSTEGCDEEEVLKSLKFSLFIVCTVTLTLFLMTILTVTK
FRGFCFICYKTAQRLVFKDHPQGTEPDMYKYDAYLCFSSKDFTWVQNALLKHLDTQYSDQNRFNLCFEERDFVPGENRIA
NIQDAIWNSRKIVCLVSRHFLRDGWCLEAFSYAQGRCLSDLNSALIMVVVGSLSQYQLMKHQSIRGFVQKQQYLRWPEDF
QDVGWFLHKLSQQILKKEKEKKKDNNIPLQTVATISGSHHHHHH
;
_entity_poly.pdbx_strand_id   A,B
#
loop_
_chem_comp.id
_chem_comp.type
_chem_comp.name
_chem_comp.formula
FUC L-saccharide, alpha linking alpha-L-fucopyranose 'C6 H12 O5'
NAG D-saccharide, beta linking 2-acetamido-2-deoxy-beta-D-glucopyranose 'C8 H15 N O6'
#
# COMPACT_ATOMS: atom_id res chain seq x y z
N SER A 1 8.54 -15.26 -7.99
CA SER A 1 8.77 -15.90 -6.67
C SER A 1 8.59 -14.89 -5.54
N CYS A 2 8.01 -15.32 -4.42
CA CYS A 2 7.80 -14.44 -3.29
C CYS A 2 9.06 -14.29 -2.45
N SER A 3 9.56 -15.40 -1.92
CA SER A 3 10.76 -15.40 -1.09
C SER A 3 11.82 -16.34 -1.68
N PHE A 4 13.08 -15.93 -1.59
CA PHE A 4 14.17 -16.75 -2.11
C PHE A 4 14.37 -18.00 -1.23
N ASP A 5 14.42 -19.16 -1.89
CA ASP A 5 14.59 -20.43 -1.20
C ASP A 5 13.53 -20.64 -0.13
N GLY A 6 12.32 -20.98 -0.55
CA GLY A 6 11.22 -21.22 0.38
C GLY A 6 9.83 -20.99 -0.20
N ARG A 7 9.56 -19.76 -0.61
CA ARG A 7 8.26 -19.40 -1.17
C ARG A 7 8.32 -19.13 -2.66
N ILE A 8 7.69 -20.01 -3.44
CA ILE A 8 7.66 -19.88 -4.89
C ILE A 8 6.22 -20.02 -5.38
N ALA A 9 5.80 -19.08 -6.23
CA ALA A 9 4.44 -19.09 -6.77
C ALA A 9 4.41 -19.12 -8.29
N PHE A 10 3.38 -19.75 -8.84
CA PHE A 10 3.20 -19.85 -10.28
C PHE A 10 1.72 -19.55 -10.56
N TYR A 11 1.42 -18.26 -10.72
CA TYR A 11 0.07 -17.80 -10.95
C TYR A 11 -0.25 -17.71 -12.44
N ARG A 12 -0.94 -18.73 -12.94
CA ARG A 12 -1.30 -18.81 -14.36
C ARG A 12 -0.12 -18.72 -15.31
N PHE A 13 0.35 -19.87 -15.76
CA PHE A 13 1.49 -19.93 -16.69
C PHE A 13 1.19 -21.04 -17.73
N CYS A 14 0.01 -21.66 -17.58
CA CYS A 14 -0.46 -22.70 -18.49
C CYS A 14 0.52 -23.87 -18.72
N ASN A 15 0.88 -24.52 -17.64
CA ASN A 15 1.80 -25.64 -17.81
C ASN A 15 1.08 -27.00 -17.80
N LEU A 16 1.71 -27.99 -18.42
CA LEU A 16 1.10 -29.31 -18.53
C LEU A 16 1.51 -30.20 -17.31
N THR A 17 2.82 -30.29 -17.12
CA THR A 17 3.33 -31.08 -15.99
C THR A 17 3.88 -30.11 -14.94
N GLN A 18 3.99 -30.61 -13.71
CA GLN A 18 4.51 -29.81 -12.60
C GLN A 18 5.89 -29.22 -12.89
N VAL A 19 6.25 -28.18 -12.16
CA VAL A 19 7.53 -27.51 -12.32
C VAL A 19 8.65 -28.19 -11.53
N PRO A 20 9.61 -28.81 -12.23
CA PRO A 20 10.72 -29.48 -11.54
C PRO A 20 11.85 -28.54 -11.14
N GLN A 21 11.94 -27.40 -11.82
CA GLN A 21 12.97 -26.40 -11.56
C GLN A 21 13.03 -25.92 -10.10
N VAL A 22 11.91 -26.07 -9.39
CA VAL A 22 11.83 -25.67 -7.99
C VAL A 22 12.77 -26.51 -7.11
N LEU A 23 13.19 -25.96 -5.98
CA LEU A 23 14.08 -26.68 -5.07
C LEU A 23 13.31 -27.57 -4.13
N ASN A 24 14.00 -28.51 -3.51
CA ASN A 24 13.36 -29.42 -2.57
C ASN A 24 13.07 -28.80 -1.21
N THR A 25 13.52 -27.56 -1.02
CA THR A 25 13.29 -26.89 0.25
C THR A 25 12.10 -25.93 0.17
N THR A 26 11.43 -25.92 -0.98
CA THR A 26 10.28 -25.04 -1.18
C THR A 26 9.15 -25.41 -0.22
N GLU A 27 8.85 -24.55 0.74
CA GLU A 27 7.77 -24.84 1.70
C GLU A 27 6.40 -24.41 1.20
N ARG A 28 6.31 -23.31 0.45
CA ARG A 28 5.04 -22.82 -0.08
C ARG A 28 5.02 -22.84 -1.62
N LEU A 29 4.23 -23.76 -2.17
CA LEU A 29 4.11 -23.91 -3.62
C LEU A 29 2.67 -23.60 -4.02
N LEU A 30 2.52 -22.84 -5.11
CA LEU A 30 1.19 -22.49 -5.59
C LEU A 30 1.02 -22.69 -7.10
N LEU A 31 0.25 -23.71 -7.47
CA LEU A 31 -0.02 -24.01 -8.87
C LEU A 31 -1.51 -23.88 -9.11
N SER A 32 -1.92 -22.76 -9.69
CA SER A 32 -3.32 -22.51 -9.99
C SER A 32 -3.47 -21.98 -11.41
N PHE A 33 -4.70 -21.95 -11.90
CA PHE A 33 -4.98 -21.47 -13.25
C PHE A 33 -4.23 -22.25 -14.32
N ASN A 34 -4.00 -23.54 -14.07
CA ASN A 34 -3.29 -24.40 -15.02
C ASN A 34 -4.08 -25.68 -15.25
N TYR A 35 -3.48 -26.63 -15.96
CA TYR A 35 -4.14 -27.89 -16.24
C TYR A 35 -3.18 -29.08 -16.25
N ILE A 36 -3.57 -30.15 -15.55
CA ILE A 36 -2.76 -31.36 -15.48
C ILE A 36 -3.68 -32.54 -15.82
N ARG A 37 -4.96 -32.40 -15.44
CA ARG A 37 -5.99 -33.41 -15.69
C ARG A 37 -5.70 -34.76 -15.03
N THR A 38 -4.99 -35.63 -15.74
CA THR A 38 -4.66 -36.96 -15.20
C THR A 38 -3.51 -36.92 -14.18
N VAL A 39 -3.86 -37.21 -12.93
CA VAL A 39 -2.88 -37.22 -11.86
C VAL A 39 -2.44 -38.66 -11.56
N THR A 40 -1.27 -39.02 -12.07
CA THR A 40 -0.73 -40.37 -11.87
C THR A 40 0.14 -40.44 -10.61
N ALA A 41 0.40 -41.67 -10.16
CA ALA A 41 1.21 -41.90 -8.96
C ALA A 41 2.56 -41.20 -9.08
N SER A 42 3.18 -40.95 -7.92
CA SER A 42 4.49 -40.27 -7.86
C SER A 42 4.42 -38.92 -8.57
N SER A 43 3.50 -38.09 -8.13
CA SER A 43 3.30 -36.76 -8.72
C SER A 43 4.38 -35.77 -8.32
N PHE A 44 4.65 -35.67 -7.02
CA PHE A 44 5.64 -34.73 -6.50
C PHE A 44 6.70 -35.39 -5.62
N PRO A 45 7.51 -36.30 -6.19
CA PRO A 45 8.55 -36.91 -5.34
C PRO A 45 9.73 -35.96 -5.18
N PHE A 46 9.61 -34.78 -5.77
CA PHE A 46 10.66 -33.75 -5.70
C PHE A 46 10.62 -33.03 -4.36
N LEU A 47 9.63 -32.16 -4.20
CA LEU A 47 9.46 -31.37 -2.99
C LEU A 47 8.96 -32.28 -1.87
N GLU A 48 9.55 -32.15 -0.69
CA GLU A 48 9.16 -32.98 0.46
C GLU A 48 9.04 -32.14 1.73
N GLN A 49 9.28 -30.83 1.58
CA GLN A 49 9.20 -29.90 2.70
C GLN A 49 8.07 -28.91 2.52
N LEU A 50 6.96 -29.40 1.95
CA LEU A 50 5.79 -28.57 1.70
C LEU A 50 4.86 -28.42 2.88
N GLN A 51 4.12 -27.31 2.89
CA GLN A 51 3.16 -26.99 3.93
C GLN A 51 1.93 -26.38 3.27
N LEU A 52 2.15 -25.31 2.53
CA LEU A 52 1.07 -24.61 1.82
C LEU A 52 1.09 -25.06 0.35
N LEU A 53 0.40 -26.17 0.07
CA LEU A 53 0.35 -26.72 -1.28
C LEU A 53 -1.05 -26.56 -1.87
N GLU A 54 -1.40 -25.34 -2.24
CA GLU A 54 -2.70 -25.03 -2.83
C GLU A 54 -2.81 -25.57 -4.26
N LEU A 55 -3.21 -26.83 -4.36
CA LEU A 55 -3.37 -27.49 -5.65
C LEU A 55 -4.84 -27.87 -5.86
N GLY A 56 -5.39 -27.45 -7.00
CA GLY A 56 -6.78 -27.74 -7.29
C GLY A 56 -7.53 -26.56 -7.88
N SER A 57 -7.12 -25.35 -7.50
CA SER A 57 -7.74 -24.11 -7.97
C SER A 57 -7.91 -24.15 -9.49
N GLN A 58 -9.15 -24.37 -9.93
CA GLN A 58 -9.52 -24.48 -11.34
C GLN A 58 -8.48 -25.20 -12.20
N TYR A 59 -7.84 -26.21 -11.62
CA TYR A 59 -6.82 -27.00 -12.30
C TYR A 59 -7.51 -28.09 -13.11
N THR A 60 -8.84 -28.02 -13.14
CA THR A 60 -9.70 -28.97 -13.86
C THR A 60 -9.21 -30.43 -13.85
N PRO A 61 -8.96 -31.00 -12.65
CA PRO A 61 -8.49 -32.39 -12.58
C PRO A 61 -9.62 -33.37 -12.88
N LEU A 62 -9.36 -34.33 -13.76
CA LEU A 62 -10.34 -35.33 -14.13
C LEU A 62 -10.36 -36.51 -13.16
N THR A 63 -9.21 -37.16 -13.01
CA THR A 63 -9.11 -38.30 -12.10
C THR A 63 -7.92 -38.17 -11.16
N ILE A 64 -7.93 -38.98 -10.11
CA ILE A 64 -6.85 -38.97 -9.13
C ILE A 64 -6.42 -40.39 -8.75
N ASP A 65 -5.17 -40.72 -9.06
CA ASP A 65 -4.62 -42.04 -8.77
C ASP A 65 -4.00 -42.09 -7.38
N LYS A 66 -3.71 -43.31 -6.92
CA LYS A 66 -3.10 -43.52 -5.62
C LYS A 66 -1.63 -43.07 -5.61
N GLU A 67 -1.06 -43.01 -4.41
CA GLU A 67 0.33 -42.61 -4.21
C GLU A 67 0.60 -41.21 -4.76
N ALA A 68 -0.45 -40.41 -4.90
CA ALA A 68 -0.33 -39.05 -5.42
C ALA A 68 0.48 -38.20 -4.46
N PHE A 69 0.13 -38.23 -3.19
CA PHE A 69 0.82 -37.46 -2.17
C PHE A 69 1.49 -38.35 -1.11
N ARG A 70 2.37 -39.23 -1.59
CA ARG A 70 3.11 -40.16 -0.75
C ARG A 70 4.34 -39.53 -0.12
N ASN A 71 5.02 -38.68 -0.90
CA ASN A 71 6.22 -38.02 -0.42
C ASN A 71 5.96 -36.63 0.13
N LEU A 72 4.88 -36.49 0.90
CA LEU A 72 4.52 -35.20 1.50
C LEU A 72 4.04 -35.38 2.96
N PRO A 73 4.92 -35.86 3.85
CA PRO A 73 4.52 -36.05 5.25
C PRO A 73 4.19 -34.73 5.96
N ASN A 74 5.07 -33.74 5.78
CA ASN A 74 4.90 -32.43 6.41
C ASN A 74 3.85 -31.57 5.72
N LEU A 75 3.08 -32.17 4.82
CA LEU A 75 2.03 -31.45 4.11
C LEU A 75 0.97 -30.99 5.10
N ARG A 76 0.88 -29.67 5.29
CA ARG A 76 -0.08 -29.09 6.22
C ARG A 76 -1.48 -29.07 5.63
N ILE A 77 -1.71 -28.14 4.71
CA ILE A 77 -3.02 -28.00 4.07
C ILE A 77 -2.99 -28.17 2.56
N LEU A 78 -4.16 -28.47 1.98
CA LEU A 78 -4.30 -28.68 0.55
C LEU A 78 -5.66 -28.11 0.14
N ASP A 79 -5.65 -27.22 -0.85
CA ASP A 79 -6.88 -26.58 -1.29
C ASP A 79 -7.27 -26.97 -2.70
N LEU A 80 -8.24 -27.87 -2.81
CA LEU A 80 -8.75 -28.33 -4.10
C LEU A 80 -9.98 -27.53 -4.48
N GLY A 81 -9.79 -26.23 -4.72
CA GLY A 81 -10.90 -25.35 -5.06
C GLY A 81 -11.29 -25.36 -6.52
N SER A 82 -12.59 -25.27 -6.75
CA SER A 82 -13.18 -25.27 -8.10
C SER A 82 -12.61 -26.35 -9.03
N SER A 83 -12.62 -27.59 -8.54
CA SER A 83 -12.13 -28.73 -9.30
C SER A 83 -13.29 -29.54 -9.83
N LYS A 84 -13.01 -30.50 -10.70
CA LYS A 84 -14.04 -31.35 -11.27
C LYS A 84 -13.60 -32.81 -11.33
N ILE A 85 -13.44 -33.42 -10.17
CA ILE A 85 -13.03 -34.82 -10.08
C ILE A 85 -14.23 -35.74 -10.21
N TYR A 86 -14.10 -36.77 -11.05
CA TYR A 86 -15.16 -37.75 -11.27
C TYR A 86 -14.92 -39.02 -10.47
N PHE A 87 -13.76 -39.65 -10.71
CA PHE A 87 -13.40 -40.89 -10.04
C PHE A 87 -12.56 -40.62 -8.79
N LEU A 88 -12.98 -41.16 -7.66
CA LEU A 88 -12.29 -40.99 -6.40
C LEU A 88 -11.68 -42.32 -5.96
N HIS A 89 -10.34 -42.37 -5.90
CA HIS A 89 -9.64 -43.59 -5.52
C HIS A 89 -9.49 -43.69 -4.00
N PRO A 90 -9.85 -44.85 -3.41
CA PRO A 90 -9.76 -45.07 -1.96
C PRO A 90 -8.43 -44.66 -1.30
N ASP A 91 -7.31 -45.08 -1.87
CA ASP A 91 -6.01 -44.76 -1.31
C ASP A 91 -5.30 -43.62 -2.08
N ALA A 92 -5.96 -42.48 -2.16
CA ALA A 92 -5.39 -41.33 -2.88
C ALA A 92 -4.63 -40.43 -1.93
N PHE A 93 -5.24 -40.09 -0.79
CA PHE A 93 -4.61 -39.24 0.20
C PHE A 93 -3.85 -40.04 1.25
N GLN A 94 -2.99 -40.95 0.80
CA GLN A 94 -2.20 -41.77 1.72
C GLN A 94 -0.80 -41.18 1.87
N GLY A 95 -0.30 -41.12 3.09
CA GLY A 95 1.02 -40.55 3.33
C GLY A 95 0.94 -39.22 4.06
N LEU A 96 -0.24 -38.59 4.01
CA LEU A 96 -0.45 -37.30 4.66
C LEU A 96 -0.67 -37.52 6.15
N PHE A 97 0.38 -37.36 6.94
CA PHE A 97 0.28 -37.54 8.38
C PHE A 97 0.03 -36.23 9.12
N HIS A 98 0.58 -35.15 8.59
CA HIS A 98 0.44 -33.83 9.21
C HIS A 98 -0.60 -32.97 8.48
N LEU A 99 -1.66 -33.61 7.99
CA LEU A 99 -2.71 -32.89 7.27
C LEU A 99 -3.78 -32.41 8.23
N PHE A 100 -3.90 -31.09 8.37
CA PHE A 100 -4.88 -30.50 9.24
C PHE A 100 -6.14 -30.08 8.47
N GLU A 101 -6.09 -28.93 7.82
CA GLU A 101 -7.23 -28.43 7.04
C GLU A 101 -7.22 -29.00 5.63
N LEU A 102 -8.36 -28.93 4.95
CA LEU A 102 -8.50 -29.42 3.58
C LEU A 102 -9.73 -28.80 2.95
N ARG A 103 -9.50 -27.86 2.03
CA ARG A 103 -10.59 -27.16 1.35
C ARG A 103 -11.04 -27.90 0.10
N LEU A 104 -12.30 -28.33 0.08
CA LEU A 104 -12.87 -29.04 -1.06
C LEU A 104 -13.98 -28.21 -1.70
N TYR A 105 -13.75 -26.90 -1.76
CA TYR A 105 -14.72 -25.98 -2.35
C TYR A 105 -14.94 -26.34 -3.81
N PHE A 106 -16.18 -26.69 -4.15
CA PHE A 106 -16.57 -27.04 -5.51
C PHE A 106 -15.61 -28.05 -6.12
N CYS A 107 -15.48 -29.21 -5.48
CA CYS A 107 -14.60 -30.26 -5.96
C CYS A 107 -15.31 -31.09 -7.02
N GLY A 108 -16.54 -30.68 -7.35
CA GLY A 108 -17.31 -31.38 -8.35
C GLY A 108 -17.72 -32.77 -7.88
N LEU A 109 -18.51 -32.82 -6.81
CA LEU A 109 -18.95 -34.08 -6.23
C LEU A 109 -20.14 -34.71 -6.95
N SER A 110 -19.87 -35.34 -8.09
CA SER A 110 -20.91 -36.02 -8.86
C SER A 110 -21.26 -37.32 -8.12
N ASP A 111 -20.42 -37.67 -7.15
CA ASP A 111 -20.62 -38.85 -6.33
C ASP A 111 -20.85 -38.29 -4.92
N ALA A 112 -22.02 -37.65 -4.78
CA ALA A 112 -22.46 -37.00 -3.55
C ALA A 112 -22.12 -37.67 -2.22
N VAL A 113 -22.71 -38.84 -1.98
CA VAL A 113 -22.53 -39.58 -0.73
C VAL A 113 -21.09 -39.58 -0.19
N LEU A 114 -20.95 -39.31 1.10
CA LEU A 114 -19.66 -39.23 1.76
C LEU A 114 -19.18 -40.57 2.30
N LYS A 115 -19.98 -41.61 2.16
CA LYS A 115 -19.60 -42.94 2.62
C LYS A 115 -18.32 -43.40 1.92
N ASP A 116 -18.24 -43.13 0.64
CA ASP A 116 -17.09 -43.53 -0.18
C ASP A 116 -15.88 -42.66 0.13
N GLY A 117 -16.09 -41.61 0.93
CA GLY A 117 -15.01 -40.72 1.30
C GLY A 117 -13.87 -41.49 1.95
N TYR A 118 -12.67 -40.96 1.83
CA TYR A 118 -11.49 -41.60 2.39
C TYR A 118 -10.64 -40.64 3.21
N PHE A 119 -11.12 -40.34 4.41
CA PHE A 119 -10.43 -39.44 5.33
C PHE A 119 -10.22 -40.16 6.67
N ARG A 120 -9.87 -41.45 6.58
CA ARG A 120 -9.67 -42.27 7.75
C ARG A 120 -8.24 -42.20 8.28
N ASN A 121 -7.26 -42.20 7.38
CA ASN A 121 -5.86 -42.13 7.79
C ASN A 121 -5.44 -40.72 8.13
N LEU A 122 -6.42 -39.81 8.23
CA LEU A 122 -6.13 -38.41 8.57
C LEU A 122 -6.53 -38.14 10.02
N LYS A 123 -5.60 -38.38 10.95
CA LYS A 123 -5.86 -38.17 12.37
C LYS A 123 -5.72 -36.70 12.75
N ALA A 124 -4.79 -36.01 12.10
CA ALA A 124 -4.56 -34.60 12.37
C ALA A 124 -5.56 -33.73 11.63
N LEU A 125 -6.51 -34.38 10.95
CA LEU A 125 -7.53 -33.67 10.20
C LEU A 125 -8.38 -32.84 11.16
N THR A 126 -8.13 -31.54 11.19
CA THR A 126 -8.85 -30.63 12.08
C THR A 126 -10.03 -29.94 11.40
N ARG A 127 -9.73 -29.10 10.41
CA ARG A 127 -10.78 -28.38 9.70
C ARG A 127 -11.01 -28.91 8.29
N LEU A 128 -11.95 -29.83 8.17
CA LEU A 128 -12.29 -30.43 6.89
C LEU A 128 -13.46 -29.65 6.30
N ASP A 129 -13.20 -28.89 5.24
CA ASP A 129 -14.23 -28.08 4.59
C ASP A 129 -14.84 -28.75 3.36
N LEU A 130 -16.15 -28.59 3.22
CA LEU A 130 -16.89 -29.16 2.09
C LEU A 130 -17.98 -28.18 1.66
N SER A 131 -17.64 -27.27 0.76
CA SER A 131 -18.61 -26.28 0.28
C SER A 131 -18.87 -26.40 -1.21
N LYS A 132 -20.01 -25.86 -1.64
CA LYS A 132 -20.43 -25.88 -3.04
C LYS A 132 -20.53 -27.30 -3.62
N ASN A 133 -20.73 -28.29 -2.76
CA ASN A 133 -20.84 -29.68 -3.18
C ASN A 133 -22.30 -30.07 -3.47
N GLN A 134 -22.58 -31.36 -3.55
CA GLN A 134 -23.94 -31.85 -3.82
C GLN A 134 -24.36 -32.97 -2.88
N ILE A 135 -23.84 -32.92 -1.65
CA ILE A 135 -24.14 -33.93 -0.64
C ILE A 135 -25.64 -33.97 -0.37
N ARG A 136 -26.25 -35.14 -0.50
CA ARG A 136 -27.68 -35.31 -0.27
C ARG A 136 -28.02 -35.81 1.13
N SER A 137 -27.13 -36.61 1.71
CA SER A 137 -27.35 -37.17 3.04
C SER A 137 -26.33 -36.63 4.05
N LEU A 138 -26.85 -36.14 5.17
CA LEU A 138 -26.04 -35.58 6.24
C LEU A 138 -25.50 -36.73 7.09
N TYR A 139 -25.92 -37.94 6.76
CA TYR A 139 -25.52 -39.16 7.45
C TYR A 139 -24.01 -39.24 7.62
N LEU A 140 -23.56 -39.06 8.86
CA LEU A 140 -22.13 -39.11 9.19
C LEU A 140 -21.61 -40.54 9.14
N HIS A 141 -20.56 -40.75 8.34
CA HIS A 141 -19.97 -42.08 8.23
C HIS A 141 -19.16 -42.41 9.49
N PRO A 142 -19.08 -43.71 9.86
CA PRO A 142 -18.32 -44.12 11.05
C PRO A 142 -16.88 -43.65 11.11
N SER A 143 -16.36 -43.17 9.98
CA SER A 143 -14.98 -42.70 9.91
C SER A 143 -14.74 -41.45 10.79
N PHE A 144 -15.79 -40.69 11.07
CA PHE A 144 -15.70 -39.49 11.90
C PHE A 144 -15.27 -39.88 13.32
N GLY A 145 -15.54 -41.13 13.68
CA GLY A 145 -15.16 -41.63 15.00
C GLY A 145 -13.67 -41.56 15.25
N LYS A 146 -12.89 -41.87 14.23
CA LYS A 146 -11.44 -41.84 14.34
C LYS A 146 -10.94 -40.40 14.36
N LEU A 147 -11.74 -39.51 13.78
CA LEU A 147 -11.40 -38.10 13.74
C LEU A 147 -11.58 -37.45 15.10
N ASN A 148 -10.49 -37.41 15.87
CA ASN A 148 -10.49 -36.82 17.20
C ASN A 148 -10.15 -35.33 17.13
N SER A 149 -9.15 -35.00 16.33
CA SER A 149 -8.71 -33.61 16.15
C SER A 149 -9.68 -32.80 15.30
N LEU A 150 -10.69 -33.48 14.77
CA LEU A 150 -11.72 -32.84 13.93
C LEU A 150 -12.44 -31.76 14.73
N LYS A 151 -12.10 -30.50 14.46
CA LYS A 151 -12.70 -29.38 15.17
C LYS A 151 -13.81 -28.65 14.43
N SER A 152 -13.61 -28.40 13.13
CA SER A 152 -14.61 -27.68 12.36
C SER A 152 -14.80 -28.20 10.93
N ILE A 153 -16.03 -28.06 10.44
CA ILE A 153 -16.39 -28.47 9.09
C ILE A 153 -17.46 -27.48 8.60
N ASP A 154 -17.43 -27.14 7.32
CA ASP A 154 -18.39 -26.18 6.76
C ASP A 154 -19.24 -26.82 5.64
N PHE A 155 -20.39 -27.37 6.03
CA PHE A 155 -21.29 -27.99 5.05
C PHE A 155 -22.21 -26.92 4.48
N SER A 156 -21.79 -26.28 3.40
CA SER A 156 -22.61 -25.25 2.78
C SER A 156 -22.78 -25.48 1.29
N SER A 157 -23.96 -25.11 0.78
CA SER A 157 -24.31 -25.26 -0.62
C SER A 157 -24.21 -26.71 -1.09
N ASN A 158 -24.98 -27.59 -0.47
CA ASN A 158 -24.97 -29.01 -0.84
C ASN A 158 -26.36 -29.40 -1.35
N GLN A 159 -27.23 -29.87 -0.44
CA GLN A 159 -28.59 -30.27 -0.79
C GLN A 159 -29.37 -30.64 0.48
N ILE A 160 -29.04 -31.81 1.04
CA ILE A 160 -29.64 -32.37 2.27
C ILE A 160 -31.04 -31.87 2.66
N PHE A 161 -32.05 -32.71 2.45
CA PHE A 161 -33.42 -32.35 2.80
C PHE A 161 -33.85 -32.77 4.21
N LEU A 162 -33.81 -34.07 4.48
CA LEU A 162 -34.21 -34.57 5.79
C LEU A 162 -32.99 -34.84 6.69
N VAL A 163 -33.16 -34.63 7.98
CA VAL A 163 -32.09 -34.86 8.96
C VAL A 163 -32.59 -35.80 10.05
N CYS A 164 -32.56 -37.09 9.78
CA CYS A 164 -33.01 -38.08 10.75
C CYS A 164 -32.10 -38.15 11.97
N GLU A 165 -32.45 -39.05 12.88
CA GLU A 165 -31.70 -39.25 14.11
C GLU A 165 -30.52 -40.17 13.81
N HIS A 166 -30.79 -41.19 13.00
CA HIS A 166 -29.78 -42.16 12.62
C HIS A 166 -28.59 -41.54 11.89
N GLU A 167 -28.76 -40.31 11.40
CA GLU A 167 -27.68 -39.61 10.70
C GLU A 167 -26.80 -38.83 11.68
N LEU A 168 -26.90 -39.15 12.98
CA LEU A 168 -26.10 -38.46 13.98
C LEU A 168 -25.61 -39.41 15.06
N GLU A 169 -25.40 -40.67 14.67
CA GLU A 169 -24.94 -41.70 15.61
C GLU A 169 -23.47 -41.51 16.03
N PRO A 170 -22.54 -41.29 15.07
CA PRO A 170 -21.13 -41.10 15.45
C PRO A 170 -20.92 -39.96 16.45
N LEU A 171 -21.86 -39.01 16.48
CA LEU A 171 -21.77 -37.87 17.38
C LEU A 171 -21.81 -38.27 18.84
N GLN A 172 -22.80 -39.07 19.20
CA GLN A 172 -22.95 -39.52 20.58
C GLN A 172 -21.83 -40.48 20.99
N GLY A 173 -21.11 -40.98 20.00
CA GLY A 173 -20.02 -41.90 20.26
C GLY A 173 -18.82 -41.26 20.95
N LYS A 174 -18.61 -39.96 20.70
CA LYS A 174 -17.49 -39.24 21.30
C LYS A 174 -17.94 -38.48 22.53
N THR A 175 -17.22 -38.66 23.64
CA THR A 175 -17.56 -37.99 24.90
C THR A 175 -16.97 -36.59 24.99
N LEU A 176 -15.83 -36.39 24.33
CA LEU A 176 -15.15 -35.11 24.33
C LEU A 176 -14.59 -34.75 22.95
N SER A 177 -15.31 -33.91 22.22
CA SER A 177 -14.89 -33.49 20.90
C SER A 177 -15.70 -32.30 20.37
N PHE A 178 -15.02 -31.17 20.17
CA PHE A 178 -15.67 -29.96 19.67
C PHE A 178 -16.10 -30.19 18.22
N PHE A 179 -17.18 -29.56 17.79
CA PHE A 179 -17.67 -29.72 16.42
C PHE A 179 -18.41 -28.47 15.95
N SER A 180 -17.82 -27.74 15.02
CA SER A 180 -18.43 -26.54 14.48
C SER A 180 -19.30 -26.87 13.26
N LEU A 181 -20.40 -27.57 13.52
CA LEU A 181 -21.33 -27.96 12.47
C LEU A 181 -21.90 -26.72 11.79
N ALA A 182 -21.41 -26.44 10.58
CA ALA A 182 -21.86 -25.29 9.81
C ALA A 182 -22.70 -25.74 8.62
N ALA A 183 -23.63 -26.65 8.89
CA ALA A 183 -24.51 -27.19 7.86
C ALA A 183 -25.72 -26.31 7.63
N ASN A 184 -26.60 -26.75 6.73
CA ASN A 184 -27.83 -26.04 6.38
C ASN A 184 -27.60 -24.59 5.95
N SER A 185 -26.43 -24.31 5.40
CA SER A 185 -26.12 -22.97 4.94
C SER A 185 -26.36 -22.88 3.44
N LEU A 186 -27.43 -22.17 3.07
CA LEU A 186 -27.83 -21.96 1.68
C LEU A 186 -28.27 -23.28 1.05
N TYR A 187 -29.18 -23.97 1.72
CA TYR A 187 -29.70 -25.24 1.24
C TYR A 187 -31.15 -25.06 0.78
N SER A 188 -31.85 -26.16 0.55
CA SER A 188 -33.25 -26.16 0.12
C SER A 188 -34.04 -27.20 0.88
N ARG A 189 -33.71 -27.39 2.17
CA ARG A 189 -34.36 -28.36 3.03
C ARG A 189 -35.86 -28.10 3.17
N VAL A 190 -36.58 -29.09 3.67
CA VAL A 190 -38.04 -28.97 3.86
C VAL A 190 -38.46 -29.30 5.29
N SER A 191 -38.15 -30.52 5.75
CA SER A 191 -38.51 -30.94 7.09
C SER A 191 -37.45 -31.83 7.73
N VAL A 192 -37.68 -32.17 9.00
CA VAL A 192 -36.78 -33.01 9.77
C VAL A 192 -37.57 -33.95 10.69
N ASP A 193 -36.88 -34.68 11.55
CA ASP A 193 -37.52 -35.59 12.48
C ASP A 193 -37.46 -35.07 13.92
N TRP A 194 -38.48 -35.39 14.71
CA TRP A 194 -38.57 -34.97 16.10
C TRP A 194 -38.93 -36.15 17.00
N GLY A 195 -39.14 -35.87 18.28
CA GLY A 195 -39.51 -36.91 19.23
C GLY A 195 -38.59 -38.13 19.29
N LYS A 196 -39.13 -39.27 18.91
CA LYS A 196 -38.40 -40.55 18.92
C LYS A 196 -37.92 -40.89 20.33
N CYS A 197 -37.03 -41.86 20.45
CA CYS A 197 -36.48 -42.27 21.74
C CYS A 197 -35.64 -41.12 22.30
N MET A 198 -34.75 -40.59 21.47
CA MET A 198 -33.90 -39.46 21.86
C MET A 198 -33.77 -38.50 20.69
N ASN A 199 -33.91 -37.20 20.97
CA ASN A 199 -33.81 -36.16 19.95
C ASN A 199 -32.49 -36.25 19.19
N PRO A 200 -32.48 -35.90 17.89
CA PRO A 200 -31.25 -35.96 17.10
C PRO A 200 -30.13 -35.12 17.70
N PHE A 201 -30.50 -34.09 18.45
CA PHE A 201 -29.53 -33.22 19.09
C PHE A 201 -29.58 -33.34 20.61
N ARG A 202 -30.02 -34.50 21.08
CA ARG A 202 -30.10 -34.77 22.51
C ARG A 202 -28.75 -35.34 22.97
N ASN A 203 -28.26 -34.84 24.10
CA ASN A 203 -27.01 -35.27 24.69
C ASN A 203 -25.86 -35.10 23.69
N MET A 204 -25.81 -33.93 23.07
CA MET A 204 -24.77 -33.62 22.09
C MET A 204 -24.31 -32.16 22.14
N VAL A 205 -23.10 -31.97 22.65
CA VAL A 205 -22.51 -30.64 22.75
C VAL A 205 -21.71 -30.31 21.49
N LEU A 206 -22.07 -29.19 20.85
CA LEU A 206 -21.39 -28.76 19.65
C LEU A 206 -20.71 -27.41 19.87
N GLU A 207 -19.62 -27.18 19.15
CA GLU A 207 -18.87 -25.94 19.27
C GLU A 207 -19.61 -24.80 18.60
N ILE A 208 -19.86 -24.94 17.30
CA ILE A 208 -20.55 -23.91 16.52
C ILE A 208 -21.65 -24.52 15.66
N LEU A 209 -22.75 -23.79 15.51
CA LEU A 209 -23.87 -24.26 14.69
C LEU A 209 -24.43 -23.11 13.84
N ASP A 210 -24.15 -23.14 12.54
CA ASP A 210 -24.61 -22.11 11.63
C ASP A 210 -25.81 -22.57 10.82
N VAL A 211 -26.75 -21.64 10.59
CA VAL A 211 -27.95 -21.91 9.81
C VAL A 211 -28.23 -20.73 8.87
N SER A 212 -27.19 -20.33 8.16
CA SER A 212 -27.27 -19.22 7.22
C SER A 212 -28.20 -19.56 6.06
N GLY A 213 -29.47 -19.17 6.18
CA GLY A 213 -30.43 -19.46 5.13
C GLY A 213 -30.75 -20.94 5.04
N ASN A 214 -31.88 -21.34 5.63
CA ASN A 214 -32.29 -22.74 5.64
C ASN A 214 -33.49 -23.04 4.76
N GLY A 215 -34.68 -22.67 5.25
CA GLY A 215 -35.90 -22.92 4.52
C GLY A 215 -36.30 -21.86 3.50
N TRP A 216 -37.50 -21.98 2.97
CA TRP A 216 -38.03 -21.06 1.97
C TRP A 216 -39.07 -20.15 2.61
N THR A 217 -39.88 -20.74 3.50
CA THR A 217 -40.93 -20.01 4.21
C THR A 217 -40.83 -20.19 5.71
N VAL A 218 -41.38 -19.25 6.46
CA VAL A 218 -41.36 -19.28 7.91
C VAL A 218 -42.14 -20.45 8.51
N ASP A 219 -43.10 -20.96 7.75
CA ASP A 219 -43.91 -22.08 8.24
C ASP A 219 -43.14 -23.39 8.33
N ILE A 220 -42.27 -23.65 7.35
CA ILE A 220 -41.49 -24.87 7.36
C ILE A 220 -40.21 -24.79 8.18
N THR A 221 -39.87 -23.58 8.61
CA THR A 221 -38.65 -23.37 9.40
C THR A 221 -38.97 -23.42 10.91
N GLY A 222 -40.23 -23.64 11.26
CA GLY A 222 -40.62 -23.71 12.65
C GLY A 222 -40.44 -25.12 13.17
N ASN A 223 -40.70 -26.08 12.31
CA ASN A 223 -40.57 -27.55 12.66
C ASN A 223 -39.13 -27.87 12.98
N PHE A 224 -38.20 -27.14 12.35
CA PHE A 224 -36.77 -27.39 12.56
C PHE A 224 -36.33 -26.96 13.92
N SER A 225 -37.00 -25.94 14.45
CA SER A 225 -36.66 -25.41 15.77
C SER A 225 -37.21 -26.33 16.86
N ASN A 226 -38.06 -27.26 16.45
CA ASN A 226 -38.65 -28.22 17.37
C ASN A 226 -37.77 -29.47 17.45
N ALA A 227 -36.78 -29.56 16.54
CA ALA A 227 -35.89 -30.70 16.51
C ALA A 227 -34.54 -30.40 17.19
N ILE A 228 -34.22 -29.11 17.27
CA ILE A 228 -32.98 -28.68 17.91
C ILE A 228 -33.17 -28.52 19.40
N SER A 229 -34.27 -29.05 19.92
CA SER A 229 -34.59 -28.98 21.33
C SER A 229 -33.62 -29.82 22.16
N LYS A 230 -33.39 -29.39 23.40
CA LYS A 230 -32.48 -30.09 24.32
C LYS A 230 -31.11 -30.31 23.70
N SER A 231 -30.43 -29.21 23.37
CA SER A 231 -29.10 -29.27 22.78
C SER A 231 -28.17 -28.23 23.40
N GLN A 232 -27.01 -28.69 23.86
CA GLN A 232 -26.04 -27.79 24.47
C GLN A 232 -25.02 -27.29 23.45
N ALA A 233 -25.30 -26.13 22.86
CA ALA A 233 -24.40 -25.54 21.86
C ALA A 233 -23.83 -24.21 22.34
N PHE A 234 -22.55 -23.99 22.04
CA PHE A 234 -21.88 -22.75 22.45
C PHE A 234 -22.47 -21.56 21.71
N SER A 235 -22.43 -21.65 20.38
CA SER A 235 -22.95 -20.59 19.51
C SER A 235 -24.09 -21.05 18.61
N LEU A 236 -24.86 -20.08 18.11
CA LEU A 236 -25.98 -20.34 17.22
C LEU A 236 -26.34 -19.07 16.44
N ILE A 237 -25.87 -18.99 15.20
CA ILE A 237 -26.11 -17.82 14.34
C ILE A 237 -27.34 -18.02 13.44
N LEU A 238 -28.30 -17.12 13.57
CA LEU A 238 -29.51 -17.18 12.74
C LEU A 238 -29.38 -16.00 11.76
N ALA A 239 -28.53 -16.17 10.76
CA ALA A 239 -28.28 -15.11 9.78
C ALA A 239 -29.04 -15.26 8.49
N HIS A 240 -28.98 -14.21 7.67
CA HIS A 240 -29.64 -14.16 6.37
C HIS A 240 -31.11 -14.53 6.35
N HIS A 241 -31.91 -13.83 7.13
CA HIS A 241 -33.35 -14.09 7.21
C HIS A 241 -34.09 -13.04 8.03
N ILE A 242 -33.82 -12.99 9.33
CA ILE A 242 -34.47 -12.06 10.24
C ILE A 242 -34.31 -10.61 9.79
N MET A 243 -35.41 -10.00 9.36
CA MET A 243 -35.41 -8.62 8.90
C MET A 243 -35.88 -7.67 10.01
N GLY A 244 -36.44 -8.25 11.07
CA GLY A 244 -36.90 -7.45 12.19
C GLY A 244 -36.86 -8.22 13.50
N ALA A 245 -36.60 -7.49 14.59
CA ALA A 245 -36.52 -8.09 15.92
C ALA A 245 -37.87 -7.96 16.62
N GLY A 246 -37.94 -8.39 17.87
CA GLY A 246 -39.18 -8.32 18.62
C GLY A 246 -39.39 -9.43 19.64
N PHE A 247 -40.60 -9.50 20.18
CA PHE A 247 -40.99 -10.50 21.17
C PHE A 247 -40.67 -11.90 20.66
N GLY A 248 -40.77 -12.03 19.34
CA GLY A 248 -40.49 -13.28 18.68
C GLY A 248 -40.97 -13.15 17.25
N PHE A 249 -40.54 -12.07 16.60
CA PHE A 249 -40.94 -11.78 15.23
C PHE A 249 -39.85 -12.17 14.23
N HIS A 250 -40.28 -12.77 13.13
CA HIS A 250 -39.36 -13.19 12.07
C HIS A 250 -39.87 -12.78 10.70
N ASN A 251 -41.05 -13.30 10.35
CA ASN A 251 -41.67 -12.99 9.05
C ASN A 251 -43.17 -12.73 9.19
N ILE A 252 -43.92 -13.79 9.47
CA ILE A 252 -45.36 -13.67 9.67
C ILE A 252 -45.65 -13.70 11.16
N LYS A 253 -46.50 -12.79 11.62
CA LYS A 253 -46.84 -12.64 13.02
C LYS A 253 -47.53 -13.84 13.67
N ASP A 254 -47.95 -14.82 12.84
CA ASP A 254 -48.63 -15.99 13.39
C ASP A 254 -47.72 -17.19 13.65
N PRO A 255 -46.92 -17.64 12.65
CA PRO A 255 -46.04 -18.79 12.93
C PRO A 255 -44.71 -18.44 13.56
N ASP A 256 -44.50 -17.15 13.86
CA ASP A 256 -43.26 -16.69 14.45
C ASP A 256 -43.18 -16.91 15.97
N GLN A 257 -44.25 -17.45 16.54
CA GLN A 257 -44.31 -17.70 17.97
C GLN A 257 -43.79 -19.10 18.34
N ASN A 258 -43.89 -20.02 17.38
CA ASN A 258 -43.44 -21.40 17.60
C ASN A 258 -41.93 -21.57 17.43
N THR A 259 -41.25 -20.49 17.08
CA THR A 259 -39.79 -20.50 16.89
C THR A 259 -39.06 -20.47 18.22
N PHE A 260 -39.29 -19.41 19.00
CA PHE A 260 -38.64 -19.25 20.30
C PHE A 260 -39.18 -20.26 21.32
N ALA A 261 -40.20 -21.01 20.93
CA ALA A 261 -40.81 -22.00 21.81
C ALA A 261 -39.91 -23.21 22.00
N GLY A 262 -39.05 -23.47 21.01
CA GLY A 262 -38.15 -24.61 21.10
C GLY A 262 -36.77 -24.24 21.63
N LEU A 263 -36.37 -22.99 21.42
CA LEU A 263 -35.09 -22.50 21.90
C LEU A 263 -35.17 -22.02 23.34
N ALA A 264 -36.36 -22.11 23.93
CA ALA A 264 -36.58 -21.68 25.30
C ALA A 264 -36.04 -22.72 26.29
N ARG A 265 -36.21 -23.99 25.94
CA ARG A 265 -35.73 -25.07 26.80
C ARG A 265 -34.21 -25.16 26.74
N SER A 266 -33.65 -25.05 25.54
CA SER A 266 -32.21 -25.11 25.35
C SER A 266 -31.57 -23.83 25.88
N SER A 267 -30.41 -23.98 26.51
CA SER A 267 -29.69 -22.84 27.07
C SER A 267 -28.64 -22.32 26.09
N VAL A 268 -29.03 -21.31 25.31
CA VAL A 268 -28.15 -20.71 24.33
C VAL A 268 -27.16 -19.77 25.02
N ARG A 269 -25.90 -19.84 24.60
CA ARG A 269 -24.85 -19.01 25.18
C ARG A 269 -24.45 -17.89 24.24
N HIS A 270 -24.30 -18.24 22.96
CA HIS A 270 -23.90 -17.28 21.94
C HIS A 270 -24.94 -17.20 20.82
N LEU A 271 -25.33 -15.97 20.50
CA LEU A 271 -26.31 -15.74 19.45
C LEU A 271 -25.86 -14.61 18.53
N ASP A 272 -25.68 -14.92 17.25
CA ASP A 272 -25.23 -13.92 16.28
C ASP A 272 -26.22 -13.78 15.13
N LEU A 273 -26.35 -12.54 14.64
CA LEU A 273 -27.26 -12.25 13.52
C LEU A 273 -26.55 -11.34 12.53
N SER A 274 -25.52 -11.89 11.90
CA SER A 274 -24.73 -11.15 10.92
C SER A 274 -25.33 -11.20 9.53
N HIS A 275 -25.24 -10.11 8.78
CA HIS A 275 -25.79 -10.01 7.42
C HIS A 275 -27.29 -10.30 7.41
N GLY A 276 -27.96 -10.01 8.52
CA GLY A 276 -29.38 -10.28 8.61
C GLY A 276 -30.26 -9.15 8.12
N PHE A 277 -29.67 -7.97 7.95
CA PHE A 277 -30.39 -6.79 7.47
C PHE A 277 -31.56 -6.45 8.40
N VAL A 278 -31.28 -6.43 9.71
CA VAL A 278 -32.29 -6.11 10.70
C VAL A 278 -32.53 -4.60 10.70
N PHE A 279 -33.62 -4.17 10.05
CA PHE A 279 -33.97 -2.76 9.95
C PHE A 279 -34.39 -2.21 11.32
N SER A 280 -35.51 -2.71 11.85
CA SER A 280 -36.04 -2.25 13.14
C SER A 280 -35.84 -3.32 14.20
N LEU A 281 -35.52 -2.87 15.41
CA LEU A 281 -35.31 -3.78 16.53
C LEU A 281 -36.31 -3.45 17.63
N ASN A 282 -37.44 -4.12 17.57
CA ASN A 282 -38.53 -3.90 18.53
C ASN A 282 -38.12 -4.09 19.97
N SER A 283 -39.03 -3.73 20.88
CA SER A 283 -38.79 -3.84 22.31
C SER A 283 -38.80 -5.28 22.80
N ARG A 284 -37.84 -5.59 23.67
CA ARG A 284 -37.69 -6.92 24.26
C ARG A 284 -37.57 -8.02 23.20
N VAL A 285 -36.32 -8.31 22.81
CA VAL A 285 -36.03 -9.33 21.81
C VAL A 285 -35.60 -10.62 22.48
N PHE A 286 -34.41 -10.59 23.09
CA PHE A 286 -33.86 -11.75 23.77
C PHE A 286 -34.31 -11.73 25.23
N GLU A 287 -35.46 -12.34 25.50
CA GLU A 287 -36.03 -12.40 26.84
C GLU A 287 -36.04 -13.82 27.35
N THR A 288 -36.26 -14.76 26.43
CA THR A 288 -36.28 -16.19 26.78
C THR A 288 -34.87 -16.72 27.02
N LEU A 289 -33.89 -16.08 26.38
CA LEU A 289 -32.50 -16.49 26.50
C LEU A 289 -31.72 -15.55 27.41
N LYS A 290 -31.69 -15.88 28.70
CA LYS A 290 -31.01 -15.05 29.68
C LYS A 290 -29.60 -15.60 29.92
N ASP A 291 -29.38 -16.84 29.49
CA ASP A 291 -28.10 -17.50 29.65
C ASP A 291 -27.11 -17.06 28.59
N LEU A 292 -27.55 -16.17 27.71
CA LEU A 292 -26.70 -15.67 26.63
C LEU A 292 -25.49 -14.96 27.24
N LYS A 293 -24.36 -15.64 27.30
CA LYS A 293 -23.14 -15.06 27.86
C LYS A 293 -22.53 -14.04 26.90
N VAL A 294 -22.60 -14.34 25.60
CA VAL A 294 -22.07 -13.44 24.57
C VAL A 294 -22.95 -13.36 23.33
N LEU A 295 -23.08 -12.15 22.78
CA LEU A 295 -23.89 -11.93 21.58
C LEU A 295 -23.04 -11.34 20.45
N ASN A 296 -23.63 -11.19 19.26
CA ASN A 296 -22.91 -10.64 18.12
C ASN A 296 -23.84 -10.13 17.02
N LEU A 297 -23.56 -8.93 16.52
CA LEU A 297 -24.36 -8.32 15.46
C LEU A 297 -23.46 -7.56 14.48
N ALA A 298 -23.02 -8.25 13.43
CA ALA A 298 -22.15 -7.62 12.43
C ALA A 298 -22.88 -7.33 11.13
N TYR A 299 -22.61 -6.16 10.55
CA TYR A 299 -23.21 -5.72 9.29
C TYR A 299 -24.74 -5.70 9.31
N ASN A 300 -25.31 -4.71 9.97
CA ASN A 300 -26.76 -4.58 10.04
C ASN A 300 -27.17 -3.11 9.87
N LYS A 301 -28.46 -2.82 10.01
CA LYS A 301 -28.99 -1.45 9.88
C LYS A 301 -30.08 -1.23 10.93
N ILE A 302 -29.66 -1.13 12.17
CA ILE A 302 -30.56 -0.93 13.27
C ILE A 302 -31.08 0.50 13.21
N ASN A 303 -32.29 0.73 13.71
CA ASN A 303 -32.82 2.08 13.70
C ASN A 303 -33.77 2.24 14.83
N LYS A 304 -34.47 1.18 15.17
CA LYS A 304 -35.45 1.19 16.28
C LYS A 304 -34.76 0.57 17.48
N ILE A 305 -34.45 1.37 18.49
CA ILE A 305 -33.80 0.90 19.72
C ILE A 305 -34.66 1.32 20.96
N ALA A 306 -35.49 0.42 21.47
CA ALA A 306 -36.31 0.69 22.65
C ALA A 306 -35.52 0.65 23.95
N ASP A 307 -36.11 1.15 25.03
CA ASP A 307 -35.45 1.12 26.30
C ASP A 307 -35.61 -0.28 26.93
N GLU A 308 -36.33 -1.16 26.23
CA GLU A 308 -36.54 -2.52 26.75
C GLU A 308 -36.00 -3.55 25.74
N ALA A 309 -35.25 -3.07 24.76
CA ALA A 309 -34.68 -3.91 23.72
C ALA A 309 -33.62 -4.92 24.18
N PHE A 310 -32.60 -4.46 24.89
CA PHE A 310 -31.54 -5.35 25.37
C PHE A 310 -31.92 -6.06 26.67
N TYR A 311 -33.18 -5.92 27.07
CA TYR A 311 -33.70 -6.54 28.29
C TYR A 311 -33.76 -8.06 28.16
N GLY A 312 -33.38 -8.77 29.23
CA GLY A 312 -33.38 -10.22 29.20
C GLY A 312 -31.94 -10.69 29.33
N LEU A 313 -31.03 -9.92 28.74
CA LEU A 313 -29.61 -10.23 28.81
C LEU A 313 -29.15 -9.88 30.23
N ASP A 314 -29.21 -10.85 31.12
CA ASP A 314 -28.83 -10.64 32.52
C ASP A 314 -27.32 -10.73 32.71
N ASN A 315 -26.66 -11.55 31.89
CA ASN A 315 -25.22 -11.73 31.99
C ASN A 315 -24.52 -11.73 30.63
N LEU A 316 -24.30 -10.53 30.08
CA LEU A 316 -23.65 -10.39 28.79
C LEU A 316 -22.19 -9.98 29.02
N GLN A 317 -21.31 -10.40 28.12
CA GLN A 317 -19.88 -10.10 28.22
C GLN A 317 -19.39 -9.46 26.92
N VAL A 318 -19.52 -10.18 25.82
CA VAL A 318 -19.10 -9.70 24.51
C VAL A 318 -20.29 -9.22 23.67
N LEU A 319 -20.06 -8.21 22.84
CA LEU A 319 -21.11 -7.68 21.96
C LEU A 319 -20.50 -6.76 20.88
N ASN A 320 -20.39 -7.29 19.65
CA ASN A 320 -19.84 -6.50 18.57
C ASN A 320 -20.92 -5.90 17.70
N LEU A 321 -21.12 -4.58 17.86
CA LEU A 321 -22.11 -3.87 17.09
C LEU A 321 -21.39 -3.19 15.91
N SER A 322 -20.86 -3.99 15.03
CA SER A 322 -20.11 -3.51 13.87
C SER A 322 -20.95 -3.10 12.68
N TYR A 323 -20.91 -1.83 12.34
CA TYR A 323 -21.64 -1.26 11.21
C TYR A 323 -23.13 -1.57 11.25
N ASN A 324 -23.83 -0.91 12.18
CA ASN A 324 -25.27 -1.12 12.34
C ASN A 324 -25.93 0.03 13.10
N LEU A 325 -25.36 1.22 12.98
CA LEU A 325 -25.88 2.40 13.65
C LEU A 325 -26.59 3.33 12.64
N LEU A 326 -26.39 4.63 12.79
CA LEU A 326 -26.97 5.66 11.91
C LEU A 326 -28.49 5.73 12.05
N GLY A 327 -29.00 6.96 12.05
CA GLY A 327 -30.43 7.18 12.17
C GLY A 327 -30.85 7.56 13.58
N GLU A 328 -30.15 8.54 14.16
CA GLU A 328 -30.44 9.04 15.50
C GLU A 328 -30.31 7.97 16.59
N LEU A 329 -30.24 8.42 17.85
CA LEU A 329 -30.10 7.51 18.98
C LEU A 329 -30.85 8.11 20.18
N TYR A 330 -31.14 7.30 21.18
CA TYR A 330 -31.84 7.78 22.37
C TYR A 330 -30.90 7.80 23.59
N SER A 331 -31.45 7.86 24.80
CA SER A 331 -30.63 7.92 26.00
C SER A 331 -30.61 6.57 26.69
N SER A 332 -29.47 6.21 27.27
CA SER A 332 -29.34 4.96 28.01
C SER A 332 -29.60 3.72 27.15
N ASN A 333 -28.61 3.35 26.34
CA ASN A 333 -28.71 2.19 25.46
C ASN A 333 -28.81 0.90 26.24
N PHE A 334 -27.72 0.53 26.91
CA PHE A 334 -27.67 -0.72 27.68
C PHE A 334 -27.99 -0.43 29.15
N TYR A 335 -29.26 -0.53 29.52
CA TYR A 335 -29.67 -0.27 30.89
C TYR A 335 -29.66 -1.55 31.71
N GLY A 336 -29.66 -2.67 31.01
CA GLY A 336 -29.67 -3.97 31.66
C GLY A 336 -28.44 -4.82 31.40
N LEU A 337 -27.28 -4.19 31.32
CA LEU A 337 -26.03 -4.91 31.07
C LEU A 337 -24.93 -4.49 32.04
N PRO A 338 -25.09 -4.80 33.34
CA PRO A 338 -24.05 -4.42 34.31
C PRO A 338 -22.74 -5.18 34.11
N LYS A 339 -22.87 -6.45 33.73
CA LYS A 339 -21.71 -7.30 33.51
C LYS A 339 -21.07 -7.19 32.12
N VAL A 340 -21.56 -6.26 31.30
CA VAL A 340 -21.00 -6.09 29.95
C VAL A 340 -19.52 -5.69 30.10
N ALA A 341 -18.73 -6.03 29.09
CA ALA A 341 -17.32 -5.72 29.12
C ALA A 341 -16.79 -5.25 27.76
N TYR A 342 -16.83 -6.14 26.76
CA TYR A 342 -16.34 -5.81 25.42
C TYR A 342 -17.47 -5.47 24.42
N ILE A 343 -17.34 -4.30 23.81
CA ILE A 343 -18.28 -3.82 22.82
C ILE A 343 -17.51 -3.26 21.63
N ASP A 344 -17.94 -3.60 20.42
CA ASP A 344 -17.25 -3.15 19.22
C ASP A 344 -18.18 -2.40 18.27
N LEU A 345 -18.17 -1.08 18.33
CA LEU A 345 -19.00 -0.24 17.47
C LEU A 345 -18.11 0.42 16.41
N GLN A 346 -17.51 -0.41 15.59
CA GLN A 346 -16.62 0.05 14.53
C GLN A 346 -17.38 0.36 13.25
N LYS A 347 -16.93 1.38 12.53
CA LYS A 347 -17.50 1.83 11.26
C LYS A 347 -19.00 2.13 11.35
N ASN A 348 -19.33 3.34 11.80
CA ASN A 348 -20.72 3.75 11.92
C ASN A 348 -20.90 5.20 11.46
N HIS A 349 -22.16 5.63 11.39
CA HIS A 349 -22.48 6.99 10.97
C HIS A 349 -23.38 7.71 11.97
N ILE A 350 -22.96 7.69 13.24
CA ILE A 350 -23.70 8.34 14.32
C ILE A 350 -23.40 9.84 14.27
N ALA A 351 -24.44 10.65 14.46
CA ALA A 351 -24.28 12.10 14.42
C ALA A 351 -23.64 12.64 15.71
N ILE A 352 -24.48 12.86 16.73
CA ILE A 352 -23.99 13.36 18.01
C ILE A 352 -24.51 12.51 19.16
N ILE A 353 -23.58 11.97 19.95
CA ILE A 353 -23.93 11.13 21.09
C ILE A 353 -24.37 12.01 22.26
N GLN A 354 -25.50 11.66 22.86
CA GLN A 354 -26.05 12.42 23.98
C GLN A 354 -25.20 12.24 25.24
N ASP A 355 -25.61 12.90 26.32
CA ASP A 355 -24.90 12.83 27.60
C ASP A 355 -25.05 11.43 28.17
N GLN A 356 -26.23 11.12 28.71
CA GLN A 356 -26.49 9.81 29.29
C GLN A 356 -26.65 8.79 28.17
N THR A 357 -25.55 8.12 27.83
CA THR A 357 -25.59 7.14 26.76
C THR A 357 -25.16 5.76 27.29
N PHE A 358 -23.99 5.70 27.91
CA PHE A 358 -23.47 4.46 28.47
C PHE A 358 -23.89 4.31 29.93
N LYS A 359 -25.20 4.42 30.17
CA LYS A 359 -25.78 4.32 31.50
C LYS A 359 -25.91 2.87 31.96
N PHE A 360 -26.05 2.68 33.27
CA PHE A 360 -26.22 1.38 33.90
C PHE A 360 -25.16 0.36 33.48
N LEU A 361 -23.90 0.72 33.67
CA LEU A 361 -22.80 -0.16 33.32
C LEU A 361 -21.73 -0.07 34.40
N GLU A 362 -20.87 -1.08 34.48
CA GLU A 362 -19.82 -1.10 35.51
C GLU A 362 -18.62 -1.98 35.16
N LYS A 363 -18.85 -3.18 34.65
CA LYS A 363 -17.77 -4.11 34.31
C LYS A 363 -17.22 -3.91 32.89
N LEU A 364 -17.45 -2.74 32.31
CA LEU A 364 -16.98 -2.44 30.97
C LEU A 364 -15.48 -2.19 31.05
N GLN A 365 -14.69 -3.09 30.44
CA GLN A 365 -13.24 -2.98 30.49
C GLN A 365 -12.56 -2.72 29.15
N THR A 366 -13.33 -2.72 28.07
CA THR A 366 -12.76 -2.49 26.74
C THR A 366 -13.78 -1.90 25.77
N LEU A 367 -13.61 -0.62 25.47
CA LEU A 367 -14.49 0.12 24.57
C LEU A 367 -13.80 0.45 23.26
N ASP A 368 -14.15 -0.26 22.20
CA ASP A 368 -13.57 -0.04 20.89
C ASP A 368 -14.53 0.77 20.01
N LEU A 369 -14.24 2.05 19.86
CA LEU A 369 -15.07 2.94 19.04
C LEU A 369 -14.29 3.54 17.87
N ARG A 370 -14.02 2.71 16.87
CA ARG A 370 -13.30 3.15 15.69
C ARG A 370 -14.30 3.75 14.70
N ASP A 371 -14.11 5.02 14.37
CA ASP A 371 -15.00 5.73 13.44
C ASP A 371 -16.44 5.65 13.93
N ASN A 372 -16.61 5.60 15.24
CA ASN A 372 -17.92 5.52 15.86
C ASN A 372 -18.72 6.81 15.70
N ALA A 373 -18.48 7.78 16.60
CA ALA A 373 -19.19 9.06 16.56
C ALA A 373 -18.32 10.23 16.99
N LEU A 374 -18.94 11.36 17.26
CA LEU A 374 -18.23 12.57 17.69
C LEU A 374 -17.69 12.39 19.11
N THR A 375 -18.07 11.29 19.75
CA THR A 375 -17.64 10.94 21.10
C THR A 375 -17.84 12.00 22.18
N THR A 376 -18.68 11.66 23.17
CA THR A 376 -18.99 12.54 24.29
C THR A 376 -18.94 11.73 25.59
N ILE A 377 -17.79 11.76 26.26
CA ILE A 377 -17.59 11.01 27.49
C ILE A 377 -18.10 11.75 28.73
N HIS A 378 -18.97 11.07 29.48
CA HIS A 378 -19.55 11.61 30.70
C HIS A 378 -19.77 10.51 31.75
N PHE A 379 -20.53 9.49 31.37
CA PHE A 379 -20.83 8.39 32.27
C PHE A 379 -20.23 7.08 31.71
N ILE A 380 -18.91 7.10 31.47
CA ILE A 380 -18.19 5.94 30.96
C ILE A 380 -17.48 5.23 32.12
N PRO A 381 -17.93 4.01 32.47
CA PRO A 381 -17.32 3.23 33.57
C PRO A 381 -15.81 2.98 33.51
N SER A 382 -15.33 2.13 34.41
CA SER A 382 -13.92 1.79 34.51
C SER A 382 -13.38 0.95 33.35
N ILE A 383 -13.06 1.64 32.22
CA ILE A 383 -12.54 0.98 31.05
C ILE A 383 -11.05 1.28 30.87
N PRO A 384 -10.17 0.28 31.12
CA PRO A 384 -8.73 0.47 30.98
C PRO A 384 -8.28 0.95 29.60
N ASP A 385 -8.81 0.31 28.55
CA ASP A 385 -8.44 0.68 27.18
C ASP A 385 -9.62 1.07 26.30
N ILE A 386 -9.43 2.14 25.54
CA ILE A 386 -10.47 2.66 24.63
C ILE A 386 -9.84 3.18 23.35
N PHE A 387 -10.46 2.87 22.21
CA PHE A 387 -9.97 3.30 20.92
C PHE A 387 -10.92 4.30 20.29
N LEU A 388 -10.44 5.52 20.07
CA LEU A 388 -11.24 6.58 19.47
C LEU A 388 -10.51 7.21 18.28
N SER A 389 -10.74 6.67 17.09
CA SER A 389 -10.12 7.20 15.88
C SER A 389 -11.18 7.57 14.84
N GLY A 390 -10.75 8.25 13.79
CA GLY A 390 -11.65 8.67 12.73
C GLY A 390 -12.82 9.50 13.26
N ASN A 391 -12.52 10.57 13.97
CA ASN A 391 -13.54 11.43 14.55
C ASN A 391 -13.21 12.90 14.34
N LYS A 392 -13.93 13.78 15.03
CA LYS A 392 -13.72 15.22 14.95
C LYS A 392 -13.44 15.82 16.33
N LEU A 393 -13.85 17.07 16.54
CA LEU A 393 -13.64 17.76 17.81
C LEU A 393 -14.29 17.00 18.97
N VAL A 394 -13.52 16.77 20.03
CA VAL A 394 -13.99 16.03 21.19
C VAL A 394 -14.25 16.96 22.37
N THR A 395 -15.32 16.67 23.10
CA THR A 395 -15.74 17.47 24.28
C THR A 395 -15.04 17.00 25.56
N LEU A 396 -15.35 17.67 26.66
CA LEU A 396 -14.76 17.34 27.95
C LEU A 396 -14.78 15.84 28.28
N PRO A 397 -13.65 15.27 28.46
CA PRO A 397 -13.61 13.85 28.80
C PRO A 397 -13.90 13.57 30.27
N LYS A 398 -14.27 12.34 30.59
CA LYS A 398 -14.55 11.95 31.95
C LYS A 398 -14.16 10.48 32.25
N ILE A 399 -12.90 10.26 32.63
CA ILE A 399 -12.39 8.94 32.91
C ILE A 399 -11.69 8.88 34.23
N ASN A 400 -11.30 7.66 34.67
CA ASN A 400 -10.63 7.47 35.95
C ASN A 400 -9.23 6.81 35.84
N LEU A 401 -8.66 6.44 36.92
CA LEU A 401 -7.34 5.84 37.03
C LEU A 401 -7.18 4.57 36.22
N THR A 402 -8.26 3.80 36.18
CA THR A 402 -8.31 2.53 35.48
C THR A 402 -7.83 2.54 34.02
N ALA A 403 -7.99 3.68 33.38
CA ALA A 403 -7.54 3.83 32.02
C ALA A 403 -6.03 3.84 31.92
N ASN A 404 -5.49 2.75 31.37
CA ASN A 404 -4.05 2.60 31.21
C ASN A 404 -3.65 2.57 29.74
N LEU A 405 -4.65 2.55 28.87
CA LEU A 405 -4.44 2.52 27.42
C LEU A 405 -5.49 3.39 26.73
N ILE A 406 -5.10 4.09 25.68
CA ILE A 406 -5.99 4.99 24.97
C ILE A 406 -5.35 5.39 23.64
N HIS A 407 -6.15 5.41 22.57
CA HIS A 407 -5.65 5.77 21.26
C HIS A 407 -6.51 6.84 20.59
N LEU A 408 -5.84 7.71 19.84
CA LEU A 408 -6.50 8.80 19.12
C LEU A 408 -5.75 9.08 17.82
N SER A 409 -6.24 8.53 16.72
CA SER A 409 -5.62 8.73 15.42
C SER A 409 -6.61 9.29 14.41
N GLU A 410 -6.11 10.13 13.51
CA GLU A 410 -6.93 10.74 12.47
C GLU A 410 -8.12 11.49 13.08
N ASN A 411 -7.81 12.54 13.83
CA ASN A 411 -8.84 13.34 14.49
C ASN A 411 -8.59 14.84 14.41
N ARG A 412 -9.32 15.59 15.23
CA ARG A 412 -9.22 17.04 15.29
C ARG A 412 -9.49 17.44 16.74
N LEU A 413 -8.43 17.46 17.55
CA LEU A 413 -8.53 17.79 18.97
C LEU A 413 -8.09 19.21 19.32
N GLU A 414 -8.22 19.55 20.59
CA GLU A 414 -7.84 20.86 21.11
C GLU A 414 -6.93 20.67 22.32
N ASN A 415 -6.78 21.71 23.14
CA ASN A 415 -5.93 21.61 24.32
C ASN A 415 -6.74 21.47 25.63
N LEU A 416 -7.99 21.04 25.48
CA LEU A 416 -8.89 20.84 26.63
C LEU A 416 -9.09 19.37 26.91
N ASP A 417 -9.66 18.66 25.94
CA ASP A 417 -9.92 17.23 26.07
C ASP A 417 -8.72 16.34 26.34
N ILE A 418 -7.51 16.86 26.14
CA ILE A 418 -6.30 16.08 26.37
C ILE A 418 -5.78 16.29 27.80
N LEU A 419 -5.88 17.53 28.29
CA LEU A 419 -5.44 17.86 29.63
C LEU A 419 -6.21 17.08 30.69
N TYR A 420 -7.50 17.34 30.80
CA TYR A 420 -8.35 16.67 31.78
C TYR A 420 -8.35 15.14 31.65
N PHE A 421 -8.18 14.63 30.44
CA PHE A 421 -8.16 13.18 30.21
C PHE A 421 -6.90 12.55 30.80
N LEU A 422 -5.81 13.32 30.82
CA LEU A 422 -4.56 12.83 31.38
C LEU A 422 -4.42 13.07 32.87
N LEU A 423 -5.24 13.97 33.40
CA LEU A 423 -5.18 14.30 34.82
C LEU A 423 -5.46 13.14 35.76
N ARG A 424 -6.04 12.07 35.23
CA ARG A 424 -6.38 10.92 36.06
C ARG A 424 -5.98 9.56 35.48
N VAL A 425 -4.91 9.52 34.70
CA VAL A 425 -4.44 8.26 34.13
C VAL A 425 -2.93 8.08 34.23
N PRO A 426 -2.37 8.07 35.47
CA PRO A 426 -0.92 7.89 35.60
C PRO A 426 -0.49 6.47 35.26
N HIS A 427 -1.49 5.59 35.08
CA HIS A 427 -1.23 4.19 34.74
C HIS A 427 -1.15 4.03 33.23
N LEU A 428 -1.32 5.13 32.51
CA LEU A 428 -1.26 5.12 31.05
C LEU A 428 0.12 4.69 30.57
N GLN A 429 0.17 3.94 29.48
CA GLN A 429 1.43 3.46 28.95
C GLN A 429 1.57 3.86 27.49
N ILE A 430 0.71 3.29 26.64
CA ILE A 430 0.75 3.58 25.21
C ILE A 430 -0.27 4.65 24.84
N LEU A 431 0.15 5.56 23.97
CA LEU A 431 -0.71 6.65 23.51
C LEU A 431 -0.26 7.05 22.11
N ILE A 432 -1.23 7.23 21.21
CA ILE A 432 -0.95 7.59 19.83
C ILE A 432 -1.75 8.82 19.38
N LEU A 433 -1.09 9.71 18.64
CA LEU A 433 -1.73 10.91 18.12
C LEU A 433 -1.15 11.26 16.78
N ASN A 434 -1.47 10.45 15.77
CA ASN A 434 -0.98 10.67 14.42
C ASN A 434 -2.06 11.33 13.56
N GLN A 435 -1.70 12.41 12.91
CA GLN A 435 -2.61 13.17 12.05
C GLN A 435 -3.85 13.66 12.80
N ASN A 436 -3.62 14.39 13.88
CA ASN A 436 -4.71 14.94 14.68
C ASN A 436 -4.91 16.42 14.40
N ARG A 437 -3.91 17.05 13.78
CA ARG A 437 -3.96 18.47 13.44
C ARG A 437 -4.30 19.32 14.67
N PHE A 438 -3.38 19.32 15.63
CA PHE A 438 -3.53 20.07 16.87
C PHE A 438 -3.73 21.55 16.55
N SER A 439 -4.68 22.19 17.23
CA SER A 439 -4.97 23.60 17.00
C SER A 439 -4.08 24.56 17.80
N SER A 440 -4.20 24.51 19.12
CA SER A 440 -3.42 25.36 20.01
C SER A 440 -2.67 24.54 21.05
N CYS A 441 -1.43 24.91 21.32
CA CYS A 441 -0.61 24.20 22.28
C CYS A 441 -0.30 25.07 23.50
N SER A 442 -0.82 24.66 24.65
CA SER A 442 -0.61 25.41 25.88
C SER A 442 0.84 25.27 26.35
N GLY A 443 1.20 26.07 27.34
CA GLY A 443 2.54 26.04 27.88
C GLY A 443 2.83 24.75 28.62
N ASP A 444 1.97 24.41 29.57
CA ASP A 444 2.12 23.19 30.35
C ASP A 444 0.77 22.65 30.81
N GLN A 445 -0.27 22.95 30.06
CA GLN A 445 -1.60 22.48 30.44
C GLN A 445 -2.21 21.54 29.40
N THR A 446 -1.48 20.49 29.05
CA THR A 446 -1.97 19.51 28.09
C THR A 446 -1.43 18.10 28.40
N PRO A 447 -0.12 17.95 28.62
CA PRO A 447 0.36 16.61 28.90
C PRO A 447 0.82 16.51 30.37
N SER A 448 -0.03 16.96 31.27
CA SER A 448 0.27 16.96 32.71
C SER A 448 -0.21 15.70 33.40
N GLU A 449 0.48 15.32 34.47
CA GLU A 449 0.17 14.14 35.27
C GLU A 449 0.11 12.87 34.44
N ASN A 450 1.28 12.25 34.25
CA ASN A 450 1.41 11.01 33.49
C ASN A 450 2.87 10.54 33.57
N PRO A 451 3.32 10.09 34.75
CA PRO A 451 4.70 9.62 34.89
C PRO A 451 5.02 8.35 34.12
N SER A 452 4.10 7.38 34.13
CA SER A 452 4.29 6.12 33.45
C SER A 452 4.07 6.25 31.93
N LEU A 453 4.06 7.48 31.44
CA LEU A 453 3.88 7.72 30.01
C LEU A 453 5.02 7.12 29.21
N GLU A 454 4.75 6.01 28.52
CA GLU A 454 5.76 5.33 27.73
C GLU A 454 5.79 5.81 26.28
N GLN A 455 4.76 5.46 25.52
CA GLN A 455 4.66 5.86 24.12
C GLN A 455 3.83 7.13 23.99
N LEU A 456 4.32 8.06 23.17
CA LEU A 456 3.64 9.32 22.94
C LEU A 456 4.05 9.85 21.57
N PHE A 457 3.15 9.70 20.61
CA PHE A 457 3.41 10.14 19.24
C PHE A 457 2.62 11.39 18.90
N LEU A 458 3.33 12.41 18.41
CA LEU A 458 2.69 13.67 18.04
C LEU A 458 3.03 14.00 16.59
N GLY A 459 2.68 13.10 15.68
CA GLY A 459 2.98 13.31 14.28
C GLY A 459 1.85 14.01 13.55
N GLU A 460 2.21 14.86 12.60
CA GLU A 460 1.24 15.61 11.80
C GLU A 460 0.28 16.42 12.66
N ASN A 461 0.72 17.61 13.07
CA ASN A 461 -0.12 18.51 13.87
C ASN A 461 0.46 19.91 13.87
N MET A 462 -0.32 20.86 14.38
CA MET A 462 0.10 22.25 14.43
C MET A 462 0.09 22.76 15.88
N LEU A 463 0.84 23.83 16.14
CA LEU A 463 0.92 24.39 17.48
C LEU A 463 0.76 25.91 17.39
N GLN A 464 0.58 26.56 18.53
CA GLN A 464 0.43 28.00 18.57
C GLN A 464 1.71 28.63 18.03
N LEU A 465 1.66 29.05 16.76
CA LEU A 465 2.80 29.65 16.07
C LEU A 465 3.90 28.62 15.83
N ALA A 466 4.65 28.30 16.87
CA ALA A 466 5.73 27.33 16.77
C ALA A 466 6.12 26.83 18.15
N TRP A 467 6.96 25.80 18.19
CA TRP A 467 7.43 25.24 19.44
C TRP A 467 8.23 26.28 20.21
N GLU A 468 7.81 26.55 21.45
CA GLU A 468 8.49 27.55 22.27
C GLU A 468 8.16 27.41 23.75
N THR A 469 7.80 26.20 24.17
CA THR A 469 7.46 25.93 25.56
C THR A 469 7.69 24.47 25.90
N GLU A 470 7.92 24.19 27.17
CA GLU A 470 8.13 22.82 27.63
C GLU A 470 6.82 22.21 28.13
N LEU A 471 6.37 21.16 27.47
CA LEU A 471 5.13 20.49 27.83
C LEU A 471 5.42 19.23 28.65
N CYS A 472 6.49 18.54 28.29
CA CYS A 472 6.89 17.31 28.98
C CYS A 472 7.87 17.62 30.11
N TRP A 473 7.34 18.16 31.21
CA TRP A 473 8.17 18.51 32.35
C TRP A 473 7.98 17.53 33.51
N ASP A 474 7.01 16.63 33.36
CA ASP A 474 6.74 15.64 34.40
C ASP A 474 6.86 14.23 33.83
N VAL A 475 7.13 14.14 32.52
CA VAL A 475 7.26 12.85 31.87
C VAL A 475 8.69 12.40 31.81
N PHE A 476 9.03 11.40 32.61
CA PHE A 476 10.39 10.87 32.65
C PHE A 476 10.71 10.02 31.43
N GLU A 477 9.97 8.92 31.26
CA GLU A 477 10.19 8.02 30.13
C GLU A 477 9.28 8.37 28.95
N GLY A 478 9.25 9.65 28.60
CA GLY A 478 8.42 10.08 27.48
C GLY A 478 9.09 9.99 26.12
N LEU A 479 8.66 9.01 25.33
CA LEU A 479 9.20 8.83 23.98
C LEU A 479 8.32 9.60 23.00
N SER A 480 8.73 10.84 22.72
CA SER A 480 7.99 11.70 21.82
C SER A 480 8.24 11.38 20.35
N HIS A 481 7.35 11.89 19.50
CA HIS A 481 7.42 11.69 18.06
C HIS A 481 7.07 13.02 17.38
N LEU A 482 8.09 13.76 16.97
CA LEU A 482 7.89 15.05 16.32
C LEU A 482 8.08 15.00 14.81
N GLN A 483 7.05 14.58 14.09
CA GLN A 483 7.13 14.50 12.64
C GLN A 483 6.33 15.66 12.04
N VAL A 484 7.02 16.48 11.23
CA VAL A 484 6.45 17.64 10.55
C VAL A 484 5.39 18.38 11.38
N LEU A 485 5.86 19.21 12.31
CA LEU A 485 4.96 19.95 13.20
C LEU A 485 4.73 21.37 12.70
N TYR A 486 5.18 21.63 11.48
CA TYR A 486 5.06 22.94 10.86
C TYR A 486 5.64 24.01 11.80
N LEU A 487 6.78 23.69 12.41
CA LEU A 487 7.45 24.62 13.34
C LEU A 487 8.31 25.66 12.63
N ASN A 488 8.03 26.93 12.90
CA ASN A 488 8.78 28.03 12.28
C ASN A 488 10.09 28.21 12.99
N HIS A 489 11.16 28.05 12.23
CA HIS A 489 12.52 28.15 12.79
C HIS A 489 12.84 29.47 13.50
N ASN A 490 12.04 30.50 13.26
CA ASN A 490 12.29 31.80 13.89
C ASN A 490 12.09 31.72 15.41
N TYR A 491 11.15 30.88 15.84
CA TYR A 491 10.88 30.73 17.26
C TYR A 491 11.66 29.54 17.79
N LEU A 492 12.24 28.77 16.86
CA LEU A 492 13.03 27.60 17.21
C LEU A 492 14.48 28.01 17.45
N ASN A 493 14.84 29.21 17.00
CA ASN A 493 16.19 29.72 17.18
C ASN A 493 16.47 29.87 18.68
N SER A 494 15.46 30.32 19.41
CA SER A 494 15.55 30.50 20.84
C SER A 494 14.67 29.44 21.49
N LEU A 495 14.93 28.19 21.10
CA LEU A 495 14.18 27.05 21.62
C LEU A 495 14.46 26.84 23.10
N PRO A 496 13.40 26.77 23.95
CA PRO A 496 13.57 26.55 25.39
C PRO A 496 14.37 25.29 25.74
N PRO A 497 15.56 25.45 26.34
CA PRO A 497 16.37 24.27 26.71
C PRO A 497 15.67 23.37 27.74
N GLY A 498 14.61 23.88 28.34
CA GLY A 498 13.89 23.12 29.34
C GLY A 498 12.85 22.16 28.81
N VAL A 499 12.94 21.83 27.53
CA VAL A 499 12.00 20.89 26.91
C VAL A 499 12.59 19.49 26.94
N PHE A 500 13.85 19.37 26.54
CA PHE A 500 14.55 18.09 26.53
C PHE A 500 15.39 17.95 27.80
N SER A 501 14.98 18.65 28.85
CA SER A 501 15.69 18.63 30.12
C SER A 501 15.19 17.55 31.09
N HIS A 502 13.87 17.40 31.16
CA HIS A 502 13.29 16.40 32.06
C HIS A 502 13.44 15.00 31.50
N LEU A 503 13.31 14.88 30.18
CA LEU A 503 13.43 13.59 29.53
C LEU A 503 14.82 13.00 29.71
N THR A 504 14.90 11.96 30.53
CA THR A 504 16.18 11.30 30.82
C THR A 504 16.23 9.89 30.22
N ALA A 505 15.08 9.22 30.20
CA ALA A 505 14.99 7.86 29.66
C ALA A 505 14.34 7.87 28.28
N LEU A 506 14.93 8.64 27.36
CA LEU A 506 14.43 8.75 25.99
C LEU A 506 15.14 7.74 25.10
N ARG A 507 14.35 6.91 24.42
CA ARG A 507 14.90 5.90 23.54
C ARG A 507 15.37 6.49 22.22
N GLY A 508 14.59 7.45 21.71
CA GLY A 508 14.94 8.08 20.45
C GLY A 508 13.96 9.13 19.98
N LEU A 509 14.47 10.31 19.70
CA LEU A 509 13.63 11.42 19.24
C LEU A 509 13.74 11.49 17.72
N SER A 510 12.58 11.56 17.06
CA SER A 510 12.53 11.63 15.61
C SER A 510 12.04 12.97 15.08
N LEU A 511 13.00 13.81 14.72
CA LEU A 511 12.69 15.13 14.17
C LEU A 511 12.90 15.07 12.66
N ASN A 512 11.91 14.54 11.94
CA ASN A 512 11.97 14.43 10.49
C ASN A 512 10.82 15.17 9.82
N SER A 513 10.97 15.44 8.53
CA SER A 513 9.97 16.15 7.73
C SER A 513 9.66 17.53 8.32
N ASN A 514 10.49 17.98 9.26
CA ASN A 514 10.31 19.27 9.91
C ASN A 514 10.80 20.41 9.02
N ARG A 515 10.99 21.59 9.62
CA ARG A 515 11.43 22.76 8.88
C ARG A 515 12.24 23.74 9.74
N LEU A 516 13.43 23.30 10.14
CA LEU A 516 14.32 24.12 10.95
C LEU A 516 15.52 24.56 10.11
N THR A 517 16.33 25.46 10.66
CA THR A 517 17.51 25.96 9.96
C THR A 517 18.76 25.70 10.77
N VAL A 518 18.65 25.84 12.08
CA VAL A 518 19.77 25.62 12.99
C VAL A 518 19.48 24.41 13.87
N LEU A 519 20.34 23.40 13.79
CA LEU A 519 20.18 22.18 14.58
C LEU A 519 20.88 22.26 15.94
N SER A 520 20.12 22.67 16.95
CA SER A 520 20.64 22.78 18.31
C SER A 520 20.92 21.39 18.87
N HIS A 521 21.81 21.32 19.86
CA HIS A 521 22.16 20.05 20.48
C HIS A 521 22.31 20.12 22.00
N ASN A 522 21.27 19.67 22.69
CA ASN A 522 21.24 19.64 24.16
C ASN A 522 21.39 18.18 24.59
N ASP A 523 22.64 17.76 24.76
CA ASP A 523 22.97 16.39 25.14
C ASP A 523 22.77 16.06 26.61
N LEU A 524 21.82 16.72 27.26
CA LEU A 524 21.55 16.45 28.68
C LEU A 524 21.12 14.99 28.87
N PRO A 525 20.22 14.45 28.01
CA PRO A 525 19.83 13.05 28.21
C PRO A 525 21.01 12.12 27.97
N ALA A 526 21.06 11.00 28.70
CA ALA A 526 22.15 10.05 28.55
C ALA A 526 21.70 8.67 28.07
N ASN A 527 20.39 8.49 27.88
CA ASN A 527 19.86 7.22 27.41
C ASN A 527 19.35 7.27 25.98
N LEU A 528 19.61 8.38 25.29
CA LEU A 528 19.16 8.53 23.91
C LEU A 528 20.00 7.67 22.97
N GLU A 529 19.34 6.72 22.31
CA GLU A 529 20.01 5.82 21.40
C GLU A 529 20.02 6.31 19.96
N ILE A 530 18.89 6.87 19.53
CA ILE A 530 18.78 7.37 18.15
C ILE A 530 18.14 8.76 18.03
N LEU A 531 18.32 9.37 16.85
CA LEU A 531 17.78 10.69 16.58
C LEU A 531 17.62 10.88 15.07
N ASP A 532 16.42 10.59 14.58
CA ASP A 532 16.12 10.69 13.16
C ASP A 532 15.98 12.15 12.73
N ILE A 533 16.79 12.53 11.74
CA ILE A 533 16.78 13.89 11.19
C ILE A 533 16.85 13.81 9.67
N SER A 534 15.70 13.98 9.02
CA SER A 534 15.63 13.91 7.56
C SER A 534 14.59 14.93 7.06
N ARG A 535 14.66 15.24 5.76
CA ARG A 535 13.74 16.19 5.13
C ARG A 535 13.68 17.51 5.90
N ASN A 536 14.84 18.12 6.12
CA ASN A 536 14.92 19.39 6.83
C ASN A 536 15.79 20.40 6.08
N GLN A 537 16.01 21.54 6.71
CA GLN A 537 16.84 22.60 6.15
C GLN A 537 17.88 23.05 7.16
N LEU A 538 18.45 22.08 7.88
CA LEU A 538 19.45 22.37 8.89
C LEU A 538 20.81 22.65 8.26
N LEU A 539 21.67 23.34 8.98
CA LEU A 539 23.00 23.69 8.52
C LEU A 539 23.84 24.29 9.64
N ALA A 540 23.58 23.86 10.87
CA ALA A 540 24.31 24.38 12.02
C ALA A 540 24.91 23.31 12.93
N PRO A 541 26.24 23.38 13.17
CA PRO A 541 26.91 22.40 14.04
C PRO A 541 26.89 22.77 15.53
N ASN A 542 27.22 21.80 16.38
CA ASN A 542 27.28 22.01 17.83
C ASN A 542 28.23 21.02 18.49
N PRO A 543 29.21 21.52 19.29
CA PRO A 543 30.17 20.65 19.98
C PRO A 543 29.55 19.61 20.90
N ASP A 544 28.41 19.96 21.50
CA ASP A 544 27.73 19.06 22.42
C ASP A 544 27.17 17.83 21.70
N VAL A 545 27.69 16.66 22.06
CA VAL A 545 27.24 15.41 21.46
C VAL A 545 26.82 14.47 22.57
N PHE A 546 25.81 13.63 22.31
CA PHE A 546 25.34 12.68 23.32
C PHE A 546 26.41 11.62 23.55
N VAL A 547 26.20 10.76 24.53
CA VAL A 547 27.15 9.70 24.86
C VAL A 547 26.70 8.31 24.37
N SER A 548 25.38 8.07 24.43
CA SER A 548 24.83 6.79 24.00
C SER A 548 24.29 6.85 22.58
N LEU A 549 24.60 7.92 21.86
CA LEU A 549 24.13 8.09 20.50
C LEU A 549 24.90 7.11 19.62
N SER A 550 24.19 6.45 18.71
CA SER A 550 24.82 5.50 17.81
C SER A 550 24.38 5.71 16.36
N VAL A 551 23.07 5.71 16.16
CA VAL A 551 22.51 5.90 14.82
C VAL A 551 21.91 7.28 14.69
N LEU A 552 22.62 8.16 13.99
CA LEU A 552 22.17 9.53 13.78
C LEU A 552 21.76 9.72 12.33
N ASP A 553 20.45 9.69 12.08
CA ASP A 553 19.93 9.84 10.73
C ASP A 553 20.04 11.30 10.32
N ILE A 554 20.78 11.56 9.25
CA ILE A 554 20.96 12.91 8.73
C ILE A 554 21.10 12.86 7.20
N THR A 555 20.02 12.46 6.54
CA THR A 555 20.00 12.35 5.09
C THR A 555 18.92 13.23 4.47
N HIS A 556 19.18 13.68 3.25
CA HIS A 556 18.25 14.51 2.49
C HIS A 556 17.89 15.78 3.24
N ASN A 557 18.79 16.75 3.20
CA ASN A 557 18.59 18.03 3.87
C ASN A 557 19.28 19.11 3.04
N LYS A 558 18.77 20.34 3.15
CA LYS A 558 19.32 21.47 2.43
C LYS A 558 20.69 21.83 3.04
N PHE A 559 21.75 21.16 2.59
CA PHE A 559 23.10 21.38 3.10
C PHE A 559 23.79 22.33 2.11
N ILE A 560 24.42 23.35 2.69
CA ILE A 560 25.13 24.40 1.88
C ILE A 560 26.58 23.97 1.73
N CYS A 561 26.93 23.49 0.50
CA CYS A 561 28.29 22.99 0.38
C CYS A 561 29.24 24.09 -0.27
N GLU A 562 29.68 25.06 0.54
CA GLU A 562 30.56 26.13 0.06
C GLU A 562 31.63 26.39 1.06
N CYS A 563 32.29 27.57 0.99
CA CYS A 563 33.37 27.87 1.88
C CYS A 563 32.97 28.63 3.14
N GLU A 564 31.69 28.96 3.25
CA GLU A 564 31.09 29.66 4.39
C GLU A 564 31.12 28.79 5.65
N LEU A 565 30.37 27.68 5.61
CA LEU A 565 30.30 26.76 6.75
C LEU A 565 31.20 25.57 6.51
N SER A 566 32.38 25.60 7.11
CA SER A 566 33.34 24.50 6.97
C SER A 566 33.44 23.72 8.29
N THR A 567 32.89 24.29 9.35
CA THR A 567 32.91 23.68 10.67
C THR A 567 31.85 22.57 10.80
N PHE A 568 30.74 22.75 10.08
CA PHE A 568 29.64 21.78 10.10
C PHE A 568 30.01 20.54 9.29
N ILE A 569 30.57 20.75 8.11
CA ILE A 569 30.99 19.66 7.24
C ILE A 569 32.19 18.92 7.84
N ASN A 570 32.82 19.58 8.82
CA ASN A 570 33.99 19.01 9.50
C ASN A 570 33.56 18.13 10.67
N TRP A 571 32.42 18.46 11.29
CA TRP A 571 31.92 17.69 12.42
C TRP A 571 31.44 16.31 11.96
N LEU A 572 30.62 16.29 10.92
CA LEU A 572 30.05 15.09 10.37
C LEU A 572 31.10 14.09 9.89
N ASN A 573 32.30 14.58 9.58
CA ASN A 573 33.40 13.72 9.14
C ASN A 573 34.12 13.12 10.34
N HIS A 574 34.22 13.94 11.38
CA HIS A 574 34.90 13.57 12.63
C HIS A 574 34.09 12.55 13.41
N THR A 575 32.77 12.55 13.19
CA THR A 575 31.83 11.64 13.86
C THR A 575 31.93 10.23 13.30
N ASN A 576 32.92 10.00 12.43
CA ASN A 576 33.15 8.69 11.82
C ASN A 576 31.89 8.16 11.13
N VAL A 577 31.97 6.93 10.65
CA VAL A 577 30.82 6.32 9.99
C VAL A 577 29.93 5.67 11.03
N THR A 578 30.51 5.30 12.17
CA THR A 578 29.77 4.68 13.26
C THR A 578 28.67 5.58 13.82
N ILE A 579 28.79 6.89 13.57
CA ILE A 579 27.81 7.85 14.06
C ILE A 579 27.31 8.69 12.88
N ALA A 580 26.59 8.04 11.99
CA ALA A 580 26.05 8.68 10.81
C ALA A 580 24.99 7.81 10.13
N GLY A 581 24.21 8.44 9.26
CA GLY A 581 23.17 7.72 8.52
C GLY A 581 23.65 7.40 7.12
N PRO A 582 22.79 6.83 6.25
CA PRO A 582 23.18 6.48 4.88
C PRO A 582 23.74 7.65 4.07
N PRO A 583 25.06 7.62 3.77
CA PRO A 583 25.68 8.69 2.99
C PRO A 583 25.08 8.80 1.59
N ALA A 584 24.47 7.71 1.13
CA ALA A 584 23.88 7.64 -0.21
C ALA A 584 22.75 8.63 -0.46
N ASP A 585 22.02 8.96 0.60
CA ASP A 585 20.89 9.89 0.52
C ASP A 585 21.24 11.34 0.90
N ILE A 586 22.51 11.73 0.71
CA ILE A 586 22.97 13.08 1.08
C ILE A 586 23.57 13.77 -0.15
N TYR A 587 22.91 14.84 -0.65
CA TYR A 587 23.42 15.54 -1.81
C TYR A 587 23.38 17.04 -1.52
N CYS A 588 24.26 17.85 -2.14
CA CYS A 588 24.28 19.29 -1.97
C CYS A 588 23.13 19.94 -2.76
N VAL A 589 22.47 20.91 -2.16
CA VAL A 589 21.39 21.60 -2.83
C VAL A 589 21.86 22.95 -3.48
N TYR A 590 22.13 23.95 -2.63
CA TYR A 590 22.59 25.24 -3.11
C TYR A 590 23.57 25.31 -4.27
N PRO A 591 24.62 24.46 -4.26
CA PRO A 591 25.59 24.47 -5.37
C PRO A 591 24.95 24.13 -6.71
N ASP A 592 25.03 25.07 -7.65
CA ASP A 592 24.45 24.87 -8.98
C ASP A 592 25.32 23.97 -9.86
N SER A 593 26.62 24.16 -9.78
CA SER A 593 27.56 23.37 -10.58
C SER A 593 27.58 21.92 -10.12
N PHE A 594 27.88 21.72 -8.86
CA PHE A 594 27.95 20.38 -8.28
C PHE A 594 26.65 20.06 -7.54
N SER A 595 25.87 19.15 -8.11
CA SER A 595 24.60 18.74 -7.52
C SER A 595 24.47 17.22 -7.58
N GLY A 596 24.46 16.60 -6.40
CA GLY A 596 24.35 15.15 -6.32
C GLY A 596 25.60 14.51 -5.79
N VAL A 597 26.25 15.17 -4.83
CA VAL A 597 27.49 14.65 -4.24
C VAL A 597 27.34 14.57 -2.72
N SER A 598 27.85 13.48 -2.15
CA SER A 598 27.76 13.28 -0.71
C SER A 598 28.74 14.17 0.03
N LEU A 599 28.38 14.57 1.24
CA LEU A 599 29.21 15.43 2.06
C LEU A 599 30.59 14.82 2.35
N PHE A 600 30.68 13.49 2.23
CA PHE A 600 31.94 12.80 2.46
C PHE A 600 32.73 12.68 1.16
N SER A 601 32.74 13.76 0.37
CA SER A 601 33.45 13.78 -0.93
C SER A 601 33.87 15.22 -1.30
N LEU A 602 33.20 16.21 -0.76
CA LEU A 602 33.47 17.60 -1.02
C LEU A 602 34.87 17.95 -0.51
N SER A 603 35.54 18.84 -1.24
CA SER A 603 36.89 19.31 -0.88
C SER A 603 36.81 20.58 -0.06
N THR A 604 37.48 20.59 1.07
CA THR A 604 37.50 21.77 1.92
C THR A 604 38.61 22.73 1.46
N GLU A 605 38.38 23.42 0.34
CA GLU A 605 39.33 24.38 -0.19
C GLU A 605 38.72 25.76 -0.01
N GLY A 606 39.59 26.75 0.27
CA GLY A 606 39.12 28.11 0.47
C GLY A 606 38.71 28.83 -0.81
N CYS A 607 37.67 29.68 -0.71
CA CYS A 607 37.18 30.45 -1.86
C CYS A 607 38.21 31.40 -2.45
N PHE A 618 42.34 20.63 -15.49
CA PHE A 618 43.13 19.79 -14.54
C PHE A 618 42.18 18.92 -13.72
N SER A 619 40.89 19.02 -14.01
CA SER A 619 39.88 18.25 -13.32
C SER A 619 39.99 16.77 -13.67
N LEU A 620 40.39 16.48 -14.90
CA LEU A 620 40.54 15.10 -15.36
C LEU A 620 41.65 14.38 -14.58
N PHE A 621 42.58 15.17 -14.05
CA PHE A 621 43.70 14.62 -13.26
C PHE A 621 43.19 14.36 -11.85
N ILE A 622 42.38 15.28 -11.34
CA ILE A 622 41.85 15.15 -9.99
C ILE A 622 41.01 13.88 -9.85
N VAL A 623 40.09 13.68 -10.80
CA VAL A 623 39.21 12.52 -10.79
C VAL A 623 39.96 11.24 -11.18
N CYS A 624 41.16 11.35 -11.67
CA CYS A 624 41.94 10.19 -12.07
C CYS A 624 42.88 9.72 -10.96
N THR A 625 43.31 10.67 -10.11
CA THR A 625 44.19 10.36 -9.00
C THR A 625 43.38 9.87 -7.81
N VAL A 626 42.26 10.54 -7.56
CA VAL A 626 41.40 10.16 -6.44
C VAL A 626 40.82 8.75 -6.64
N THR A 627 40.54 8.39 -7.89
CA THR A 627 39.98 7.06 -8.14
C THR A 627 41.10 6.02 -7.97
N LEU A 628 42.35 6.49 -8.01
CA LEU A 628 43.50 5.62 -7.86
C LEU A 628 43.80 5.44 -6.38
N THR A 629 43.57 6.51 -5.62
CA THR A 629 43.81 6.49 -4.18
C THR A 629 42.67 5.67 -3.58
N LEU A 630 41.53 5.69 -4.26
CA LEU A 630 40.36 4.97 -3.81
C LEU A 630 40.67 3.52 -4.13
N PHE A 631 41.22 3.27 -5.31
CA PHE A 631 41.54 1.92 -5.72
C PHE A 631 42.82 1.37 -5.05
N LEU A 632 43.45 2.20 -4.21
CA LEU A 632 44.67 1.87 -3.49
C LEU A 632 44.37 1.35 -2.06
N MET A 633 43.24 1.84 -1.53
CA MET A 633 42.72 1.48 -0.21
C MET A 633 41.52 0.49 -0.19
N THR A 634 40.59 0.59 -1.14
CA THR A 634 39.40 -0.27 -1.16
C THR A 634 39.74 -1.72 -1.46
N ILE A 635 40.99 -1.98 -1.86
CA ILE A 635 41.34 -3.37 -2.17
C ILE A 635 42.55 -3.62 -1.23
N LEU A 636 42.50 -2.97 -0.06
CA LEU A 636 43.53 -3.08 0.94
C LEU A 636 42.95 -2.99 2.35
N THR A 637 41.65 -2.83 2.41
CA THR A 637 41.04 -2.71 3.70
C THR A 637 39.93 -3.71 3.91
N VAL A 638 39.48 -4.27 2.79
CA VAL A 638 38.45 -5.26 2.81
C VAL A 638 39.07 -6.61 3.21
N THR A 639 40.38 -6.67 3.05
CA THR A 639 41.05 -7.88 3.43
C THR A 639 41.40 -7.86 4.89
N LYS A 640 41.78 -6.68 5.35
CA LYS A 640 42.16 -6.48 6.74
C LYS A 640 40.95 -6.44 7.67
N PHE A 641 39.92 -5.70 7.28
CA PHE A 641 38.70 -5.57 8.08
C PHE A 641 37.94 -6.89 8.20
N ARG A 642 37.66 -7.51 7.06
CA ARG A 642 36.96 -8.78 7.01
C ARG A 642 37.94 -9.90 7.26
N ASP A 659 34.47 -14.56 13.03
CA ASP A 659 34.63 -15.86 13.73
C ASP A 659 35.58 -16.76 12.94
N HIS A 660 35.79 -17.98 13.44
CA HIS A 660 36.66 -18.95 12.77
C HIS A 660 35.90 -19.58 11.59
N PRO A 661 36.35 -19.32 10.35
CA PRO A 661 35.69 -19.89 9.17
C PRO A 661 35.60 -21.41 9.16
N GLN A 662 34.37 -21.89 9.12
CA GLN A 662 34.07 -23.32 9.08
C GLN A 662 34.57 -23.96 7.77
N GLY A 663 34.53 -23.21 6.68
CA GLY A 663 34.98 -23.73 5.40
C GLY A 663 36.48 -23.89 5.25
N THR A 664 37.25 -23.27 6.15
CA THR A 664 38.71 -23.38 6.09
C THR A 664 39.21 -24.44 7.08
N GLU A 665 38.31 -24.99 7.89
CA GLU A 665 38.68 -26.02 8.86
C GLU A 665 39.12 -27.29 8.16
N PRO A 666 40.05 -28.08 8.75
CA PRO A 666 40.56 -29.30 8.19
C PRO A 666 39.45 -30.28 7.79
N ASP A 667 38.63 -30.63 8.77
CA ASP A 667 37.54 -31.56 8.55
C ASP A 667 36.24 -30.81 8.30
N MET A 668 35.13 -31.54 8.32
CA MET A 668 33.82 -30.94 8.09
C MET A 668 32.99 -30.80 9.35
N TYR A 669 33.15 -29.67 10.01
CA TYR A 669 32.42 -29.38 11.23
C TYR A 669 31.19 -28.56 10.86
N LYS A 670 30.07 -28.83 11.52
CA LYS A 670 28.83 -28.11 11.24
C LYS A 670 28.58 -26.98 12.23
N TYR A 671 29.06 -27.16 13.46
CA TYR A 671 28.86 -26.15 14.49
C TYR A 671 30.16 -25.54 15.03
N ASP A 672 30.02 -24.42 15.74
CA ASP A 672 31.14 -23.69 16.30
C ASP A 672 31.38 -24.02 17.77
N ALA A 673 30.30 -24.21 18.53
CA ALA A 673 30.36 -24.52 19.95
C ALA A 673 29.09 -25.20 20.46
N TYR A 674 29.25 -26.32 21.14
CA TYR A 674 28.14 -27.06 21.68
C TYR A 674 27.83 -26.53 23.06
N LEU A 675 26.60 -26.06 23.23
CA LEU A 675 26.16 -25.50 24.51
C LEU A 675 25.50 -26.59 25.38
N CYS A 676 26.24 -26.98 26.43
CA CYS A 676 25.77 -27.99 27.38
C CYS A 676 25.28 -27.32 28.65
N PHE A 677 24.00 -27.47 28.96
CA PHE A 677 23.39 -26.86 30.14
C PHE A 677 22.25 -27.69 30.76
N SER A 678 21.66 -27.18 31.83
CA SER A 678 20.58 -27.85 32.54
C SER A 678 19.21 -27.28 32.12
N SER A 679 18.15 -28.03 32.43
CA SER A 679 16.80 -27.60 32.09
C SER A 679 16.24 -26.55 33.02
N LYS A 680 16.66 -26.56 34.28
CA LYS A 680 16.19 -25.56 35.24
C LYS A 680 16.82 -24.18 35.00
N ASP A 681 17.95 -24.18 34.28
CA ASP A 681 18.67 -22.95 33.96
C ASP A 681 18.51 -22.60 32.48
N PHE A 682 17.26 -22.63 32.01
CA PHE A 682 16.95 -22.33 30.62
C PHE A 682 16.67 -20.84 30.43
N THR A 683 16.33 -20.15 31.52
CA THR A 683 16.03 -18.72 31.46
C THR A 683 17.23 -17.87 31.07
N TRP A 684 18.43 -18.38 31.33
CA TRP A 684 19.66 -17.66 31.00
C TRP A 684 20.24 -18.08 29.65
N VAL A 685 20.23 -19.39 29.38
CA VAL A 685 20.75 -19.93 28.13
C VAL A 685 19.88 -19.51 26.94
N GLN A 686 18.63 -19.18 27.20
CA GLN A 686 17.72 -18.78 26.13
C GLN A 686 17.65 -17.27 25.92
N ASN A 687 17.90 -16.49 26.96
CA ASN A 687 17.84 -15.03 26.84
C ASN A 687 19.17 -14.33 26.66
N ALA A 688 20.18 -14.74 27.43
CA ALA A 688 21.48 -14.09 27.35
C ALA A 688 22.50 -14.82 26.48
N LEU A 689 22.86 -16.03 26.89
CA LEU A 689 23.83 -16.85 26.17
C LEU A 689 23.58 -16.95 24.66
N LEU A 690 22.52 -17.64 24.28
CA LEU A 690 22.19 -17.84 22.88
C LEU A 690 22.06 -16.52 22.10
N LYS A 691 21.21 -15.62 22.60
CA LYS A 691 20.99 -14.33 21.94
C LYS A 691 22.26 -13.48 21.77
N HIS A 692 23.21 -13.60 22.69
CA HIS A 692 24.44 -12.82 22.58
C HIS A 692 25.49 -13.48 21.69
N LEU A 693 25.32 -14.76 21.42
CA LEU A 693 26.24 -15.51 20.57
C LEU A 693 25.64 -15.79 19.20
N ASP A 694 24.37 -15.46 19.03
CA ASP A 694 23.69 -15.65 17.76
C ASP A 694 23.49 -14.32 17.05
N THR A 695 23.46 -13.24 17.83
CA THR A 695 23.27 -11.90 17.29
C THR A 695 24.36 -11.50 16.29
N GLN A 696 25.56 -12.01 16.51
CA GLN A 696 26.70 -11.72 15.64
C GLN A 696 26.74 -12.75 14.51
N TYR A 697 26.90 -12.27 13.29
CA TYR A 697 26.95 -13.14 12.12
C TYR A 697 25.73 -14.05 12.05
N SER A 698 24.59 -13.52 12.47
CA SER A 698 23.33 -14.25 12.45
C SER A 698 22.94 -14.58 11.02
N ASP A 699 22.79 -13.53 10.21
CA ASP A 699 22.44 -13.68 8.81
C ASP A 699 23.53 -14.38 8.03
N GLN A 700 24.75 -14.32 8.56
CA GLN A 700 25.89 -14.98 7.92
C GLN A 700 25.91 -16.46 8.33
N ASN A 701 25.21 -16.77 9.42
CA ASN A 701 25.13 -18.14 9.94
C ASN A 701 26.53 -18.74 10.15
N ARG A 702 27.38 -18.00 10.85
CA ARG A 702 28.74 -18.44 11.13
C ARG A 702 28.92 -18.90 12.57
N PHE A 703 28.34 -18.17 13.50
CA PHE A 703 28.44 -18.52 14.92
C PHE A 703 27.25 -19.41 15.30
N ASN A 704 27.33 -20.67 14.90
CA ASN A 704 26.28 -21.64 15.19
C ASN A 704 26.51 -22.35 16.50
N LEU A 705 25.41 -22.68 17.18
CA LEU A 705 25.49 -23.36 18.46
C LEU A 705 24.75 -24.69 18.45
N CYS A 706 25.42 -25.75 18.93
CA CYS A 706 24.82 -27.08 18.96
C CYS A 706 24.09 -27.32 20.28
N PHE A 707 22.89 -27.87 20.18
CA PHE A 707 22.09 -28.17 21.36
C PHE A 707 21.77 -29.66 21.42
N GLU A 708 20.97 -30.04 22.43
CA GLU A 708 20.59 -31.43 22.62
C GLU A 708 19.08 -31.63 22.51
N GLU A 709 18.33 -30.52 22.56
CA GLU A 709 16.88 -30.59 22.45
C GLU A 709 16.38 -29.96 21.16
N ARG A 710 17.12 -28.98 20.65
CA ARG A 710 16.74 -28.29 19.42
C ARG A 710 17.08 -29.12 18.20
N ASP A 711 18.26 -29.73 18.24
CA ASP A 711 18.72 -30.54 17.13
C ASP A 711 19.20 -31.83 17.72
N PHE A 712 18.36 -32.87 17.56
CA PHE A 712 18.65 -34.20 18.04
C PHE A 712 18.16 -35.15 16.97
N VAL A 713 18.38 -36.42 17.31
CA VAL A 713 17.92 -37.59 16.52
C VAL A 713 16.97 -38.42 17.36
N PRO A 714 15.78 -38.74 16.85
CA PRO A 714 14.98 -39.56 17.75
C PRO A 714 15.72 -40.99 17.56
N GLY A 715 16.16 -41.37 16.42
CA GLY A 715 16.82 -42.56 16.09
C GLY A 715 17.95 -42.91 16.97
N GLU A 716 18.46 -41.84 17.60
CA GLU A 716 19.64 -42.14 18.44
C GLU A 716 19.35 -42.33 20.11
N ASN A 717 20.50 -42.53 20.77
CA ASN A 717 20.37 -42.76 22.24
C ASN A 717 20.80 -41.38 22.92
N ARG A 718 20.31 -41.17 24.18
CA ARG A 718 20.53 -39.91 25.02
C ARG A 718 22.02 -39.61 25.09
N ILE A 719 22.76 -40.46 25.78
CA ILE A 719 24.18 -40.25 25.96
C ILE A 719 24.90 -39.97 24.68
N ALA A 720 24.55 -40.72 23.63
CA ALA A 720 25.23 -40.58 22.37
C ALA A 720 24.89 -39.32 21.62
N ASN A 721 23.75 -38.74 21.93
CA ASN A 721 23.29 -37.50 21.30
C ASN A 721 24.31 -36.41 21.55
N ILE A 722 24.89 -36.44 22.73
CA ILE A 722 25.90 -35.46 23.12
C ILE A 722 27.21 -35.81 22.44
N GLN A 723 27.46 -37.12 22.33
CA GLN A 723 28.67 -37.66 21.71
C GLN A 723 28.88 -37.13 20.29
N ASP A 724 27.81 -37.15 19.49
CA ASP A 724 27.89 -36.67 18.12
C ASP A 724 28.07 -35.15 18.12
N ALA A 725 27.42 -34.49 19.07
CA ALA A 725 27.48 -33.03 19.17
C ALA A 725 28.90 -32.56 19.49
N ILE A 726 29.71 -33.46 20.04
CA ILE A 726 31.10 -33.16 20.38
C ILE A 726 31.95 -33.14 19.12
N TRP A 727 31.74 -34.14 18.28
CA TRP A 727 32.49 -34.27 17.03
C TRP A 727 32.16 -33.16 16.04
N ASN A 728 30.88 -32.82 15.93
CA ASN A 728 30.43 -31.78 15.02
C ASN A 728 30.82 -30.38 15.46
N SER A 729 30.68 -30.09 16.75
CA SER A 729 31.04 -28.78 17.29
C SER A 729 32.55 -28.58 17.30
N ARG A 730 32.98 -27.33 17.12
CA ARG A 730 34.40 -26.98 17.13
C ARG A 730 34.89 -26.98 18.56
N LYS A 731 34.09 -26.43 19.46
CA LYS A 731 34.41 -26.39 20.89
C LYS A 731 33.21 -26.87 21.71
N ILE A 732 33.38 -26.96 23.02
CA ILE A 732 32.31 -27.38 23.92
C ILE A 732 32.25 -26.42 25.09
N VAL A 733 31.23 -25.56 25.09
CA VAL A 733 31.06 -24.56 26.15
C VAL A 733 29.89 -24.91 27.06
N CYS A 734 30.21 -25.59 28.16
CA CYS A 734 29.20 -26.01 29.13
C CYS A 734 29.00 -24.90 30.16
N LEU A 735 27.88 -24.95 30.85
CA LEU A 735 27.56 -23.95 31.86
C LEU A 735 27.33 -24.65 33.19
N VAL A 736 28.43 -24.91 33.89
CA VAL A 736 28.36 -25.55 35.18
C VAL A 736 27.57 -24.75 36.19
N SER A 737 26.69 -25.44 36.92
CA SER A 737 25.85 -24.80 37.92
C SER A 737 25.44 -25.78 39.02
N ARG A 738 24.72 -25.28 40.00
CA ARG A 738 24.26 -26.10 41.12
C ARG A 738 23.20 -27.10 40.64
N HIS A 739 22.78 -26.97 39.39
CA HIS A 739 21.79 -27.86 38.82
C HIS A 739 22.42 -28.71 37.71
N PHE A 740 23.42 -28.16 37.02
CA PHE A 740 24.13 -28.85 35.95
C PHE A 740 24.85 -30.09 36.49
N LEU A 741 25.10 -30.12 37.79
CA LEU A 741 25.78 -31.25 38.41
C LEU A 741 24.78 -32.33 38.79
N ARG A 742 23.54 -31.92 39.07
CA ARG A 742 22.49 -32.84 39.46
C ARG A 742 22.11 -33.87 38.41
N ASP A 743 22.04 -33.46 37.14
CA ASP A 743 21.66 -34.38 36.08
C ASP A 743 22.30 -34.07 34.74
N GLY A 744 23.15 -33.05 34.70
CA GLY A 744 23.81 -32.70 33.45
C GLY A 744 25.21 -33.28 33.36
N TRP A 745 25.80 -33.54 34.52
CA TRP A 745 27.15 -34.09 34.59
C TRP A 745 27.12 -35.61 34.79
N CYS A 746 25.95 -36.12 35.14
CA CYS A 746 25.78 -37.55 35.37
C CYS A 746 26.00 -38.36 34.11
N LEU A 747 25.88 -37.70 32.95
CA LEU A 747 26.04 -38.35 31.66
C LEU A 747 27.43 -38.10 31.06
N GLU A 748 28.04 -36.97 31.44
CA GLU A 748 29.34 -36.59 30.92
C GLU A 748 30.48 -37.39 31.57
N ALA A 749 30.54 -37.33 32.90
CA ALA A 749 31.58 -38.03 33.68
C ALA A 749 31.68 -39.50 33.33
N PHE A 750 30.54 -40.13 33.09
CA PHE A 750 30.49 -41.55 32.75
C PHE A 750 31.20 -41.81 31.41
N SER A 751 31.03 -40.87 30.48
CA SER A 751 31.64 -40.99 29.16
C SER A 751 33.17 -40.84 29.20
N TYR A 752 33.65 -39.90 30.01
CA TYR A 752 35.09 -39.67 30.15
C TYR A 752 35.81 -40.90 30.70
N ALA A 753 35.11 -41.70 31.51
CA ALA A 753 35.69 -42.90 32.11
C ALA A 753 36.10 -43.94 31.09
N GLN A 754 35.16 -44.31 30.23
CA GLN A 754 35.44 -45.30 29.17
C GLN A 754 36.31 -44.73 28.06
N GLY A 755 35.76 -43.75 27.36
CA GLY A 755 36.49 -43.13 26.26
C GLY A 755 36.85 -41.69 26.54
N ARG A 756 38.12 -41.36 26.34
CA ARG A 756 38.63 -40.01 26.57
C ARG A 756 38.57 -39.16 25.30
N CYS A 757 38.33 -37.87 25.49
CA CYS A 757 38.25 -36.93 24.39
C CYS A 757 38.75 -35.55 24.82
N LEU A 758 38.32 -35.06 25.96
CA LEU A 758 38.70 -33.74 26.47
C LEU A 758 39.76 -33.87 27.57
N SER A 759 40.92 -33.30 27.28
CA SER A 759 41.98 -33.39 28.24
C SER A 759 41.84 -32.35 29.36
N ASP A 760 42.95 -31.98 29.98
CA ASP A 760 42.93 -30.97 31.03
C ASP A 760 43.17 -29.55 30.62
N LEU A 761 44.38 -29.28 30.15
CA LEU A 761 44.80 -27.98 29.75
C LEU A 761 44.58 -27.65 28.26
N ASN A 762 43.47 -28.13 27.70
CA ASN A 762 43.15 -27.87 26.29
C ASN A 762 42.09 -26.83 26.12
N SER A 763 42.19 -26.07 25.05
CA SER A 763 41.23 -25.01 24.75
C SER A 763 39.98 -25.61 24.13
N ALA A 764 40.00 -26.91 23.89
CA ALA A 764 38.88 -27.62 23.31
C ALA A 764 37.65 -27.54 24.20
N LEU A 765 37.87 -27.58 25.51
CA LEU A 765 36.79 -27.50 26.48
C LEU A 765 36.82 -26.16 27.20
N ILE A 766 35.64 -25.56 27.40
CA ILE A 766 35.53 -24.26 28.07
C ILE A 766 34.48 -24.37 29.17
N MET A 767 34.91 -24.14 30.42
CA MET A 767 34.01 -24.17 31.57
C MET A 767 33.48 -22.76 31.84
N VAL A 768 32.20 -22.68 32.17
CA VAL A 768 31.55 -21.40 32.48
C VAL A 768 30.70 -21.58 33.73
N VAL A 769 31.03 -20.85 34.78
CA VAL A 769 30.29 -20.92 36.04
C VAL A 769 29.25 -19.80 36.11
N VAL A 770 27.98 -20.17 35.91
CA VAL A 770 26.90 -19.19 35.96
C VAL A 770 26.53 -18.93 37.42
N GLY A 771 26.78 -19.92 38.27
CA GLY A 771 26.48 -19.79 39.68
C GLY A 771 27.44 -20.58 40.56
N SER A 772 27.75 -20.04 41.73
CA SER A 772 28.68 -20.68 42.65
C SER A 772 28.17 -22.07 43.05
N LEU A 773 29.01 -23.08 42.85
CA LEU A 773 28.65 -24.44 43.18
C LEU A 773 29.37 -24.87 44.47
N SER A 774 28.59 -25.31 45.45
CA SER A 774 29.15 -25.75 46.74
C SER A 774 30.04 -26.98 46.60
N GLN A 775 30.44 -27.54 47.74
CA GLN A 775 31.29 -28.73 47.73
C GLN A 775 30.53 -29.99 48.09
N TYR A 776 29.43 -29.82 48.84
CA TYR A 776 28.61 -30.96 49.27
C TYR A 776 27.79 -31.51 48.11
N GLN A 777 27.61 -30.68 47.08
CA GLN A 777 26.87 -31.10 45.89
C GLN A 777 27.70 -32.10 45.13
N LEU A 778 29.00 -31.84 45.05
CA LEU A 778 29.93 -32.73 44.34
C LEU A 778 29.93 -34.11 44.98
N MET A 779 29.45 -35.10 44.22
CA MET A 779 29.41 -36.47 44.72
C MET A 779 30.79 -37.12 44.59
N LYS A 780 30.83 -38.39 44.21
CA LYS A 780 32.10 -39.09 44.07
C LYS A 780 32.70 -38.97 42.68
N HIS A 781 32.22 -38.00 41.91
CA HIS A 781 32.73 -37.79 40.55
C HIS A 781 34.16 -37.27 40.61
N GLN A 782 35.04 -37.91 39.86
CA GLN A 782 36.45 -37.54 39.84
C GLN A 782 36.79 -36.60 38.68
N SER A 783 35.90 -36.52 37.70
CA SER A 783 36.13 -35.68 36.53
C SER A 783 35.61 -34.26 36.72
N ILE A 784 34.68 -34.08 37.68
CA ILE A 784 34.11 -32.76 37.93
C ILE A 784 35.10 -31.85 38.65
N ARG A 785 35.88 -32.41 39.56
CA ARG A 785 36.85 -31.64 40.31
C ARG A 785 38.17 -31.53 39.54
N GLY A 786 38.21 -32.12 38.34
CA GLY A 786 39.43 -32.08 37.54
C GLY A 786 39.53 -30.82 36.69
N PHE A 787 38.40 -30.33 36.22
CA PHE A 787 38.34 -29.13 35.39
C PHE A 787 38.26 -27.88 36.26
N VAL A 788 38.15 -28.08 37.57
CA VAL A 788 38.07 -26.96 38.50
C VAL A 788 39.45 -26.74 39.10
N GLN A 789 40.26 -27.80 39.10
CA GLN A 789 41.62 -27.74 39.64
C GLN A 789 42.48 -26.84 38.77
N LYS A 790 42.26 -26.92 37.47
CA LYS A 790 43.01 -26.13 36.50
C LYS A 790 42.63 -24.66 36.63
N GLN A 791 41.40 -24.41 37.09
CA GLN A 791 40.90 -23.06 37.26
C GLN A 791 41.03 -22.21 35.99
N GLN A 792 40.32 -22.61 34.94
CA GLN A 792 40.35 -21.88 33.67
C GLN A 792 38.93 -21.59 33.18
N TYR A 793 38.02 -21.41 34.14
CA TYR A 793 36.62 -21.12 33.84
C TYR A 793 36.36 -19.63 33.69
N LEU A 794 35.17 -19.30 33.19
CA LEU A 794 34.76 -17.91 32.99
C LEU A 794 33.49 -17.67 33.80
N ARG A 795 33.67 -17.22 35.03
CA ARG A 795 32.57 -16.92 35.93
C ARG A 795 31.72 -15.77 35.43
N TRP A 796 30.43 -15.81 35.78
CA TRP A 796 29.49 -14.77 35.39
C TRP A 796 29.60 -13.58 36.35
N PRO A 797 30.09 -12.42 35.86
CA PRO A 797 30.22 -11.24 36.72
C PRO A 797 28.90 -10.87 37.40
N GLU A 798 28.99 -10.40 38.64
CA GLU A 798 27.81 -10.02 39.41
C GLU A 798 27.31 -8.63 39.02
N ASP A 799 28.22 -7.69 38.85
CA ASP A 799 27.84 -6.32 38.50
C ASP A 799 27.40 -6.22 37.05
N PHE A 800 26.81 -5.09 36.66
CA PHE A 800 26.33 -4.91 35.30
C PHE A 800 27.38 -4.19 34.44
N GLN A 801 28.31 -3.51 35.11
CA GLN A 801 29.38 -2.79 34.44
C GLN A 801 30.38 -3.77 33.83
N ASP A 802 30.51 -4.93 34.47
CA ASP A 802 31.44 -5.96 34.01
C ASP A 802 30.87 -6.78 32.87
N VAL A 803 29.58 -6.60 32.58
CA VAL A 803 28.94 -7.33 31.49
C VAL A 803 29.47 -6.82 30.14
N GLY A 804 30.48 -7.52 29.63
CA GLY A 804 31.08 -7.16 28.36
C GLY A 804 32.45 -7.80 28.32
N TRP A 805 33.10 -7.81 29.47
CA TRP A 805 34.43 -8.40 29.61
C TRP A 805 34.24 -9.91 29.50
N PHE A 806 33.05 -10.37 29.86
CA PHE A 806 32.72 -11.78 29.82
C PHE A 806 32.38 -12.20 28.39
N LEU A 807 31.67 -11.34 27.67
CA LEU A 807 31.29 -11.64 26.30
C LEU A 807 32.51 -11.62 25.41
N HIS A 808 33.53 -10.88 25.83
CA HIS A 808 34.77 -10.77 25.07
C HIS A 808 35.48 -12.11 25.04
N LYS A 809 35.79 -12.63 26.23
CA LYS A 809 36.46 -13.91 26.38
C LYS A 809 35.60 -15.07 25.90
N LEU A 810 34.28 -14.92 26.08
CA LEU A 810 33.35 -15.96 25.66
C LEU A 810 33.33 -16.03 24.15
N SER A 811 33.79 -14.97 23.50
CA SER A 811 33.83 -14.92 22.05
C SER A 811 35.27 -15.03 21.57
N GLN A 812 36.18 -15.24 22.52
CA GLN A 812 37.60 -15.36 22.23
C GLN A 812 38.06 -16.81 22.32
N GLN A 813 37.92 -17.41 23.50
CA GLN A 813 38.33 -18.80 23.72
C GLN A 813 37.76 -19.77 22.68
N ILE A 814 36.57 -19.45 22.18
CA ILE A 814 35.91 -20.28 21.18
C ILE A 814 36.54 -20.06 19.80
N LEU A 815 36.90 -18.81 19.52
CA LEU A 815 37.52 -18.48 18.25
C LEU A 815 39.02 -18.77 18.29
N LYS A 816 39.50 -19.16 19.47
CA LYS A 816 40.91 -19.50 19.65
C LYS A 816 41.23 -20.81 18.95
N LYS A 817 42.41 -20.87 18.34
CA LYS A 817 42.86 -22.04 17.63
C LYS A 817 43.13 -23.19 18.63
N GLU A 818 42.53 -24.34 18.40
CA GLU A 818 42.68 -25.50 19.27
C GLU A 818 44.11 -25.92 19.36
N LYS A 819 44.50 -26.44 20.52
CA LYS A 819 45.91 -26.84 20.74
C LYS A 819 46.22 -28.11 19.91
N GLU A 820 47.34 -28.16 19.32
CA GLU A 820 47.72 -29.26 18.43
C GLU A 820 48.04 -30.56 19.24
N LYS A 821 48.23 -31.65 18.52
CA LYS A 821 48.56 -32.93 19.15
C LYS A 821 50.01 -33.16 19.43
N LYS A 822 50.86 -32.61 18.60
CA LYS A 822 52.32 -32.73 18.73
C LYS A 822 52.86 -32.05 20.00
N LYS A 823 54.05 -32.47 20.46
CA LYS A 823 54.63 -31.88 21.65
C LYS A 823 55.74 -30.84 21.40
N SER B 1 16.33 29.84 -9.40
CA SER B 1 15.63 30.33 -10.63
C SER B 1 15.42 29.18 -11.61
N CYS B 2 14.18 29.04 -12.09
CA CYS B 2 13.82 27.98 -13.03
C CYS B 2 14.38 28.26 -14.42
N SER B 3 14.06 29.43 -14.95
CA SER B 3 14.52 29.83 -16.27
C SER B 3 15.25 31.16 -16.21
N PHE B 4 16.34 31.27 -16.96
CA PHE B 4 17.12 32.50 -16.98
C PHE B 4 16.31 33.62 -17.62
N ASP B 5 16.26 34.78 -16.96
CA ASP B 5 15.53 35.95 -17.43
C ASP B 5 14.07 35.63 -17.72
N GLY B 6 13.24 35.73 -16.69
CA GLY B 6 11.81 35.46 -16.86
C GLY B 6 11.18 34.70 -15.72
N ARG B 7 11.59 33.45 -15.55
CA ARG B 7 11.05 32.60 -14.48
C ARG B 7 11.98 32.49 -13.30
N ILE B 8 11.62 33.18 -12.21
CA ILE B 8 12.40 33.17 -10.97
C ILE B 8 11.51 32.73 -9.82
N ALA B 9 11.99 31.77 -9.04
CA ALA B 9 11.20 31.27 -7.91
C ALA B 9 11.94 31.37 -6.58
N PHE B 10 11.28 31.97 -5.59
CA PHE B 10 11.86 32.11 -4.26
C PHE B 10 11.01 31.29 -3.29
N TYR B 11 11.30 30.00 -3.23
CA TYR B 11 10.57 29.07 -2.37
C TYR B 11 11.15 29.03 -0.96
N ARG B 12 10.49 29.72 -0.04
CA ARG B 12 10.92 29.77 1.37
C ARG B 12 12.32 30.31 1.53
N PHE B 13 12.44 31.62 1.66
CA PHE B 13 13.77 32.23 1.82
C PHE B 13 13.76 33.22 3.01
N CYS B 14 12.54 33.50 3.52
CA CYS B 14 12.38 34.40 4.63
C CYS B 14 12.97 35.82 4.39
N ASN B 15 12.16 36.64 3.76
CA ASN B 15 12.61 37.99 3.47
C ASN B 15 11.47 39.00 3.71
N LEU B 16 11.70 39.90 4.66
CA LEU B 16 10.75 40.96 5.00
C LEU B 16 10.26 41.69 3.74
N THR B 17 11.17 42.47 3.17
CA THR B 17 10.88 43.24 1.95
C THR B 17 11.11 42.43 0.68
N GLN B 18 10.35 42.79 -0.36
CA GLN B 18 10.42 42.11 -1.63
C GLN B 18 11.86 42.13 -2.15
N VAL B 19 12.15 41.16 -3.00
CA VAL B 19 13.47 40.98 -3.62
C VAL B 19 13.70 41.98 -4.74
N PRO B 20 14.62 42.94 -4.53
CA PRO B 20 14.89 43.94 -5.57
C PRO B 20 15.87 43.45 -6.62
N GLN B 21 16.60 42.38 -6.31
CA GLN B 21 17.58 41.84 -7.25
C GLN B 21 16.96 41.32 -8.54
N VAL B 22 15.66 41.01 -8.51
CA VAL B 22 14.98 40.51 -9.72
C VAL B 22 15.02 41.55 -10.85
N LEU B 23 14.78 41.09 -12.06
CA LEU B 23 14.79 41.96 -13.20
C LEU B 23 13.36 42.41 -13.61
N ASN B 24 13.28 43.37 -14.47
CA ASN B 24 12.01 43.90 -14.93
C ASN B 24 11.21 42.98 -15.85
N THR B 25 11.96 42.09 -16.55
CA THR B 25 11.34 41.17 -17.49
C THR B 25 10.85 39.88 -16.85
N THR B 26 10.95 39.83 -15.53
CA THR B 26 10.50 38.68 -14.77
C THR B 26 9.01 38.50 -14.97
N GLU B 27 8.63 37.47 -15.67
CA GLU B 27 7.21 37.21 -15.93
C GLU B 27 6.59 36.34 -14.85
N ARG B 28 7.37 35.39 -14.34
CA ARG B 28 6.87 34.49 -13.30
C ARG B 28 7.65 34.61 -11.99
N LEU B 29 7.03 35.24 -11.01
CA LEU B 29 7.63 35.44 -9.68
C LEU B 29 6.89 34.58 -8.67
N LEU B 30 7.61 33.93 -7.78
CA LEU B 30 6.99 33.05 -6.77
C LEU B 30 7.49 33.33 -5.36
N LEU B 31 6.72 34.12 -4.61
CA LEU B 31 7.07 34.47 -3.23
C LEU B 31 6.09 33.79 -2.28
N SER B 32 6.49 32.62 -1.77
CA SER B 32 5.67 31.85 -0.85
C SER B 32 6.52 31.44 0.35
N PHE B 33 5.86 31.01 1.43
CA PHE B 33 6.55 30.58 2.66
C PHE B 33 7.44 31.70 3.22
N ASN B 34 6.94 32.93 3.17
CA ASN B 34 7.68 34.09 3.66
C ASN B 34 6.76 34.95 4.53
N TYR B 35 7.23 36.14 4.87
CA TYR B 35 6.45 37.07 5.68
C TYR B 35 6.66 38.52 5.28
N ILE B 36 5.57 39.28 5.23
CA ILE B 36 5.62 40.68 4.86
C ILE B 36 4.66 41.45 5.76
N ARG B 37 3.53 40.82 6.09
CA ARG B 37 2.51 41.41 6.96
C ARG B 37 1.95 42.74 6.45
N THR B 38 2.59 43.85 6.81
CA THR B 38 2.11 45.16 6.37
C THR B 38 2.43 45.45 4.91
N VAL B 39 1.40 45.42 4.07
CA VAL B 39 1.56 45.68 2.64
C VAL B 39 1.22 47.14 2.33
N THR B 40 2.24 47.99 2.20
CA THR B 40 2.06 49.40 1.91
C THR B 40 2.02 49.66 0.41
N ALA B 41 1.58 50.87 0.05
CA ALA B 41 1.48 51.27 -1.35
C ALA B 41 2.84 51.16 -2.03
N SER B 42 2.82 51.08 -3.37
CA SER B 42 4.04 50.97 -4.17
C SER B 42 4.85 49.75 -3.72
N SER B 43 4.22 48.60 -3.74
CA SER B 43 4.85 47.36 -3.34
C SER B 43 5.86 46.82 -4.36
N PHE B 44 5.41 46.69 -5.61
CA PHE B 44 6.27 46.16 -6.67
C PHE B 44 6.36 47.09 -7.89
N PRO B 45 6.97 48.27 -7.73
CA PRO B 45 7.10 49.17 -8.88
C PRO B 45 8.28 48.74 -9.75
N PHE B 46 8.98 47.70 -9.33
CA PHE B 46 10.14 47.18 -10.05
C PHE B 46 9.69 46.38 -11.27
N LEU B 47 9.01 45.25 -11.01
CA LEU B 47 8.52 44.38 -12.08
C LEU B 47 7.23 44.96 -12.64
N GLU B 48 7.12 44.95 -13.97
CA GLU B 48 5.94 45.47 -14.65
C GLU B 48 5.50 44.55 -15.78
N GLN B 49 6.17 43.40 -15.88
CA GLN B 49 5.86 42.41 -16.93
C GLN B 49 5.50 41.07 -16.30
N LEU B 50 4.84 41.14 -15.15
CA LEU B 50 4.41 39.94 -14.43
C LEU B 50 3.12 39.35 -14.97
N GLN B 51 2.98 38.04 -14.83
CA GLN B 51 1.81 37.30 -15.27
C GLN B 51 1.40 36.34 -14.14
N LEU B 52 2.32 35.48 -13.72
CA LEU B 52 2.07 34.51 -12.65
C LEU B 52 2.70 35.01 -11.34
N LEU B 53 1.92 35.78 -10.58
CA LEU B 53 2.42 36.33 -9.34
C LEU B 53 1.72 35.72 -8.11
N GLU B 54 2.11 34.48 -7.79
CA GLU B 54 1.53 33.77 -6.65
C GLU B 54 1.97 34.38 -5.33
N LEU B 55 1.21 35.36 -4.85
CA LEU B 55 1.50 36.03 -3.59
C LEU B 55 0.36 35.79 -2.60
N GLY B 56 0.71 35.42 -1.37
CA GLY B 56 -0.32 35.16 -0.38
C GLY B 56 -0.12 33.84 0.34
N SER B 57 0.47 32.87 -0.35
CA SER B 57 0.73 31.55 0.23
C SER B 57 1.42 31.68 1.58
N GLN B 58 0.64 31.45 2.63
CA GLN B 58 1.07 31.54 4.03
C GLN B 58 2.03 32.71 4.30
N TYR B 59 1.82 33.80 3.58
CA TYR B 59 2.63 35.01 3.70
C TYR B 59 2.09 35.84 4.87
N THR B 60 1.14 35.26 5.60
CA THR B 60 0.49 35.90 6.76
C THR B 60 0.28 37.42 6.63
N PRO B 61 -0.44 37.86 5.56
CA PRO B 61 -0.67 39.29 5.39
C PRO B 61 -1.75 39.83 6.35
N LEU B 62 -1.32 40.63 7.31
CA LEU B 62 -2.22 41.21 8.29
C LEU B 62 -3.16 42.24 7.64
N THR B 63 -2.59 43.25 7.00
CA THR B 63 -3.37 44.28 6.34
C THR B 63 -2.90 44.55 4.92
N ILE B 64 -3.76 45.19 4.14
CA ILE B 64 -3.45 45.52 2.76
C ILE B 64 -3.92 46.94 2.44
N ASP B 65 -3.00 47.77 1.97
CA ASP B 65 -3.31 49.15 1.64
C ASP B 65 -3.64 49.30 0.16
N LYS B 66 -3.80 50.55 -0.28
CA LYS B 66 -4.12 50.86 -1.67
C LYS B 66 -2.86 51.03 -2.51
N GLU B 67 -3.06 51.06 -3.84
CA GLU B 67 -1.98 51.21 -4.80
C GLU B 67 -0.94 50.09 -4.68
N ALA B 68 -1.35 48.96 -4.14
CA ALA B 68 -0.46 47.82 -3.96
C ALA B 68 -0.03 47.29 -5.33
N PHE B 69 -1.00 46.87 -6.13
CA PHE B 69 -0.73 46.33 -7.45
C PHE B 69 -1.13 47.33 -8.55
N ARG B 70 -0.52 48.51 -8.51
CA ARG B 70 -0.80 49.57 -9.48
C ARG B 70 0.07 49.41 -10.73
N ASN B 71 1.35 49.10 -10.52
CA ASN B 71 2.29 48.91 -11.62
C ASN B 71 2.33 47.48 -12.13
N LEU B 72 1.15 46.87 -12.27
CA LEU B 72 1.06 45.49 -12.77
C LEU B 72 -0.16 45.30 -13.70
N PRO B 73 -0.17 45.98 -14.87
CA PRO B 73 -1.29 45.85 -15.80
C PRO B 73 -1.38 44.45 -16.39
N ASN B 74 -0.24 43.93 -16.85
CA ASN B 74 -0.16 42.61 -17.45
C ASN B 74 -0.29 41.47 -16.43
N LEU B 75 -0.62 41.80 -15.19
CA LEU B 75 -0.78 40.80 -14.15
C LEU B 75 -1.95 39.89 -14.50
N ARG B 76 -1.64 38.64 -14.83
CA ARG B 76 -2.66 37.66 -15.18
C ARG B 76 -3.47 37.19 -13.97
N ILE B 77 -2.84 36.35 -13.15
CA ILE B 77 -3.49 35.82 -11.95
C ILE B 77 -2.74 36.08 -10.66
N LEU B 78 -3.47 36.00 -9.55
CA LEU B 78 -2.92 36.24 -8.22
C LEU B 78 -3.52 35.19 -7.29
N ASP B 79 -2.67 34.47 -6.57
CA ASP B 79 -3.14 33.43 -5.65
C ASP B 79 -2.80 33.70 -4.18
N LEU B 80 -3.75 34.30 -3.47
CA LEU B 80 -3.61 34.59 -2.05
C LEU B 80 -4.03 33.39 -1.20
N GLY B 81 -3.27 32.30 -1.28
CA GLY B 81 -3.62 31.10 -0.54
C GLY B 81 -3.18 31.10 0.92
N SER B 82 -3.99 30.48 1.78
CA SER B 82 -3.72 30.37 3.21
C SER B 82 -3.24 31.69 3.84
N SER B 83 -3.96 32.76 3.52
CA SER B 83 -3.62 34.09 4.04
C SER B 83 -4.53 34.42 5.22
N LYS B 84 -4.19 35.51 5.93
CA LYS B 84 -4.96 35.95 7.09
C LYS B 84 -5.13 37.47 7.13
N ILE B 85 -5.97 38.00 6.25
CA ILE B 85 -6.23 39.43 6.17
C ILE B 85 -7.44 39.81 7.02
N TYR B 86 -7.32 40.93 7.72
CA TYR B 86 -8.40 41.43 8.59
C TYR B 86 -9.09 42.64 7.98
N PHE B 87 -8.28 43.63 7.57
CA PHE B 87 -8.79 44.85 6.97
C PHE B 87 -8.75 44.79 5.45
N LEU B 88 -9.88 45.08 4.83
CA LEU B 88 -9.98 45.07 3.38
C LEU B 88 -10.21 46.50 2.89
N HIS B 89 -9.28 47.03 2.10
CA HIS B 89 -9.40 48.39 1.59
C HIS B 89 -10.11 48.38 0.23
N PRO B 90 -11.09 49.29 0.03
CA PRO B 90 -11.83 49.37 -1.23
C PRO B 90 -10.99 49.47 -2.51
N ASP B 91 -10.02 50.38 -2.52
CA ASP B 91 -9.18 50.57 -3.70
C ASP B 91 -7.83 49.88 -3.55
N ALA B 92 -7.85 48.61 -3.18
CA ALA B 92 -6.60 47.85 -3.02
C ALA B 92 -6.16 47.23 -4.33
N PHE B 93 -7.09 46.57 -5.03
CA PHE B 93 -6.78 45.95 -6.30
C PHE B 93 -7.02 46.90 -7.47
N GLN B 94 -6.39 48.07 -7.42
CA GLN B 94 -6.55 49.04 -8.51
C GLN B 94 -5.35 48.94 -9.46
N GLY B 95 -5.60 49.03 -10.76
CA GLY B 95 -4.52 48.94 -11.72
C GLY B 95 -4.53 47.64 -12.50
N LEU B 96 -5.20 46.63 -11.93
CA LEU B 96 -5.29 45.32 -12.57
C LEU B 96 -6.32 45.36 -13.69
N PHE B 97 -5.84 45.39 -14.94
CA PHE B 97 -6.72 45.44 -16.10
C PHE B 97 -6.78 44.10 -16.80
N HIS B 98 -5.72 43.32 -16.72
CA HIS B 98 -5.66 42.01 -17.36
C HIS B 98 -5.69 40.89 -16.33
N LEU B 99 -6.48 41.09 -15.28
CA LEU B 99 -6.61 40.10 -14.21
C LEU B 99 -7.77 39.15 -14.46
N PHE B 100 -7.45 37.89 -14.76
CA PHE B 100 -8.45 36.88 -15.04
C PHE B 100 -8.87 36.14 -13.75
N GLU B 101 -8.13 35.08 -13.41
CA GLU B 101 -8.43 34.29 -12.21
C GLU B 101 -7.91 34.99 -10.96
N LEU B 102 -8.34 34.49 -9.79
CA LEU B 102 -7.92 35.04 -8.51
C LEU B 102 -8.28 34.05 -7.41
N ARG B 103 -7.26 33.34 -6.93
CA ARG B 103 -7.46 32.34 -5.87
C ARG B 103 -7.41 32.94 -4.47
N LEU B 104 -8.55 32.88 -3.78
CA LEU B 104 -8.64 33.40 -2.41
C LEU B 104 -8.79 32.27 -1.39
N TYR B 105 -8.12 31.15 -1.67
CA TYR B 105 -8.16 29.98 -0.79
C TYR B 105 -7.72 30.32 0.62
N PHE B 106 -8.65 30.20 1.56
CA PHE B 106 -8.41 30.46 2.98
C PHE B 106 -7.73 31.82 3.19
N CYS B 107 -8.44 32.88 2.80
CA CYS B 107 -7.93 34.23 2.95
C CYS B 107 -8.24 34.75 4.36
N GLY B 108 -8.91 33.90 5.15
CA GLY B 108 -9.27 34.28 6.51
C GLY B 108 -10.25 35.43 6.51
N LEU B 109 -11.45 35.17 5.97
CA LEU B 109 -12.49 36.19 5.90
C LEU B 109 -13.24 36.37 7.21
N SER B 110 -12.73 37.26 8.07
CA SER B 110 -13.37 37.55 9.34
C SER B 110 -14.48 38.56 9.07
N ASP B 111 -14.53 39.06 7.84
CA ASP B 111 -15.54 40.00 7.41
C ASP B 111 -16.31 39.24 6.32
N ALA B 112 -17.02 38.22 6.78
CA ALA B 112 -17.81 37.32 5.94
C ALA B 112 -18.49 37.90 4.69
N VAL B 113 -19.48 38.75 4.89
CA VAL B 113 -20.26 39.35 3.80
C VAL B 113 -19.42 39.83 2.62
N LEU B 114 -19.90 39.57 1.41
CA LEU B 114 -19.22 39.92 0.17
C LEU B 114 -19.58 41.28 -0.38
N LYS B 115 -20.50 41.98 0.27
CA LYS B 115 -20.92 43.30 -0.17
C LYS B 115 -19.71 44.24 -0.15
N ASP B 116 -18.90 44.10 0.90
CA ASP B 116 -17.70 44.90 1.08
C ASP B 116 -16.62 44.53 0.05
N GLY B 117 -16.85 43.45 -0.68
CA GLY B 117 -15.89 43.03 -1.70
C GLY B 117 -15.65 44.12 -2.72
N TYR B 118 -14.47 44.12 -3.31
CA TYR B 118 -14.13 45.12 -4.30
C TYR B 118 -13.57 44.51 -5.58
N PHE B 119 -14.45 43.97 -6.42
CA PHE B 119 -14.07 43.34 -7.67
C PHE B 119 -14.88 43.95 -8.82
N ARG B 120 -15.03 45.27 -8.77
CA ARG B 120 -15.80 45.99 -9.78
C ARG B 120 -14.89 46.42 -10.93
N ASN B 121 -13.71 46.93 -10.59
CA ASN B 121 -12.78 47.36 -11.62
C ASN B 121 -12.10 46.20 -12.34
N LEU B 122 -12.55 44.98 -12.07
CA LEU B 122 -11.99 43.79 -12.70
C LEU B 122 -12.96 43.23 -13.74
N LYS B 123 -12.75 43.61 -15.00
CA LYS B 123 -13.61 43.15 -16.08
C LYS B 123 -13.12 41.80 -16.63
N ALA B 124 -11.80 41.62 -16.65
CA ALA B 124 -11.20 40.39 -17.15
C ALA B 124 -11.39 39.25 -16.16
N LEU B 125 -11.92 39.56 -14.99
CA LEU B 125 -12.15 38.57 -13.95
C LEU B 125 -13.04 37.46 -14.48
N THR B 126 -12.42 36.31 -14.77
CA THR B 126 -13.13 35.16 -15.30
C THR B 126 -13.43 34.13 -14.21
N ARG B 127 -12.38 33.51 -13.67
CA ARG B 127 -12.55 32.50 -12.64
C ARG B 127 -12.16 33.02 -11.26
N LEU B 128 -13.13 33.61 -10.58
CA LEU B 128 -12.91 34.15 -9.24
C LEU B 128 -13.20 33.04 -8.24
N ASP B 129 -12.17 32.64 -7.49
CA ASP B 129 -12.30 31.56 -6.52
C ASP B 129 -12.35 32.05 -5.07
N LEU B 130 -13.24 31.43 -4.29
CA LEU B 130 -13.41 31.78 -2.88
C LEU B 130 -13.68 30.51 -2.08
N SER B 131 -12.62 29.78 -1.74
CA SER B 131 -12.74 28.54 -0.97
C SER B 131 -12.23 28.68 0.44
N LYS B 132 -12.69 27.79 1.32
CA LYS B 132 -12.29 27.76 2.72
C LYS B 132 -12.52 29.09 3.44
N ASN B 133 -13.55 29.82 3.03
CA ASN B 133 -13.86 31.12 3.65
C ASN B 133 -14.96 30.97 4.71
N GLN B 134 -15.54 32.10 5.13
CA GLN B 134 -16.59 32.08 6.14
C GLN B 134 -17.81 32.88 5.69
N ILE B 135 -18.09 32.82 4.39
CA ILE B 135 -19.23 33.51 3.80
C ILE B 135 -20.54 32.91 4.32
N ARG B 136 -21.41 33.77 4.85
CA ARG B 136 -22.68 33.34 5.40
C ARG B 136 -23.83 33.57 4.43
N SER B 137 -23.74 34.65 3.67
CA SER B 137 -24.80 35.00 2.72
C SER B 137 -24.39 34.74 1.27
N LEU B 138 -25.26 34.06 0.53
CA LEU B 138 -25.03 33.74 -0.88
C LEU B 138 -25.50 34.91 -1.74
N TYR B 139 -26.08 35.91 -1.08
CA TYR B 139 -26.59 37.11 -1.72
C TYR B 139 -25.55 37.74 -2.64
N LEU B 140 -25.80 37.65 -3.95
CA LEU B 140 -24.91 38.19 -4.96
C LEU B 140 -25.00 39.71 -5.00
N HIS B 141 -23.86 40.38 -4.85
CA HIS B 141 -23.83 41.84 -4.88
C HIS B 141 -24.01 42.34 -6.32
N PRO B 142 -24.58 43.55 -6.50
CA PRO B 142 -24.79 44.11 -7.83
C PRO B 142 -23.53 44.23 -8.68
N SER B 143 -22.36 44.05 -8.06
CA SER B 143 -21.09 44.13 -8.79
C SER B 143 -20.91 43.00 -9.81
N PHE B 144 -21.59 41.88 -9.59
CA PHE B 144 -21.51 40.74 -10.51
C PHE B 144 -22.05 41.13 -11.88
N GLY B 145 -22.93 42.13 -11.89
CA GLY B 145 -23.54 42.61 -13.12
C GLY B 145 -22.52 43.14 -14.10
N LYS B 146 -21.43 43.68 -13.57
CA LYS B 146 -20.36 44.22 -14.40
C LYS B 146 -19.45 43.09 -14.87
N LEU B 147 -19.40 42.02 -14.09
CA LEU B 147 -18.57 40.86 -14.42
C LEU B 147 -19.18 40.06 -15.55
N ASN B 148 -18.84 40.45 -16.78
CA ASN B 148 -19.34 39.78 -17.98
C ASN B 148 -18.47 38.58 -18.31
N SER B 149 -17.16 38.74 -18.13
CA SER B 149 -16.19 37.68 -18.40
C SER B 149 -16.21 36.63 -17.30
N LEU B 150 -16.98 36.89 -16.25
CA LEU B 150 -17.10 35.98 -15.12
C LEU B 150 -17.68 34.65 -15.60
N LYS B 151 -16.80 33.65 -15.71
CA LYS B 151 -17.21 32.33 -16.18
C LYS B 151 -17.48 31.34 -15.07
N SER B 152 -16.57 31.25 -14.10
CA SER B 152 -16.73 30.29 -12.99
C SER B 152 -16.28 30.81 -11.63
N ILE B 153 -16.92 30.29 -10.58
CA ILE B 153 -16.61 30.63 -9.20
C ILE B 153 -16.80 29.37 -8.36
N ASP B 154 -15.97 29.19 -7.34
CA ASP B 154 -16.05 28.02 -6.49
C ASP B 154 -16.31 28.37 -5.02
N PHE B 155 -17.58 28.36 -4.63
CA PHE B 155 -17.96 28.65 -3.25
C PHE B 155 -17.96 27.37 -2.44
N SER B 156 -16.83 27.02 -1.84
CA SER B 156 -16.71 25.82 -1.03
C SER B 156 -16.19 26.11 0.37
N SER B 157 -16.71 25.37 1.35
CA SER B 157 -16.33 25.51 2.74
C SER B 157 -16.53 26.93 3.27
N ASN B 158 -17.77 27.40 3.27
CA ASN B 158 -18.07 28.73 3.78
C ASN B 158 -18.98 28.61 5.00
N GLN B 159 -20.29 28.66 4.79
CA GLN B 159 -21.27 28.53 5.87
C GLN B 159 -22.69 28.39 5.31
N ILE B 160 -23.13 29.46 4.62
CA ILE B 160 -24.45 29.59 3.97
C ILE B 160 -25.52 28.56 4.33
N PHE B 161 -26.56 29.00 5.05
CA PHE B 161 -27.65 28.12 5.46
C PHE B 161 -28.89 28.20 4.58
N LEU B 162 -29.41 29.41 4.39
CA LEU B 162 -30.62 29.59 3.58
C LEU B 162 -30.27 30.25 2.26
N VAL B 163 -30.95 29.81 1.20
CA VAL B 163 -30.74 30.36 -0.12
C VAL B 163 -32.07 30.92 -0.65
N CYS B 164 -32.35 32.19 -0.31
CA CYS B 164 -33.58 32.85 -0.74
C CYS B 164 -33.58 33.18 -2.22
N GLU B 165 -34.69 33.77 -2.67
CA GLU B 165 -34.86 34.16 -4.06
C GLU B 165 -34.14 35.49 -4.30
N HIS B 166 -34.25 36.38 -3.32
CA HIS B 166 -33.62 37.69 -3.38
C HIS B 166 -32.10 37.62 -3.47
N GLU B 167 -31.53 36.44 -3.17
CA GLU B 167 -30.08 36.27 -3.24
C GLU B 167 -29.62 35.83 -4.62
N LEU B 168 -30.55 35.89 -5.58
CA LEU B 168 -30.23 35.50 -6.95
C LEU B 168 -30.89 36.45 -7.95
N GLU B 169 -30.67 37.76 -7.73
CA GLU B 169 -31.22 38.79 -8.60
C GLU B 169 -30.25 39.17 -9.73
N PRO B 170 -28.95 39.39 -9.43
CA PRO B 170 -28.03 39.76 -10.51
C PRO B 170 -27.95 38.73 -11.64
N LEU B 171 -28.37 37.50 -11.35
CA LEU B 171 -28.36 36.44 -12.34
C LEU B 171 -29.34 36.70 -13.49
N GLN B 172 -30.59 36.97 -13.13
CA GLN B 172 -31.62 37.23 -14.13
C GLN B 172 -31.34 38.49 -14.95
N GLY B 173 -30.50 39.36 -14.41
CA GLY B 173 -30.16 40.59 -15.11
C GLY B 173 -29.41 40.33 -16.41
N LYS B 174 -28.52 39.34 -16.42
CA LYS B 174 -27.73 39.00 -17.59
C LYS B 174 -28.43 37.96 -18.45
N THR B 175 -28.64 38.29 -19.73
CA THR B 175 -29.31 37.38 -20.66
C THR B 175 -28.35 36.31 -21.18
N LEU B 176 -27.06 36.65 -21.25
CA LEU B 176 -26.04 35.72 -21.74
C LEU B 176 -24.77 35.76 -20.91
N SER B 177 -24.62 34.77 -20.02
CA SER B 177 -23.45 34.68 -19.15
C SER B 177 -23.35 33.31 -18.49
N PHE B 178 -22.31 32.56 -18.85
CA PHE B 178 -22.10 31.23 -18.27
C PHE B 178 -21.72 31.41 -16.80
N PHE B 179 -22.21 30.52 -15.94
CA PHE B 179 -21.92 30.61 -14.51
C PHE B 179 -21.80 29.22 -13.87
N SER B 180 -20.61 28.87 -13.45
CA SER B 180 -20.36 27.57 -12.82
C SER B 180 -20.47 27.66 -11.29
N LEU B 181 -21.70 27.81 -10.81
CA LEU B 181 -21.97 27.90 -9.38
C LEU B 181 -21.55 26.60 -8.69
N ALA B 182 -20.45 26.65 -7.95
CA ALA B 182 -19.93 25.50 -7.24
C ALA B 182 -20.17 25.66 -5.74
N ALA B 183 -21.33 26.21 -5.40
CA ALA B 183 -21.71 26.44 -4.02
C ALA B 183 -22.18 25.16 -3.33
N ASN B 184 -22.56 25.29 -2.07
CA ASN B 184 -23.05 24.18 -1.26
C ASN B 184 -22.09 22.98 -1.20
N SER B 185 -20.79 23.25 -1.36
CA SER B 185 -19.79 22.20 -1.32
C SER B 185 -19.17 22.15 0.08
N LEU B 186 -19.55 21.12 0.83
CA LEU B 186 -19.07 20.89 2.20
C LEU B 186 -19.54 22.02 3.12
N TYR B 187 -20.86 22.22 3.16
CA TYR B 187 -21.45 23.25 4.00
C TYR B 187 -22.23 22.60 5.15
N SER B 188 -23.11 23.38 5.79
CA SER B 188 -23.92 22.91 6.90
C SER B 188 -25.33 23.50 6.78
N ARG B 189 -25.80 23.63 5.54
CA ARG B 189 -27.13 24.18 5.29
C ARG B 189 -28.23 23.34 5.92
N VAL B 190 -29.44 23.89 5.93
CA VAL B 190 -30.60 23.20 6.50
C VAL B 190 -31.77 23.16 5.52
N SER B 191 -32.14 24.32 4.97
CA SER B 191 -33.24 24.42 4.02
C SER B 191 -33.13 25.65 3.14
N VAL B 192 -34.10 25.79 2.24
CA VAL B 192 -34.17 26.92 1.31
C VAL B 192 -35.62 27.36 1.11
N ASP B 193 -35.83 28.34 0.24
CA ASP B 193 -37.18 28.83 -0.04
C ASP B 193 -37.73 28.19 -1.31
N TRP B 194 -39.05 28.02 -1.35
CA TRP B 194 -39.73 27.42 -2.49
C TRP B 194 -40.89 28.29 -2.93
N GLY B 195 -41.62 27.84 -3.95
CA GLY B 195 -42.77 28.58 -4.44
C GLY B 195 -42.54 30.01 -4.87
N LYS B 196 -43.10 30.94 -4.11
CA LYS B 196 -42.99 32.38 -4.36
C LYS B 196 -43.53 32.72 -5.75
N CYS B 197 -43.27 33.93 -6.23
CA CYS B 197 -43.72 34.34 -7.55
C CYS B 197 -42.97 33.52 -8.58
N MET B 198 -41.66 33.45 -8.41
CA MET B 198 -40.81 32.67 -9.30
C MET B 198 -39.77 31.89 -8.50
N ASN B 199 -39.43 30.69 -8.98
CA ASN B 199 -38.44 29.85 -8.31
C ASN B 199 -37.07 30.55 -8.27
N PRO B 200 -36.23 30.24 -7.25
CA PRO B 200 -34.91 30.86 -7.16
C PRO B 200 -34.04 30.56 -8.37
N PHE B 201 -34.32 29.44 -9.03
CA PHE B 201 -33.55 29.03 -10.20
C PHE B 201 -34.44 29.04 -11.44
N ARG B 202 -35.48 29.88 -11.42
CA ARG B 202 -36.41 29.99 -12.54
C ARG B 202 -35.85 30.97 -13.57
N ASN B 203 -35.88 30.56 -14.83
CA ASN B 203 -35.40 31.38 -15.94
C ASN B 203 -33.93 31.79 -15.73
N MET B 204 -33.09 30.82 -15.42
CA MET B 204 -31.67 31.08 -15.20
C MET B 204 -30.79 29.92 -15.69
N VAL B 205 -30.07 30.15 -16.78
CA VAL B 205 -29.19 29.13 -17.36
C VAL B 205 -27.81 29.18 -16.71
N LEU B 206 -27.39 28.04 -16.17
CA LEU B 206 -26.09 27.93 -15.52
C LEU B 206 -25.23 26.92 -16.27
N GLU B 207 -23.91 27.12 -16.20
CA GLU B 207 -22.97 26.23 -16.87
C GLU B 207 -22.70 24.99 -16.05
N ILE B 208 -22.24 25.18 -14.82
CA ILE B 208 -21.93 24.07 -13.93
C ILE B 208 -22.53 24.29 -12.54
N LEU B 209 -23.01 23.22 -11.93
CA LEU B 209 -23.58 23.31 -10.59
C LEU B 209 -23.14 22.12 -9.74
N ASP B 210 -22.25 22.40 -8.79
CA ASP B 210 -21.71 21.36 -7.90
C ASP B 210 -22.35 21.42 -6.51
N VAL B 211 -22.66 20.24 -5.97
CA VAL B 211 -23.24 20.12 -4.65
C VAL B 211 -22.56 18.98 -3.88
N SER B 212 -21.24 19.10 -3.77
CA SER B 212 -20.42 18.10 -3.08
C SER B 212 -20.65 18.17 -1.57
N GLY B 213 -21.59 17.36 -1.09
CA GLY B 213 -21.89 17.34 0.34
C GLY B 213 -22.65 18.59 0.75
N ASN B 214 -23.97 18.46 0.91
CA ASN B 214 -24.82 19.58 1.28
C ASN B 214 -25.39 19.44 2.69
N GLY B 215 -26.44 18.63 2.82
CA GLY B 215 -27.07 18.45 4.12
C GLY B 215 -26.38 17.46 5.03
N TRP B 216 -27.05 17.12 6.12
CA TRP B 216 -26.54 16.18 7.12
C TRP B 216 -27.35 14.90 7.03
N THR B 217 -28.63 15.06 6.69
CA THR B 217 -29.53 13.91 6.57
C THR B 217 -30.31 13.97 5.25
N VAL B 218 -30.79 12.80 4.82
CA VAL B 218 -31.56 12.70 3.58
C VAL B 218 -32.90 13.44 3.62
N ASP B 219 -33.42 13.62 4.84
CA ASP B 219 -34.69 14.32 4.99
C ASP B 219 -34.60 15.81 4.68
N ILE B 220 -33.59 16.49 5.23
CA ILE B 220 -33.44 17.91 5.01
C ILE B 220 -32.96 18.27 3.61
N THR B 221 -32.34 17.30 2.94
CA THR B 221 -31.82 17.52 1.60
C THR B 221 -32.92 17.43 0.54
N GLY B 222 -34.05 16.81 0.91
CA GLY B 222 -35.13 16.66 -0.04
C GLY B 222 -35.84 17.98 -0.34
N ASN B 223 -35.77 18.89 0.57
CA ASN B 223 -36.39 20.23 0.44
C ASN B 223 -35.64 21.02 -0.61
N PHE B 224 -34.33 20.80 -0.69
CA PHE B 224 -33.46 21.51 -1.62
C PHE B 224 -33.73 21.10 -3.07
N SER B 225 -34.06 19.82 -3.28
CA SER B 225 -34.31 19.30 -4.63
C SER B 225 -35.64 19.79 -5.16
N ASN B 226 -36.47 20.35 -4.29
CA ASN B 226 -37.78 20.87 -4.67
C ASN B 226 -37.67 22.36 -5.01
N ALA B 227 -36.55 22.98 -4.66
CA ALA B 227 -36.35 24.39 -4.94
C ALA B 227 -35.54 24.58 -6.21
N ILE B 228 -34.77 23.55 -6.57
CA ILE B 228 -33.96 23.60 -7.79
C ILE B 228 -34.78 23.25 -9.01
N SER B 229 -36.09 23.12 -8.82
CA SER B 229 -37.00 22.77 -9.91
C SER B 229 -36.99 23.85 -11.00
N LYS B 230 -37.24 23.43 -12.24
CA LYS B 230 -37.26 24.33 -13.39
C LYS B 230 -35.98 25.15 -13.50
N SER B 231 -34.90 24.48 -13.85
CA SER B 231 -33.60 25.13 -13.98
C SER B 231 -32.82 24.54 -15.16
N GLN B 232 -32.45 25.41 -16.10
CA GLN B 232 -31.70 24.98 -17.28
C GLN B 232 -30.20 24.91 -16.97
N ALA B 233 -29.75 23.76 -16.45
CA ALA B 233 -28.34 23.58 -16.11
C ALA B 233 -27.68 22.57 -17.04
N PHE B 234 -26.50 22.91 -17.52
CA PHE B 234 -25.75 22.05 -18.42
C PHE B 234 -25.28 20.81 -17.67
N SER B 235 -24.69 21.03 -16.50
CA SER B 235 -24.18 19.94 -15.67
C SER B 235 -24.73 19.98 -14.24
N LEU B 236 -24.63 18.85 -13.55
CA LEU B 236 -25.11 18.75 -12.17
C LEU B 236 -24.51 17.51 -11.50
N ILE B 237 -23.50 17.73 -10.67
CA ILE B 237 -22.81 16.63 -9.98
C ILE B 237 -23.32 16.41 -8.56
N LEU B 238 -23.69 15.18 -8.26
CA LEU B 238 -24.16 14.83 -6.93
C LEU B 238 -23.09 13.89 -6.34
N ALA B 239 -22.04 14.49 -5.80
CA ALA B 239 -20.94 13.73 -5.25
C ALA B 239 -20.92 13.63 -3.73
N HIS B 240 -20.03 12.77 -3.24
CA HIS B 240 -19.85 12.55 -1.80
C HIS B 240 -21.12 12.33 -0.99
N HIS B 241 -21.89 11.32 -1.38
CA HIS B 241 -23.13 11.01 -0.67
C HIS B 241 -23.77 9.70 -1.11
N ILE B 242 -24.17 9.63 -2.37
CA ILE B 242 -24.83 8.45 -2.94
C ILE B 242 -23.95 7.21 -2.80
N MET B 243 -24.27 6.34 -1.83
CA MET B 243 -23.51 5.10 -1.60
C MET B 243 -24.18 3.92 -2.30
N GLY B 244 -25.22 4.21 -3.06
CA GLY B 244 -25.95 3.18 -3.77
C GLY B 244 -26.91 3.75 -4.78
N ALA B 245 -27.10 3.06 -5.91
CA ALA B 245 -27.99 3.50 -6.97
C ALA B 245 -29.32 2.77 -6.89
N GLY B 246 -30.18 3.02 -7.87
CA GLY B 246 -31.48 2.39 -7.91
C GLY B 246 -32.56 3.23 -8.56
N PHE B 247 -33.81 2.82 -8.35
CA PHE B 247 -34.96 3.51 -8.92
C PHE B 247 -34.99 4.98 -8.48
N GLY B 248 -34.27 5.25 -7.40
CA GLY B 248 -34.17 6.59 -6.86
C GLY B 248 -33.70 6.48 -5.42
N PHE B 249 -32.87 5.48 -5.17
CA PHE B 249 -32.34 5.22 -3.83
C PHE B 249 -31.13 6.08 -3.49
N HIS B 250 -31.04 6.49 -2.23
CA HIS B 250 -29.95 7.33 -1.75
C HIS B 250 -29.46 6.89 -0.38
N ASN B 251 -30.34 6.99 0.63
CA ASN B 251 -29.99 6.60 1.99
C ASN B 251 -31.09 5.76 2.64
N ILE B 252 -32.23 6.39 2.91
CA ILE B 252 -33.38 5.72 3.51
C ILE B 252 -34.41 5.52 2.40
N LYS B 253 -34.99 4.31 2.34
CA LYS B 253 -35.97 3.97 1.31
C LYS B 253 -37.24 4.80 1.25
N ASP B 254 -37.57 5.47 2.36
CA ASP B 254 -38.79 6.27 2.41
C ASP B 254 -38.69 7.70 1.85
N PRO B 255 -37.66 8.47 2.26
CA PRO B 255 -37.57 9.84 1.72
C PRO B 255 -36.76 10.03 0.44
N ASP B 256 -36.44 8.94 -0.26
CA ASP B 256 -35.64 9.07 -1.49
C ASP B 256 -36.47 9.10 -2.77
N GLN B 257 -37.80 9.14 -2.62
CA GLN B 257 -38.70 9.18 -3.77
C GLN B 257 -39.04 10.64 -4.11
N ASN B 258 -38.76 11.53 -3.17
CA ASN B 258 -39.03 12.96 -3.37
C ASN B 258 -37.82 13.69 -3.95
N THR B 259 -36.72 12.96 -4.17
CA THR B 259 -35.52 13.56 -4.74
C THR B 259 -35.68 13.71 -6.25
N PHE B 260 -35.84 12.59 -6.95
CA PHE B 260 -36.01 12.60 -8.40
C PHE B 260 -37.31 13.27 -8.83
N ALA B 261 -38.17 13.53 -7.86
CA ALA B 261 -39.46 14.18 -8.13
C ALA B 261 -39.28 15.60 -8.67
N GLY B 262 -38.26 16.28 -8.18
CA GLY B 262 -37.99 17.65 -8.61
C GLY B 262 -37.08 17.74 -9.82
N LEU B 263 -36.17 16.80 -9.95
CA LEU B 263 -35.22 16.75 -11.07
C LEU B 263 -35.86 16.14 -12.31
N ALA B 264 -37.12 15.70 -12.17
CA ALA B 264 -37.86 15.10 -13.28
C ALA B 264 -38.29 16.16 -14.27
N ARG B 265 -38.77 17.29 -13.75
CA ARG B 265 -39.22 18.39 -14.59
C ARG B 265 -38.04 19.03 -15.30
N SER B 266 -37.00 19.33 -14.52
CA SER B 266 -35.80 19.93 -15.07
C SER B 266 -35.06 18.95 -15.97
N SER B 267 -34.78 19.36 -17.21
CA SER B 267 -34.07 18.51 -18.17
C SER B 267 -32.57 18.55 -17.91
N VAL B 268 -32.08 17.52 -17.23
CA VAL B 268 -30.66 17.42 -16.90
C VAL B 268 -29.89 16.87 -18.11
N ARG B 269 -28.81 17.54 -18.45
CA ARG B 269 -27.98 17.15 -19.60
C ARG B 269 -26.73 16.39 -19.16
N HIS B 270 -26.11 16.86 -18.09
CA HIS B 270 -24.90 16.22 -17.58
C HIS B 270 -25.09 15.86 -16.12
N LEU B 271 -24.81 14.60 -15.81
CA LEU B 271 -24.93 14.11 -14.44
C LEU B 271 -23.66 13.35 -14.05
N ASP B 272 -22.92 13.87 -13.08
CA ASP B 272 -21.68 13.23 -12.63
C ASP B 272 -21.74 12.76 -11.19
N LEU B 273 -21.06 11.65 -10.90
CA LEU B 273 -21.04 11.08 -9.57
C LEU B 273 -19.60 10.66 -9.19
N SER B 274 -18.72 11.66 -9.13
CA SER B 274 -17.32 11.42 -8.79
C SER B 274 -17.14 11.33 -7.27
N HIS B 275 -16.27 10.42 -6.84
CA HIS B 275 -15.99 10.21 -5.42
C HIS B 275 -17.28 9.95 -4.63
N GLY B 276 -18.17 9.18 -5.22
CA GLY B 276 -19.44 8.87 -4.57
C GLY B 276 -19.42 7.57 -3.82
N PHE B 277 -18.38 6.76 -4.04
CA PHE B 277 -18.24 5.47 -3.36
C PHE B 277 -19.43 4.56 -3.61
N VAL B 278 -19.97 4.60 -4.83
CA VAL B 278 -21.11 3.77 -5.19
C VAL B 278 -20.68 2.31 -5.23
N PHE B 279 -21.23 1.53 -4.30
CA PHE B 279 -20.91 0.10 -4.20
C PHE B 279 -21.79 -0.71 -5.16
N SER B 280 -23.06 -0.89 -4.79
CA SER B 280 -23.98 -1.67 -5.62
C SER B 280 -24.68 -0.77 -6.62
N LEU B 281 -24.92 -1.28 -7.82
CA LEU B 281 -25.61 -0.54 -8.87
C LEU B 281 -26.88 -1.29 -9.25
N ASN B 282 -27.98 -0.92 -8.61
CA ASN B 282 -29.28 -1.55 -8.86
C ASN B 282 -29.75 -1.37 -10.31
N SER B 283 -30.92 -1.93 -10.62
CA SER B 283 -31.48 -1.86 -11.95
C SER B 283 -32.26 -0.57 -12.21
N ARG B 284 -32.02 0.02 -13.37
CA ARG B 284 -32.68 1.25 -13.80
C ARG B 284 -32.48 2.39 -12.79
N VAL B 285 -31.44 3.18 -13.02
CA VAL B 285 -31.10 4.30 -12.15
C VAL B 285 -31.59 5.61 -12.76
N PHE B 286 -31.04 5.94 -13.91
CA PHE B 286 -31.39 7.16 -14.63
C PHE B 286 -32.48 6.85 -15.65
N GLU B 287 -33.74 6.90 -15.20
CA GLU B 287 -34.87 6.63 -16.06
C GLU B 287 -35.66 7.90 -16.35
N THR B 288 -35.80 8.74 -15.33
CA THR B 288 -36.53 9.99 -15.48
C THR B 288 -35.74 10.99 -16.32
N LEU B 289 -34.41 10.81 -16.33
CA LEU B 289 -33.52 11.69 -17.07
C LEU B 289 -33.07 11.05 -18.38
N LYS B 290 -33.80 11.32 -19.45
CA LYS B 290 -33.50 10.77 -20.77
C LYS B 290 -32.78 11.80 -21.63
N ASP B 291 -32.76 13.04 -21.14
CA ASP B 291 -32.10 14.12 -21.86
C ASP B 291 -30.63 14.21 -21.52
N LEU B 292 -30.15 13.26 -20.71
CA LEU B 292 -28.75 13.23 -20.32
C LEU B 292 -27.88 12.97 -21.55
N LYS B 293 -27.40 14.05 -22.16
CA LYS B 293 -26.56 13.92 -23.35
C LYS B 293 -25.21 13.31 -22.99
N VAL B 294 -24.71 13.61 -21.80
CA VAL B 294 -23.42 13.09 -21.34
C VAL B 294 -23.43 12.68 -19.86
N LEU B 295 -22.68 11.62 -19.56
CA LEU B 295 -22.58 11.10 -18.19
C LEU B 295 -21.12 11.00 -17.75
N ASN B 296 -20.90 10.77 -16.45
CA ASN B 296 -19.55 10.66 -15.92
C ASN B 296 -19.55 10.02 -14.53
N LEU B 297 -18.72 9.00 -14.37
CA LEU B 297 -18.58 8.28 -13.10
C LEU B 297 -17.10 8.05 -12.79
N ALA B 298 -16.48 9.03 -12.13
CA ALA B 298 -15.07 8.95 -11.81
C ALA B 298 -14.80 8.53 -10.37
N TYR B 299 -13.82 7.65 -10.18
CA TYR B 299 -13.43 7.15 -8.87
C TYR B 299 -14.61 6.56 -8.09
N ASN B 300 -14.98 5.33 -8.44
CA ASN B 300 -16.08 4.63 -7.76
C ASN B 300 -15.70 3.17 -7.54
N LYS B 301 -16.55 2.45 -6.83
CA LYS B 301 -16.31 1.04 -6.56
C LYS B 301 -17.54 0.20 -6.89
N ILE B 302 -17.79 0.03 -8.19
CA ILE B 302 -18.95 -0.74 -8.65
C ILE B 302 -18.63 -2.23 -8.62
N ASN B 303 -19.35 -2.98 -7.80
CA ASN B 303 -19.15 -4.41 -7.67
C ASN B 303 -19.72 -5.13 -8.90
N LYS B 304 -21.03 -5.07 -9.06
CA LYS B 304 -21.71 -5.72 -10.18
C LYS B 304 -22.67 -4.74 -10.84
N ILE B 305 -23.07 -5.06 -12.07
CA ILE B 305 -23.98 -4.21 -12.83
C ILE B 305 -25.16 -5.03 -13.33
N ALA B 306 -26.37 -4.49 -13.17
CA ALA B 306 -27.58 -5.18 -13.61
C ALA B 306 -27.78 -4.97 -15.10
N ASP B 307 -28.67 -5.79 -15.68
CA ASP B 307 -28.97 -5.71 -17.10
C ASP B 307 -29.74 -4.45 -17.46
N GLU B 308 -30.65 -4.06 -16.58
CA GLU B 308 -31.48 -2.87 -16.78
C GLU B 308 -30.86 -1.65 -16.10
N ALA B 309 -29.60 -1.78 -15.66
CA ALA B 309 -28.90 -0.71 -15.00
C ALA B 309 -28.79 0.59 -15.80
N PHE B 310 -28.16 0.51 -16.96
CA PHE B 310 -27.98 1.69 -17.81
C PHE B 310 -29.22 2.05 -18.63
N TYR B 311 -30.37 1.49 -18.25
CA TYR B 311 -31.63 1.76 -18.95
C TYR B 311 -32.13 3.18 -18.64
N GLY B 312 -32.64 3.85 -19.68
CA GLY B 312 -33.15 5.20 -19.53
C GLY B 312 -32.38 6.15 -20.44
N LEU B 313 -31.08 5.90 -20.59
CA LEU B 313 -30.23 6.74 -21.42
C LEU B 313 -30.53 6.48 -22.90
N ASP B 314 -31.26 7.40 -23.52
CA ASP B 314 -31.63 7.27 -24.92
C ASP B 314 -30.59 7.93 -25.83
N ASN B 315 -30.04 9.05 -25.36
CA ASN B 315 -29.03 9.78 -26.12
C ASN B 315 -27.79 10.11 -25.30
N LEU B 316 -26.95 9.10 -25.04
CA LEU B 316 -25.72 9.29 -24.29
C LEU B 316 -24.58 9.45 -25.29
N GLN B 317 -23.56 10.22 -24.92
CA GLN B 317 -22.41 10.43 -25.77
C GLN B 317 -21.17 10.08 -25.00
N VAL B 318 -20.76 10.98 -24.10
CA VAL B 318 -19.53 10.77 -23.30
C VAL B 318 -19.86 9.94 -22.04
N LEU B 319 -18.94 9.09 -21.64
CA LEU B 319 -19.13 8.27 -20.44
C LEU B 319 -17.75 7.78 -19.87
N ASN B 320 -17.12 8.60 -19.06
CA ASN B 320 -15.86 8.27 -18.45
C ASN B 320 -16.00 7.45 -17.16
N LEU B 321 -15.82 6.14 -17.31
CA LEU B 321 -15.93 5.25 -16.13
C LEU B 321 -14.51 4.96 -15.61
N SER B 322 -13.90 5.95 -15.06
CA SER B 322 -12.52 5.87 -14.56
C SER B 322 -12.42 5.24 -13.17
N TYR B 323 -11.69 4.15 -13.08
CA TYR B 323 -11.50 3.44 -11.79
C TYR B 323 -12.80 3.13 -11.07
N ASN B 324 -13.52 2.14 -11.56
CA ASN B 324 -14.79 1.74 -10.96
C ASN B 324 -15.26 0.39 -11.50
N LEU B 325 -14.32 -0.53 -11.71
CA LEU B 325 -14.62 -1.86 -12.22
C LEU B 325 -14.34 -2.93 -11.17
N LEU B 326 -13.80 -4.07 -11.60
CA LEU B 326 -13.46 -5.21 -10.71
C LEU B 326 -14.72 -5.79 -10.05
N GLY B 327 -14.65 -7.07 -9.73
CA GLY B 327 -15.76 -7.74 -9.08
C GLY B 327 -16.65 -8.42 -10.11
N GLU B 328 -16.03 -9.15 -11.04
CA GLU B 328 -16.73 -9.85 -12.11
C GLU B 328 -17.58 -8.93 -12.98
N LEU B 329 -18.00 -9.45 -14.15
CA LEU B 329 -18.81 -8.67 -15.07
C LEU B 329 -19.78 -9.60 -15.80
N TYR B 330 -20.90 -9.03 -16.27
CA TYR B 330 -21.90 -9.81 -16.99
C TYR B 330 -21.85 -9.51 -18.48
N SER B 331 -22.82 -10.04 -19.22
CA SER B 331 -22.86 -9.84 -20.67
C SER B 331 -23.78 -8.70 -21.05
N SER B 332 -23.37 -7.94 -22.07
CA SER B 332 -24.13 -6.80 -22.58
C SER B 332 -24.33 -5.71 -21.52
N ASN B 333 -23.31 -4.87 -21.35
CA ASN B 333 -23.36 -3.78 -20.37
C ASN B 333 -24.21 -2.64 -20.90
N PHE B 334 -23.82 -2.12 -22.07
CA PHE B 334 -24.55 -1.01 -22.68
C PHE B 334 -25.45 -1.52 -23.81
N TYR B 335 -26.61 -2.04 -23.45
CA TYR B 335 -27.57 -2.57 -24.43
C TYR B 335 -28.50 -1.47 -24.93
N GLY B 336 -28.57 -0.39 -24.15
CA GLY B 336 -29.42 0.73 -24.51
C GLY B 336 -28.65 2.01 -24.75
N LEU B 337 -27.54 1.90 -25.49
CA LEU B 337 -26.72 3.08 -25.78
C LEU B 337 -26.22 3.05 -27.22
N PRO B 338 -27.14 3.19 -28.20
CA PRO B 338 -26.72 3.18 -29.60
C PRO B 338 -25.89 4.41 -29.97
N LYS B 339 -26.33 5.57 -29.49
CA LYS B 339 -25.66 6.83 -29.77
C LYS B 339 -24.39 7.12 -28.96
N VAL B 340 -23.98 6.18 -28.11
CA VAL B 340 -22.77 6.39 -27.30
C VAL B 340 -21.58 6.51 -28.26
N ALA B 341 -20.57 7.27 -27.86
CA ALA B 341 -19.39 7.45 -28.71
C ALA B 341 -18.09 7.35 -27.94
N TYR B 342 -17.90 8.21 -26.95
CA TYR B 342 -16.66 8.20 -26.15
C TYR B 342 -16.85 7.63 -24.75
N ILE B 343 -16.00 6.67 -24.41
CA ILE B 343 -16.02 6.01 -23.12
C ILE B 343 -14.58 5.93 -22.60
N ASP B 344 -14.42 6.08 -21.29
CA ASP B 344 -13.10 6.06 -20.68
C ASP B 344 -13.03 5.08 -19.50
N LEU B 345 -12.50 3.89 -19.75
CA LEU B 345 -12.37 2.86 -18.71
C LEU B 345 -10.90 2.71 -18.35
N GLN B 346 -10.32 3.79 -17.84
CA GLN B 346 -8.92 3.81 -17.45
C GLN B 346 -8.72 3.36 -16.00
N LYS B 347 -7.63 2.61 -15.80
CA LYS B 347 -7.27 2.09 -14.48
C LYS B 347 -8.38 1.24 -13.84
N ASN B 348 -8.36 -0.06 -14.12
CA ASN B 348 -9.36 -0.97 -13.58
C ASN B 348 -8.72 -2.33 -13.26
N HIS B 349 -9.52 -3.23 -12.68
CA HIS B 349 -9.06 -4.59 -12.34
C HIS B 349 -10.03 -5.65 -12.82
N ILE B 350 -10.08 -5.82 -14.14
CA ILE B 350 -10.95 -6.80 -14.76
C ILE B 350 -10.14 -8.02 -15.17
N ALA B 351 -10.59 -9.20 -14.75
CA ALA B 351 -9.90 -10.44 -15.08
C ALA B 351 -10.00 -10.75 -16.57
N ILE B 352 -11.14 -11.29 -16.99
CA ILE B 352 -11.37 -11.62 -18.39
C ILE B 352 -12.70 -11.06 -18.87
N ILE B 353 -12.70 -10.49 -20.07
CA ILE B 353 -13.91 -9.91 -20.67
C ILE B 353 -14.60 -10.94 -21.57
N GLN B 354 -15.89 -11.14 -21.35
CA GLN B 354 -16.67 -12.09 -22.13
C GLN B 354 -16.73 -11.69 -23.59
N ASP B 355 -17.37 -12.54 -24.40
CA ASP B 355 -17.51 -12.30 -25.84
C ASP B 355 -18.44 -11.12 -26.07
N GLN B 356 -19.71 -11.31 -25.72
CA GLN B 356 -20.72 -10.25 -25.89
C GLN B 356 -20.63 -9.26 -24.74
N THR B 357 -19.84 -8.20 -24.94
CA THR B 357 -19.67 -7.17 -23.91
C THR B 357 -20.10 -5.80 -24.42
N PHE B 358 -19.58 -5.41 -25.58
CA PHE B 358 -19.91 -4.13 -26.19
C PHE B 358 -21.05 -4.30 -27.21
N LYS B 359 -22.13 -4.94 -26.76
CA LYS B 359 -23.30 -5.19 -27.59
C LYS B 359 -24.17 -3.95 -27.75
N PHE B 360 -25.06 -4.00 -28.75
CA PHE B 360 -26.00 -2.92 -29.05
C PHE B 360 -25.36 -1.54 -29.13
N LEU B 361 -24.23 -1.43 -29.83
CA LEU B 361 -23.54 -0.16 -29.98
C LEU B 361 -23.30 0.10 -31.47
N GLU B 362 -23.04 1.35 -31.83
CA GLU B 362 -22.80 1.70 -33.23
C GLU B 362 -22.03 3.00 -33.44
N LYS B 363 -22.44 4.07 -32.76
CA LYS B 363 -21.80 5.38 -32.90
C LYS B 363 -20.55 5.56 -32.02
N LEU B 364 -19.96 4.44 -31.60
CA LEU B 364 -18.76 4.48 -30.75
C LEU B 364 -17.57 4.81 -31.65
N GLN B 365 -16.97 5.98 -31.45
CA GLN B 365 -15.85 6.41 -32.29
C GLN B 365 -14.50 6.46 -31.58
N THR B 366 -14.50 6.38 -30.26
CA THR B 366 -13.25 6.42 -29.50
C THR B 366 -13.31 5.59 -28.22
N LEU B 367 -12.60 4.47 -28.24
CA LEU B 367 -12.56 3.55 -27.11
C LEU B 367 -11.23 3.56 -26.36
N ASP B 368 -11.21 4.26 -25.23
CA ASP B 368 -9.98 4.35 -24.42
C ASP B 368 -10.01 3.29 -23.33
N LEU B 369 -9.08 2.33 -23.40
CA LEU B 369 -8.99 1.26 -22.42
C LEU B 369 -7.58 1.11 -21.85
N ARG B 370 -7.09 2.17 -21.21
CA ARG B 370 -5.76 2.15 -20.61
C ARG B 370 -5.78 1.30 -19.35
N ASP B 371 -5.05 0.19 -19.38
CA ASP B 371 -4.99 -0.73 -18.24
C ASP B 371 -6.39 -1.19 -17.84
N ASN B 372 -7.19 -1.53 -18.85
CA ASN B 372 -8.57 -1.97 -18.64
C ASN B 372 -8.66 -3.45 -18.27
N ALA B 373 -8.59 -4.33 -19.27
CA ALA B 373 -8.68 -5.77 -19.02
C ALA B 373 -7.78 -6.57 -19.96
N LEU B 374 -7.98 -7.89 -20.00
CA LEU B 374 -7.19 -8.77 -20.87
C LEU B 374 -7.55 -8.53 -22.34
N THR B 375 -8.57 -7.71 -22.56
CA THR B 375 -9.03 -7.34 -23.91
C THR B 375 -9.38 -8.50 -24.85
N THR B 376 -10.65 -8.61 -25.16
CA THR B 376 -11.16 -9.65 -26.07
C THR B 376 -12.13 -9.03 -27.06
N ILE B 377 -11.59 -8.61 -28.21
CA ILE B 377 -12.39 -7.96 -29.24
C ILE B 377 -13.19 -8.95 -30.08
N HIS B 378 -14.49 -8.69 -30.19
CA HIS B 378 -15.40 -9.53 -30.96
C HIS B 378 -16.50 -8.69 -31.62
N PHE B 379 -17.40 -8.13 -30.80
CA PHE B 379 -18.48 -7.30 -31.32
C PHE B 379 -18.21 -5.83 -31.03
N ILE B 380 -17.18 -5.30 -31.68
CA ILE B 380 -16.80 -3.90 -31.52
C ILE B 380 -17.19 -3.13 -32.79
N PRO B 381 -18.07 -2.09 -32.64
CA PRO B 381 -18.51 -1.27 -33.78
C PRO B 381 -17.39 -0.53 -34.51
N SER B 382 -17.75 0.54 -35.21
CA SER B 382 -16.77 1.32 -35.95
C SER B 382 -16.07 2.38 -35.11
N ILE B 383 -14.96 1.97 -34.47
CA ILE B 383 -14.18 2.87 -33.62
C ILE B 383 -12.83 3.20 -34.26
N PRO B 384 -12.67 4.41 -34.81
CA PRO B 384 -11.40 4.81 -35.43
C PRO B 384 -10.15 4.68 -34.55
N ASP B 385 -10.24 5.16 -33.31
CA ASP B 385 -9.10 5.10 -32.41
C ASP B 385 -9.37 4.37 -31.10
N ILE B 386 -8.40 3.56 -30.68
CA ILE B 386 -8.50 2.79 -29.44
C ILE B 386 -7.13 2.67 -28.77
N PHE B 387 -7.13 2.80 -27.44
CA PHE B 387 -5.90 2.71 -26.66
C PHE B 387 -5.92 1.47 -25.76
N LEU B 388 -5.01 0.53 -26.02
CA LEU B 388 -4.93 -0.70 -25.24
C LEU B 388 -3.51 -0.90 -24.70
N SER B 389 -3.29 -0.42 -23.47
CA SER B 389 -1.98 -0.55 -22.81
C SER B 389 -2.12 -1.17 -21.43
N GLY B 390 -0.99 -1.44 -20.78
CA GLY B 390 -0.99 -2.03 -19.46
C GLY B 390 -1.81 -3.30 -19.37
N ASN B 391 -1.77 -4.09 -20.44
CA ASN B 391 -2.53 -5.34 -20.53
C ASN B 391 -1.59 -6.52 -20.69
N LYS B 392 -2.17 -7.68 -21.01
CA LYS B 392 -1.41 -8.92 -21.19
C LYS B 392 -1.68 -9.53 -22.56
N LEU B 393 -1.62 -10.86 -22.65
CA LEU B 393 -1.86 -11.56 -23.91
C LEU B 393 -3.23 -11.22 -24.49
N VAL B 394 -3.24 -10.82 -25.76
CA VAL B 394 -4.47 -10.46 -26.45
C VAL B 394 -4.88 -11.57 -27.43
N THR B 395 -6.17 -11.85 -27.46
CA THR B 395 -6.74 -12.89 -28.33
C THR B 395 -7.06 -12.32 -29.74
N LEU B 396 -7.71 -13.13 -30.55
CA LEU B 396 -8.09 -12.76 -31.92
C LEU B 396 -8.87 -11.45 -32.00
N PRO B 397 -8.33 -10.41 -32.66
CA PRO B 397 -9.01 -9.12 -32.77
C PRO B 397 -10.11 -9.12 -33.83
N LYS B 398 -11.02 -8.16 -33.74
CA LYS B 398 -12.09 -8.03 -34.71
C LYS B 398 -12.50 -6.57 -34.96
N ILE B 399 -11.82 -5.90 -35.91
CA ILE B 399 -12.07 -4.53 -36.24
C ILE B 399 -12.24 -4.33 -37.72
N ASN B 400 -12.65 -3.11 -38.14
CA ASN B 400 -12.87 -2.80 -39.53
C ASN B 400 -11.99 -1.65 -40.08
N LEU B 401 -12.27 -1.20 -41.25
CA LEU B 401 -11.54 -0.15 -41.94
C LEU B 401 -11.46 1.16 -41.17
N THR B 402 -12.55 1.46 -40.49
CA THR B 402 -12.70 2.68 -39.70
C THR B 402 -11.55 2.99 -38.72
N ALA B 403 -10.92 1.93 -38.26
CA ALA B 403 -9.80 2.10 -37.35
C ALA B 403 -8.59 2.69 -38.05
N ASN B 404 -8.30 3.94 -37.72
CA ASN B 404 -7.17 4.65 -38.32
C ASN B 404 -6.09 4.96 -37.28
N LEU B 405 -6.40 4.68 -36.02
CA LEU B 405 -5.49 4.92 -34.90
C LEU B 405 -5.61 3.79 -33.89
N ILE B 406 -4.47 3.32 -33.39
CA ILE B 406 -4.45 2.23 -32.43
C ILE B 406 -3.13 2.26 -31.68
N HIS B 407 -3.18 2.03 -30.37
CA HIS B 407 -1.98 2.03 -29.55
C HIS B 407 -1.87 0.80 -28.65
N LEU B 408 -0.64 0.33 -28.47
CA LEU B 408 -0.36 -0.83 -27.64
C LEU B 408 0.99 -0.65 -26.94
N SER B 409 0.97 -0.31 -25.66
CA SER B 409 2.19 -0.11 -24.89
C SER B 409 2.17 -0.94 -23.61
N GLU B 410 3.36 -1.42 -23.22
CA GLU B 410 3.50 -2.23 -22.00
C GLU B 410 2.56 -3.44 -22.05
N ASN B 411 2.81 -4.35 -22.97
CA ASN B 411 1.98 -5.54 -23.13
C ASN B 411 2.76 -6.82 -23.35
N ARG B 412 2.06 -7.85 -23.80
CA ARG B 412 2.63 -9.15 -24.10
C ARG B 412 1.83 -9.72 -25.25
N LEU B 413 2.24 -9.41 -26.49
CA LEU B 413 1.55 -9.85 -27.68
C LEU B 413 2.23 -10.99 -28.42
N GLU B 414 1.56 -11.50 -29.45
CA GLU B 414 2.06 -12.57 -30.29
C GLU B 414 2.00 -12.15 -31.76
N ASN B 415 2.10 -13.12 -32.66
CA ASN B 415 2.05 -12.84 -34.10
C ASN B 415 0.67 -13.07 -34.72
N LEU B 416 -0.32 -13.38 -33.88
CA LEU B 416 -1.68 -13.61 -34.35
C LEU B 416 -2.52 -12.35 -34.26
N ASP B 417 -2.57 -11.77 -33.08
CA ASP B 417 -3.34 -10.55 -32.83
C ASP B 417 -2.90 -9.30 -33.60
N ILE B 418 -1.64 -9.27 -34.04
CA ILE B 418 -1.15 -8.11 -34.81
C ILE B 418 -1.46 -8.30 -36.30
N LEU B 419 -1.35 -9.53 -36.78
CA LEU B 419 -1.61 -9.84 -38.18
C LEU B 419 -3.03 -9.49 -38.62
N TYR B 420 -4.00 -10.23 -38.07
CA TYR B 420 -5.41 -10.04 -38.41
C TYR B 420 -5.94 -8.63 -38.14
N PHE B 421 -5.43 -7.96 -37.10
CA PHE B 421 -5.87 -6.62 -36.75
C PHE B 421 -5.43 -5.60 -37.82
N LEU B 422 -4.35 -5.91 -38.51
CA LEU B 422 -3.83 -5.02 -39.56
C LEU B 422 -4.43 -5.31 -40.92
N LEU B 423 -5.01 -6.49 -41.07
CA LEU B 423 -5.60 -6.93 -42.33
C LEU B 423 -6.76 -6.05 -42.81
N ARG B 424 -7.29 -5.22 -41.93
CA ARG B 424 -8.40 -4.36 -42.29
C ARG B 424 -8.29 -2.92 -41.79
N VAL B 425 -7.07 -2.40 -41.78
CA VAL B 425 -6.84 -1.02 -41.35
C VAL B 425 -5.82 -0.29 -42.25
N PRO B 426 -6.10 -0.19 -43.57
CA PRO B 426 -5.16 0.51 -44.45
C PRO B 426 -5.15 2.02 -44.19
N HIS B 427 -6.11 2.49 -43.41
CA HIS B 427 -6.23 3.90 -43.08
C HIS B 427 -5.44 4.22 -41.79
N LEU B 428 -4.78 3.20 -41.24
CA LEU B 428 -3.99 3.36 -40.01
C LEU B 428 -2.86 4.36 -40.26
N GLN B 429 -2.53 5.14 -39.23
CA GLN B 429 -1.48 6.14 -39.34
C GLN B 429 -0.47 5.99 -38.20
N ILE B 430 -0.93 6.18 -36.98
CA ILE B 430 -0.06 6.06 -35.81
C ILE B 430 -0.21 4.70 -35.15
N LEU B 431 0.91 4.12 -34.73
CA LEU B 431 0.93 2.82 -34.08
C LEU B 431 2.16 2.73 -33.19
N ILE B 432 1.94 2.41 -31.91
CA ILE B 432 3.01 2.32 -30.94
C ILE B 432 3.09 0.92 -30.32
N LEU B 433 4.31 0.43 -30.17
CA LEU B 433 4.54 -0.89 -29.58
C LEU B 433 5.80 -0.87 -28.71
N ASN B 434 5.80 0.01 -27.71
CA ASN B 434 6.95 0.13 -26.81
C ASN B 434 6.82 -0.83 -25.63
N GLN B 435 7.85 -1.66 -25.47
CA GLN B 435 7.89 -2.65 -24.38
C GLN B 435 6.71 -3.62 -24.43
N ASN B 436 6.63 -4.38 -25.52
CA ASN B 436 5.56 -5.36 -25.68
C ASN B 436 6.08 -6.79 -25.57
N ARG B 437 7.40 -6.93 -25.66
CA ARG B 437 8.07 -8.22 -25.56
C ARG B 437 7.48 -9.22 -26.54
N PHE B 438 7.69 -8.96 -27.83
CA PHE B 438 7.18 -9.82 -28.89
C PHE B 438 7.74 -11.23 -28.70
N SER B 439 6.90 -12.25 -28.86
CA SER B 439 7.33 -13.62 -28.70
C SER B 439 7.97 -14.19 -29.97
N SER B 440 7.14 -14.55 -30.96
CA SER B 440 7.62 -15.11 -32.21
C SER B 440 7.36 -14.16 -33.38
N CYS B 441 8.37 -13.97 -34.21
CA CYS B 441 8.29 -13.08 -35.37
C CYS B 441 8.12 -13.87 -36.65
N SER B 442 7.01 -13.62 -37.35
CA SER B 442 6.72 -14.30 -38.60
C SER B 442 7.53 -13.67 -39.72
N GLY B 443 7.67 -14.40 -40.83
CA GLY B 443 8.42 -13.89 -41.96
C GLY B 443 7.73 -12.74 -42.67
N ASP B 444 6.43 -12.88 -42.89
CA ASP B 444 5.66 -11.84 -43.57
C ASP B 444 4.19 -11.92 -43.19
N GLN B 445 3.92 -12.55 -42.06
CA GLN B 445 2.54 -12.69 -41.60
C GLN B 445 2.27 -11.95 -40.28
N THR B 446 2.63 -10.68 -40.23
CA THR B 446 2.39 -9.87 -39.04
C THR B 446 2.14 -8.41 -39.40
N PRO B 447 3.01 -7.79 -40.25
CA PRO B 447 2.78 -6.40 -40.61
C PRO B 447 2.27 -6.28 -42.06
N SER B 448 1.27 -7.08 -42.41
CA SER B 448 0.71 -7.09 -43.75
C SER B 448 -0.51 -6.18 -43.90
N GLU B 449 -0.69 -5.64 -45.09
CA GLU B 449 -1.79 -4.73 -45.42
C GLU B 449 -1.86 -3.51 -44.50
N ASN B 450 -1.10 -2.48 -44.85
CA ASN B 450 -1.03 -1.23 -44.11
C ASN B 450 -0.13 -0.25 -44.88
N PRO B 451 -0.58 0.20 -46.07
CA PRO B 451 0.24 1.14 -46.85
C PRO B 451 0.41 2.52 -46.22
N SER B 452 -0.66 3.04 -45.62
CA SER B 452 -0.64 4.36 -45.00
C SER B 452 0.06 4.33 -43.63
N LEU B 453 0.77 3.24 -43.35
CA LEU B 453 1.46 3.09 -42.09
C LEU B 453 2.52 4.19 -41.92
N GLU B 454 2.28 5.08 -40.97
CA GLU B 454 3.20 6.18 -40.73
C GLU B 454 4.14 5.88 -39.58
N GLN B 455 3.62 5.91 -38.35
CA GLN B 455 4.44 5.65 -37.18
C GLN B 455 4.32 4.18 -36.76
N LEU B 456 5.48 3.54 -36.61
CA LEU B 456 5.55 2.14 -36.20
C LEU B 456 6.77 1.91 -35.33
N PHE B 457 6.56 1.95 -34.01
CA PHE B 457 7.63 1.77 -33.05
C PHE B 457 7.70 0.34 -32.53
N LEU B 458 8.86 -0.29 -32.71
CA LEU B 458 9.09 -1.66 -32.26
C LEU B 458 10.19 -1.69 -31.20
N GLY B 459 10.04 -0.84 -30.19
CA GLY B 459 11.02 -0.78 -29.13
C GLY B 459 10.80 -1.83 -28.06
N GLU B 460 11.90 -2.39 -27.57
CA GLU B 460 11.86 -3.41 -26.53
C GLU B 460 10.97 -4.59 -26.86
N ASN B 461 11.56 -5.59 -27.51
CA ASN B 461 10.83 -6.82 -27.87
C ASN B 461 11.80 -7.92 -28.29
N MET B 462 11.27 -9.07 -28.66
CA MET B 462 12.09 -10.20 -29.07
C MET B 462 11.51 -10.82 -30.34
N LEU B 463 12.37 -11.51 -31.09
CA LEU B 463 11.95 -12.15 -32.33
C LEU B 463 12.39 -13.61 -32.35
N GLN B 464 11.93 -14.36 -33.34
CA GLN B 464 12.29 -15.76 -33.47
C GLN B 464 13.81 -15.83 -33.68
N LEU B 465 14.53 -16.07 -32.59
CA LEU B 465 15.99 -16.14 -32.59
C LEU B 465 16.59 -14.77 -32.84
N ALA B 466 16.50 -14.27 -34.06
CA ALA B 466 17.03 -12.96 -34.41
C ALA B 466 16.41 -12.48 -35.73
N TRP B 467 16.69 -11.23 -36.08
CA TRP B 467 16.16 -10.65 -37.32
C TRP B 467 16.77 -11.41 -38.50
N GLU B 468 15.90 -11.93 -39.36
CA GLU B 468 16.35 -12.71 -40.51
C GLU B 468 15.27 -12.83 -41.59
N THR B 469 14.36 -11.85 -41.62
CA THR B 469 13.29 -11.84 -42.61
C THR B 469 12.77 -10.45 -42.86
N GLU B 470 12.17 -10.24 -44.03
CA GLU B 470 11.62 -8.94 -44.38
C GLU B 470 10.14 -8.88 -44.08
N LEU B 471 9.79 -8.12 -43.04
CA LEU B 471 8.40 -7.98 -42.63
C LEU B 471 7.73 -6.80 -43.33
N CYS B 472 8.47 -5.70 -43.46
CA CYS B 472 7.95 -4.51 -44.10
C CYS B 472 8.22 -4.54 -45.59
N TRP B 473 7.42 -5.30 -46.32
CA TRP B 473 7.57 -5.40 -47.77
C TRP B 473 6.45 -4.65 -48.49
N ASP B 474 5.43 -4.26 -47.73
CA ASP B 474 4.29 -3.55 -48.29
C ASP B 474 4.18 -2.18 -47.63
N VAL B 475 5.07 -1.90 -46.68
CA VAL B 475 5.06 -0.64 -45.95
C VAL B 475 6.02 0.37 -46.59
N PHE B 476 5.43 1.36 -47.27
CA PHE B 476 6.22 2.40 -47.94
C PHE B 476 6.80 3.41 -46.95
N GLU B 477 5.92 4.25 -46.41
CA GLU B 477 6.33 5.29 -45.45
C GLU B 477 6.38 4.76 -44.02
N GLY B 478 6.98 3.59 -43.87
CA GLY B 478 7.08 2.99 -42.56
C GLY B 478 8.27 3.45 -41.74
N LEU B 479 8.00 4.23 -40.70
CA LEU B 479 9.05 4.74 -39.83
C LEU B 479 9.23 3.79 -38.67
N SER B 480 10.16 2.85 -38.83
CA SER B 480 10.44 1.83 -37.81
C SER B 480 11.22 2.37 -36.62
N HIS B 481 11.25 1.59 -35.55
CA HIS B 481 11.95 1.93 -34.32
C HIS B 481 12.54 0.66 -33.73
N LEU B 482 13.80 0.40 -34.05
CA LEU B 482 14.47 -0.80 -33.56
C LEU B 482 15.40 -0.54 -32.38
N GLN B 483 14.82 -0.36 -31.19
CA GLN B 483 15.62 -0.13 -29.98
C GLN B 483 15.71 -1.43 -29.20
N VAL B 484 16.95 -1.89 -28.99
CA VAL B 484 17.27 -3.13 -28.28
C VAL B 484 16.27 -4.27 -28.52
N LEU B 485 16.54 -5.03 -29.58
CA LEU B 485 15.69 -6.15 -29.97
C LEU B 485 16.30 -7.50 -29.60
N TYR B 486 17.40 -7.46 -28.84
CA TYR B 486 18.10 -8.67 -28.44
C TYR B 486 18.45 -9.53 -29.66
N LEU B 487 18.96 -8.88 -30.70
CA LEU B 487 19.33 -9.57 -31.93
C LEU B 487 20.73 -10.17 -31.87
N ASN B 488 20.82 -11.49 -32.01
CA ASN B 488 22.10 -12.18 -31.96
C ASN B 488 22.93 -11.81 -33.19
N HIS B 489 24.18 -11.40 -32.96
CA HIS B 489 25.08 -11.00 -34.04
C HIS B 489 25.42 -12.09 -35.05
N ASN B 490 25.16 -13.33 -34.69
CA ASN B 490 25.46 -14.45 -35.58
C ASN B 490 24.52 -14.56 -36.77
N TYR B 491 23.30 -14.08 -36.60
CA TYR B 491 22.32 -14.10 -37.69
C TYR B 491 22.29 -12.75 -38.38
N LEU B 492 22.81 -11.73 -37.71
CA LEU B 492 22.84 -10.39 -38.25
C LEU B 492 23.91 -10.26 -39.31
N ASN B 493 24.79 -11.26 -39.37
CA ASN B 493 25.86 -11.30 -40.35
C ASN B 493 25.25 -11.44 -41.75
N SER B 494 24.27 -12.30 -41.87
CA SER B 494 23.59 -12.54 -43.15
C SER B 494 22.22 -11.88 -43.13
N LEU B 495 22.21 -10.60 -42.79
CA LEU B 495 20.96 -9.84 -42.74
C LEU B 495 20.35 -9.70 -44.12
N PRO B 496 19.08 -10.12 -44.28
CA PRO B 496 18.42 -10.03 -45.59
C PRO B 496 18.38 -8.62 -46.16
N PRO B 497 19.03 -8.39 -47.31
CA PRO B 497 19.05 -7.06 -47.94
C PRO B 497 17.66 -6.58 -48.34
N GLY B 498 16.70 -7.50 -48.36
CA GLY B 498 15.35 -7.15 -48.76
C GLY B 498 14.44 -6.60 -47.66
N VAL B 499 15.04 -6.11 -46.57
CA VAL B 499 14.27 -5.56 -45.46
C VAL B 499 14.15 -4.04 -45.64
N PHE B 500 15.30 -3.38 -45.82
CA PHE B 500 15.33 -1.94 -46.01
C PHE B 500 15.21 -1.61 -47.50
N SER B 501 14.69 -2.56 -48.28
CA SER B 501 14.52 -2.38 -49.71
C SER B 501 13.24 -1.64 -50.10
N HIS B 502 12.11 -2.07 -49.55
CA HIS B 502 10.82 -1.44 -49.85
C HIS B 502 10.73 -0.04 -49.26
N LEU B 503 11.20 0.11 -48.02
CA LEU B 503 11.17 1.39 -47.33
C LEU B 503 11.94 2.47 -48.09
N THR B 504 11.20 3.33 -48.80
CA THR B 504 11.81 4.39 -49.58
C THR B 504 11.67 5.74 -48.89
N ALA B 505 10.45 6.05 -48.43
CA ALA B 505 10.18 7.30 -47.74
C ALA B 505 10.37 7.16 -46.23
N LEU B 506 11.60 6.83 -45.83
CA LEU B 506 11.95 6.65 -44.43
C LEU B 506 12.62 7.91 -43.89
N ARG B 507 12.10 8.40 -42.76
CA ARG B 507 12.64 9.61 -42.15
C ARG B 507 13.89 9.33 -41.34
N GLY B 508 13.86 8.27 -40.53
CA GLY B 508 15.02 7.92 -39.72
C GLY B 508 14.89 6.58 -39.04
N LEU B 509 15.95 5.77 -39.11
CA LEU B 509 15.94 4.46 -38.48
C LEU B 509 16.77 4.53 -37.21
N SER B 510 16.18 4.11 -36.10
CA SER B 510 16.85 4.14 -34.82
C SER B 510 17.35 2.77 -34.36
N LEU B 511 18.63 2.50 -34.63
CA LEU B 511 19.25 1.23 -34.22
C LEU B 511 20.15 1.53 -33.02
N ASN B 512 19.56 1.63 -31.84
CA ASN B 512 20.30 1.90 -30.62
C ASN B 512 20.06 0.82 -29.59
N SER B 513 20.95 0.75 -28.60
CA SER B 513 20.87 -0.23 -27.51
C SER B 513 20.87 -1.68 -28.01
N ASN B 514 21.13 -1.86 -29.30
CA ASN B 514 21.16 -3.19 -29.90
C ASN B 514 22.45 -3.91 -29.51
N ARG B 515 22.81 -4.96 -30.25
CA ARG B 515 24.03 -5.71 -29.95
C ARG B 515 24.63 -6.37 -31.19
N LEU B 516 24.77 -5.60 -32.26
CA LEU B 516 25.34 -6.10 -33.51
C LEU B 516 26.87 -6.11 -33.46
N THR B 517 27.49 -6.81 -34.40
CA THR B 517 28.96 -6.91 -34.46
C THR B 517 29.49 -6.21 -35.72
N VAL B 518 28.75 -6.33 -36.83
CA VAL B 518 29.12 -5.71 -38.08
C VAL B 518 28.00 -4.79 -38.57
N LEU B 519 28.36 -3.54 -38.88
CA LEU B 519 27.37 -2.56 -39.34
C LEU B 519 27.27 -2.48 -40.85
N SER B 520 26.25 -3.13 -41.41
CA SER B 520 26.02 -3.12 -42.85
C SER B 520 25.39 -1.79 -43.28
N HIS B 521 25.48 -1.48 -44.56
CA HIS B 521 24.92 -0.24 -45.08
C HIS B 521 24.29 -0.37 -46.47
N ASN B 522 22.98 -0.59 -46.50
CA ASN B 522 22.24 -0.71 -47.77
C ASN B 522 21.62 0.66 -48.03
N ASP B 523 22.34 1.50 -48.77
CA ASP B 523 21.91 2.85 -49.09
C ASP B 523 20.82 2.95 -50.15
N LEU B 524 19.94 1.94 -50.24
CA LEU B 524 18.85 1.99 -51.20
C LEU B 524 17.88 3.15 -50.91
N PRO B 525 17.49 3.36 -49.63
CA PRO B 525 16.58 4.47 -49.36
C PRO B 525 17.25 5.81 -49.63
N ALA B 526 16.56 6.70 -50.34
CA ALA B 526 17.11 8.00 -50.66
C ALA B 526 16.51 9.16 -49.86
N ASN B 527 15.61 8.86 -48.93
CA ASN B 527 14.98 9.90 -48.11
C ASN B 527 15.38 9.80 -46.63
N LEU B 528 16.22 8.85 -46.30
CA LEU B 528 16.67 8.67 -44.91
C LEU B 528 17.49 9.85 -44.43
N GLU B 529 16.88 10.66 -43.56
CA GLU B 529 17.53 11.84 -43.02
C GLU B 529 18.47 11.51 -41.87
N ILE B 530 18.03 10.64 -40.96
CA ILE B 530 18.86 10.28 -39.80
C ILE B 530 18.95 8.78 -39.57
N LEU B 531 19.93 8.37 -38.77
CA LEU B 531 20.17 6.97 -38.43
C LEU B 531 20.91 6.87 -37.10
N ASP B 532 20.17 6.76 -36.01
CA ASP B 532 20.77 6.67 -34.68
C ASP B 532 21.44 5.33 -34.47
N ILE B 533 22.74 5.37 -34.16
CA ILE B 533 23.49 4.16 -33.88
C ILE B 533 24.34 4.39 -32.63
N SER B 534 23.91 3.80 -31.52
CA SER B 534 24.62 3.93 -30.26
C SER B 534 24.41 2.70 -29.39
N ARG B 535 25.27 2.54 -28.39
CA ARG B 535 25.19 1.42 -27.46
C ARG B 535 25.22 0.08 -28.19
N ASN B 536 26.23 -0.09 -29.05
CA ASN B 536 26.37 -1.33 -29.82
C ASN B 536 27.80 -1.84 -29.76
N GLN B 537 28.09 -2.86 -30.56
CA GLN B 537 29.41 -3.47 -30.64
C GLN B 537 29.81 -3.56 -32.12
N LEU B 538 29.57 -2.47 -32.85
CA LEU B 538 29.90 -2.40 -34.27
C LEU B 538 31.35 -2.03 -34.49
N LEU B 539 31.90 -2.47 -35.63
CA LEU B 539 33.28 -2.20 -36.00
C LEU B 539 33.56 -2.60 -37.45
N ALA B 540 32.59 -2.37 -38.32
CA ALA B 540 32.73 -2.71 -39.73
C ALA B 540 32.33 -1.56 -40.67
N PRO B 541 33.26 -1.16 -41.56
CA PRO B 541 32.97 -0.07 -42.50
C PRO B 541 32.31 -0.55 -43.79
N ASN B 542 31.76 0.38 -44.57
CA ASN B 542 31.12 0.08 -45.84
C ASN B 542 31.10 1.29 -46.79
N PRO B 543 31.59 1.12 -48.03
CA PRO B 543 31.62 2.22 -49.00
C PRO B 543 30.25 2.83 -49.32
N ASP B 544 29.21 2.01 -49.32
CA ASP B 544 27.86 2.48 -49.61
C ASP B 544 27.37 3.43 -48.52
N VAL B 545 27.08 4.68 -48.90
CA VAL B 545 26.59 5.69 -47.97
C VAL B 545 25.33 6.29 -48.58
N PHE B 546 24.40 6.72 -47.73
CA PHE B 546 23.15 7.32 -48.20
C PHE B 546 23.46 8.69 -48.81
N VAL B 547 22.42 9.36 -49.33
CA VAL B 547 22.59 10.66 -49.95
C VAL B 547 22.01 11.80 -49.12
N SER B 548 20.89 11.54 -48.46
CA SER B 548 20.24 12.56 -47.63
C SER B 548 20.54 12.39 -46.16
N LEU B 549 21.64 11.69 -45.86
CA LEU B 549 22.05 11.45 -44.48
C LEU B 549 22.82 12.68 -43.98
N SER B 550 22.40 13.19 -42.83
CA SER B 550 23.05 14.37 -42.26
C SER B 550 23.59 14.05 -40.87
N VAL B 551 22.68 13.75 -39.94
CA VAL B 551 23.06 13.43 -38.57
C VAL B 551 23.18 11.92 -38.39
N LEU B 552 24.41 11.46 -38.19
CA LEU B 552 24.66 10.04 -37.98
C LEU B 552 25.21 9.84 -36.57
N ASP B 553 24.35 9.33 -35.69
CA ASP B 553 24.75 9.05 -34.31
C ASP B 553 25.60 7.79 -34.28
N ILE B 554 26.79 7.89 -33.70
CA ILE B 554 27.71 6.77 -33.60
C ILE B 554 28.63 6.95 -32.37
N THR B 555 28.02 6.93 -31.19
CA THR B 555 28.76 7.10 -29.95
C THR B 555 28.54 5.95 -28.96
N HIS B 556 29.50 5.79 -28.06
CA HIS B 556 29.44 4.75 -27.03
C HIS B 556 29.27 3.36 -27.65
N ASN B 557 30.33 2.89 -28.30
CA ASN B 557 30.32 1.58 -28.94
C ASN B 557 31.68 0.94 -28.78
N LYS B 558 31.70 -0.38 -28.87
CA LYS B 558 32.92 -1.15 -28.73
C LYS B 558 33.78 -0.97 -29.99
N PHE B 559 34.62 0.05 -30.01
CA PHE B 559 35.45 0.31 -31.18
C PHE B 559 36.85 -0.19 -30.83
N ILE B 560 37.53 -0.78 -31.81
CA ILE B 560 38.89 -1.40 -31.60
C ILE B 560 39.91 -0.40 -32.15
N CYS B 561 40.49 0.41 -31.27
CA CYS B 561 41.38 1.42 -31.76
C CYS B 561 42.85 0.82 -31.85
N GLU B 562 43.07 -0.08 -32.82
CA GLU B 562 44.37 -0.70 -33.05
C GLU B 562 44.75 -0.58 -34.49
N CYS B 563 45.71 -1.41 -34.89
CA CYS B 563 46.24 -1.41 -36.23
C CYS B 563 45.56 -2.42 -37.14
N GLU B 564 44.63 -3.19 -36.60
CA GLU B 564 43.89 -4.21 -37.37
C GLU B 564 42.92 -3.56 -38.35
N LEU B 565 41.86 -2.93 -37.82
CA LEU B 565 40.84 -2.27 -38.65
C LEU B 565 41.23 -0.80 -38.79
N SER B 566 41.88 -0.49 -39.92
CA SER B 566 42.33 0.88 -40.19
C SER B 566 41.43 1.54 -41.26
N THR B 567 40.66 0.71 -41.95
CA THR B 567 39.77 1.18 -43.01
C THR B 567 38.49 1.78 -42.44
N PHE B 568 38.10 1.29 -41.26
CA PHE B 568 36.89 1.77 -40.60
C PHE B 568 37.13 3.14 -39.95
N ILE B 569 38.25 3.26 -39.23
CA ILE B 569 38.63 4.48 -38.55
C ILE B 569 39.00 5.60 -39.52
N ASN B 570 39.27 5.20 -40.77
CA ASN B 570 39.62 6.15 -41.82
C ASN B 570 38.36 6.67 -42.53
N TRP B 571 37.29 5.88 -42.46
CA TRP B 571 36.01 6.27 -43.10
C TRP B 571 35.28 7.36 -42.31
N LEU B 572 35.11 7.14 -41.02
CA LEU B 572 34.43 8.09 -40.14
C LEU B 572 35.06 9.47 -40.20
N ASN B 573 36.29 9.54 -40.67
CA ASN B 573 37.02 10.82 -40.77
C ASN B 573 36.70 11.56 -42.08
N HIS B 574 36.76 10.84 -43.19
CA HIS B 574 36.48 11.43 -44.51
C HIS B 574 35.04 11.96 -44.60
N THR B 575 34.18 11.38 -43.75
CA THR B 575 32.77 11.73 -43.75
C THR B 575 32.50 13.13 -43.19
N ASN B 576 33.59 13.90 -42.94
CA ASN B 576 33.51 15.28 -42.43
C ASN B 576 32.73 15.36 -41.11
N VAL B 577 32.77 16.51 -40.49
CA VAL B 577 32.10 16.74 -39.21
C VAL B 577 30.57 16.84 -39.37
N THR B 578 30.16 17.24 -40.57
CA THR B 578 28.74 17.39 -40.90
C THR B 578 28.00 16.06 -40.90
N ILE B 579 28.75 14.96 -41.03
CA ILE B 579 28.14 13.63 -41.05
C ILE B 579 28.79 12.78 -39.96
N ALA B 580 28.46 13.11 -38.72
CA ALA B 580 28.99 12.42 -37.55
C ALA B 580 28.16 12.77 -36.32
N GLY B 581 28.48 12.10 -35.21
CA GLY B 581 27.77 12.37 -33.95
C GLY B 581 28.72 13.00 -32.94
N PRO B 582 28.26 13.33 -31.71
CA PRO B 582 29.13 13.94 -30.71
C PRO B 582 30.42 13.15 -30.41
N PRO B 583 31.59 13.70 -30.81
CA PRO B 583 32.86 13.01 -30.57
C PRO B 583 33.14 12.81 -29.08
N ALA B 584 32.50 13.64 -28.27
CA ALA B 584 32.67 13.61 -26.82
C ALA B 584 32.26 12.30 -26.15
N ASP B 585 31.29 11.62 -26.77
CA ASP B 585 30.79 10.35 -26.25
C ASP B 585 31.39 9.12 -26.95
N ILE B 586 32.59 9.30 -27.54
CA ILE B 586 33.25 8.21 -28.28
C ILE B 586 34.62 7.90 -27.64
N TYR B 587 34.75 6.69 -27.03
CA TYR B 587 35.99 6.32 -26.40
C TYR B 587 36.36 4.91 -26.84
N CYS B 588 37.66 4.56 -26.78
CA CYS B 588 38.16 3.23 -27.14
C CYS B 588 37.92 2.25 -26.00
N VAL B 589 37.53 1.03 -26.29
CA VAL B 589 37.32 0.05 -25.24
C VAL B 589 38.46 -1.01 -25.13
N TYR B 590 38.53 -1.87 -26.15
CA TYR B 590 39.57 -2.90 -26.16
C TYR B 590 40.95 -2.53 -25.65
N PRO B 591 41.52 -1.38 -26.05
CA PRO B 591 42.86 -1.02 -25.56
C PRO B 591 42.89 -0.82 -24.03
N ASP B 592 44.07 -1.05 -23.42
CA ASP B 592 44.23 -0.87 -21.98
C ASP B 592 45.17 0.29 -21.68
N SER B 593 46.04 0.63 -22.61
CA SER B 593 46.97 1.75 -22.43
C SER B 593 46.36 3.00 -22.94
N PHE B 594 45.94 2.94 -24.19
CA PHE B 594 45.28 4.08 -24.85
C PHE B 594 43.76 3.95 -24.59
N SER B 595 43.32 4.45 -23.44
CA SER B 595 41.90 4.37 -23.09
C SER B 595 41.26 5.75 -22.93
N GLY B 596 39.96 5.85 -23.25
CA GLY B 596 39.30 7.14 -23.11
C GLY B 596 39.77 8.21 -24.09
N VAL B 597 39.82 7.85 -25.38
CA VAL B 597 40.27 8.75 -26.41
C VAL B 597 39.35 8.67 -27.64
N SER B 598 38.89 9.84 -28.09
CA SER B 598 37.98 9.93 -29.24
C SER B 598 38.65 9.48 -30.52
N LEU B 599 37.87 8.85 -31.40
CA LEU B 599 38.34 8.33 -32.69
C LEU B 599 39.04 9.40 -33.53
N PHE B 600 38.71 10.66 -33.28
CA PHE B 600 39.32 11.76 -34.02
C PHE B 600 40.60 12.29 -33.31
N SER B 601 41.25 11.43 -32.52
CA SER B 601 42.48 11.82 -31.83
C SER B 601 43.55 10.70 -31.94
N LEU B 602 43.11 9.51 -32.32
CA LEU B 602 43.98 8.35 -32.49
C LEU B 602 44.84 8.50 -33.72
N SER B 603 46.09 8.05 -33.64
CA SER B 603 47.03 8.16 -34.73
C SER B 603 47.08 6.86 -35.51
N THR B 604 47.17 6.96 -36.84
CA THR B 604 47.22 5.75 -37.66
C THR B 604 48.66 5.35 -38.01
N GLU B 605 49.27 4.53 -37.16
CA GLU B 605 50.63 4.05 -37.38
C GLU B 605 50.58 2.51 -37.36
N GLY B 606 51.45 1.87 -38.15
CA GLY B 606 51.46 0.43 -38.23
C GLY B 606 52.05 -0.26 -36.99
N CYS B 607 51.55 -1.47 -36.66
CA CYS B 607 52.07 -2.24 -35.52
C CYS B 607 53.50 -2.73 -35.72
N PHE B 618 48.99 13.33 -25.30
CA PHE B 618 50.07 13.16 -24.28
C PHE B 618 49.51 13.59 -22.92
N SER B 619 48.24 13.98 -22.88
CA SER B 619 47.58 14.34 -21.63
C SER B 619 47.17 13.04 -20.94
N LEU B 620 46.52 12.15 -21.66
CA LEU B 620 46.11 10.86 -21.09
C LEU B 620 47.26 9.87 -21.00
N PHE B 621 48.49 10.39 -21.21
CA PHE B 621 49.69 9.57 -21.15
C PHE B 621 50.34 9.72 -19.78
N ILE B 622 50.29 10.93 -19.24
CA ILE B 622 50.92 11.14 -17.94
C ILE B 622 50.20 10.42 -16.82
N VAL B 623 48.88 10.26 -17.00
CA VAL B 623 48.05 9.58 -16.01
C VAL B 623 48.34 8.07 -16.16
N CYS B 624 48.84 7.65 -17.30
CA CYS B 624 49.11 6.23 -17.52
C CYS B 624 50.48 5.90 -16.94
N THR B 625 51.30 6.94 -16.73
CA THR B 625 52.61 6.76 -16.17
C THR B 625 52.60 6.94 -14.65
N VAL B 626 51.79 7.87 -14.18
CA VAL B 626 51.71 8.13 -12.74
C VAL B 626 50.94 7.00 -12.06
N THR B 627 50.10 6.31 -12.84
CA THR B 627 49.34 5.19 -12.29
C THR B 627 50.21 3.95 -12.21
N LEU B 628 51.27 3.92 -13.01
CA LEU B 628 52.21 2.80 -13.02
C LEU B 628 53.23 3.02 -11.93
N THR B 629 53.69 4.26 -11.80
CA THR B 629 54.68 4.64 -10.79
C THR B 629 54.06 4.47 -9.40
N LEU B 630 52.77 4.74 -9.28
CA LEU B 630 52.10 4.57 -7.99
C LEU B 630 51.67 3.12 -7.78
N PHE B 631 51.81 2.30 -8.82
CA PHE B 631 51.45 0.90 -8.71
C PHE B 631 52.73 0.11 -8.46
N LEU B 632 53.87 0.82 -8.50
CA LEU B 632 55.17 0.21 -8.26
C LEU B 632 55.68 0.68 -6.90
N MET B 633 55.42 1.94 -6.61
CA MET B 633 55.80 2.54 -5.32
C MET B 633 54.86 2.09 -4.17
N THR B 634 53.86 1.29 -4.49
CA THR B 634 52.91 0.83 -3.49
C THR B 634 53.24 -0.54 -2.96
N ILE B 635 53.54 -1.48 -3.86
CA ILE B 635 53.93 -2.83 -3.46
C ILE B 635 55.19 -2.69 -2.56
N LEU B 636 55.88 -1.56 -2.70
CA LEU B 636 57.10 -1.31 -1.94
C LEU B 636 56.85 -0.90 -0.48
N THR B 637 56.01 0.13 -0.29
CA THR B 637 55.69 0.68 1.03
C THR B 637 54.41 0.23 1.75
N VAL B 638 53.90 -0.94 1.39
CA VAL B 638 52.73 -1.50 2.05
C VAL B 638 53.14 -2.73 2.88
N THR B 639 54.02 -3.55 2.33
CA THR B 639 54.50 -4.74 2.98
C THR B 639 55.35 -4.34 4.18
N LYS B 640 55.74 -3.07 4.21
CA LYS B 640 56.55 -2.54 5.28
C LYS B 640 55.77 -1.83 6.38
N PHE B 641 54.74 -1.08 6.00
CA PHE B 641 53.96 -0.29 6.96
C PHE B 641 53.08 -1.14 7.89
N ARG B 642 51.80 -1.30 7.54
CA ARG B 642 50.95 -2.06 8.43
C ARG B 642 49.77 -2.72 7.74
C1 NAG C . 5.48 -24.09 -18.29
C2 NAG C . 6.97 -24.51 -18.52
C3 NAG C . 7.43 -24.07 -19.96
C4 NAG C . 6.43 -24.56 -21.06
C5 NAG C . 4.97 -24.22 -20.71
C6 NAG C . 3.95 -24.80 -21.66
C7 NAG C . 9.01 -24.51 -17.23
C8 NAG C . 8.98 -25.47 -16.04
N2 NAG C . 7.90 -23.89 -17.53
O3 NAG C . 8.72 -24.60 -20.21
O4 NAG C . 6.84 -24.05 -22.34
O5 NAG C . 4.66 -24.66 -19.34
O6 NAG C . 4.16 -26.24 -21.80
O7 NAG C . 10.09 -24.33 -17.82
C1 FUC C . 3.59 -26.95 -22.90
C2 FUC C . 2.03 -27.16 -22.66
C3 FUC C . 1.13 -27.00 -23.91
C4 FUC C . 1.84 -27.52 -25.19
C5 FUC C . 3.28 -26.93 -25.40
C6 FUC C . 4.31 -27.93 -25.89
O2 FUC C . 1.51 -26.42 -21.58
O3 FUC C . -0.09 -27.73 -23.67
O4 FUC C . 1.91 -28.94 -25.15
O5 FUC C . 3.84 -26.29 -24.19
C1 NAG D . 16.10 -33.00 -4.51
C2 NAG D . 17.57 -32.96 -5.05
C3 NAG D . 18.00 -34.36 -5.68
C4 NAG D . 17.57 -35.60 -4.86
C5 NAG D . 16.13 -35.46 -4.21
C6 NAG D . 15.85 -36.49 -3.13
C7 NAG D . 19.00 -31.25 -5.96
C8 NAG D . 19.18 -29.96 -5.15
N2 NAG D . 17.82 -31.84 -5.93
O3 NAG D . 19.38 -34.43 -5.99
O4 NAG D . 17.64 -36.79 -5.64
O5 NAG D . 15.93 -34.11 -3.58
O6 NAG D . 16.83 -36.41 -2.07
O7 NAG D . 19.98 -31.71 -6.59
C1 FUC D . 17.15 -37.54 -1.26
C2 FUC D . 16.11 -37.75 -0.11
C3 FUC D . 16.10 -39.22 0.44
C4 FUC D . 17.39 -40.06 0.20
C5 FUC D . 17.92 -39.91 -1.28
C6 FUC D . 19.45 -39.83 -1.40
O2 FUC D . 14.81 -37.37 -0.53
O3 FUC D . 15.73 -39.27 1.80
O4 FUC D . 18.40 -39.70 1.15
O5 FUC D . 17.37 -38.76 -2.01
C1 NAG E . -44.62 -29.60 11.01
C2 NAG E . -45.05 -29.26 9.58
C3 NAG E . -46.57 -29.37 9.38
C4 NAG E . -47.19 -30.66 9.97
C5 NAG E . -46.56 -31.11 11.39
C6 NAG E . -46.85 -32.54 11.79
C7 NAG E . -44.01 -27.98 7.85
C8 NAG E . -42.55 -28.39 7.64
N2 NAG E . -44.51 -28.01 9.09
O3 NAG E . -46.87 -29.34 8.01
O4 NAG E . -48.64 -30.66 10.03
O5 NAG E . -45.12 -30.93 11.40
O6 NAG E . -46.23 -33.51 10.87
O7 NAG E . -44.66 -27.59 6.85
C1 FUC E . -46.81 -34.80 10.77
C2 FUC E . -46.39 -35.71 11.97
C3 FUC E . -46.90 -37.16 11.70
C4 FUC E . -48.44 -37.17 11.45
C5 FUC E . -48.88 -36.14 10.36
C6 FUC E . -48.74 -36.51 8.89
O2 FUC E . -46.92 -35.20 13.18
O3 FUC E . -46.21 -37.70 10.59
O4 FUC E . -48.96 -38.47 11.21
O5 FUC E . -48.22 -34.82 10.57
C1 NAG F . -16.44 -9.58 17.28
C2 NAG F . -15.42 -10.57 17.90
C3 NAG F . -14.19 -10.75 16.99
C4 NAG F . -14.54 -10.95 15.46
C5 NAG F . -15.73 -10.03 15.00
C6 NAG F . -16.32 -10.40 13.61
C7 NAG F . -14.43 -11.11 20.03
C8 NAG F . -15.30 -11.90 21.02
N2 NAG F . -15.04 -10.22 19.26
O3 NAG F . -13.43 -11.88 17.45
O4 NAG F . -13.40 -10.82 14.57
O5 NAG F . -16.85 -10.02 15.97
O6 NAG F . -16.95 -11.71 13.64
O7 NAG F . -13.21 -11.31 20.04
C1 FUC F . -17.18 -12.39 12.42
C2 FUC F . -18.39 -11.76 11.61
C3 FUC F . -18.61 -12.42 10.22
C4 FUC F . -17.27 -12.74 9.46
C5 FUC F . -16.12 -13.31 10.36
C6 FUC F . -16.12 -14.80 10.68
O2 FUC F . -18.20 -10.37 11.46
O3 FUC F . -19.51 -13.52 10.23
O4 FUC F . -17.46 -13.52 8.28
O5 FUC F . -15.99 -12.55 11.60
C1 NAG G . -13.65 8.20 39.56
C2 NAG G . -15.15 7.96 39.47
C3 NAG G . -16.01 8.67 40.56
C4 NAG G . -15.39 8.59 41.98
C5 NAG G . -13.88 9.01 41.93
C6 NAG G . -13.13 8.90 43.23
C7 NAG G . -16.68 7.77 37.64
C8 NAG G . -16.48 6.52 36.78
N2 NAG G . -15.60 8.34 38.15
O3 NAG G . -17.29 8.17 40.57
O4 NAG G . -16.11 9.48 42.89
O5 NAG G . -13.15 8.14 40.99
O6 NAG G . -13.06 7.52 43.72
O7 NAG G . -17.86 8.17 37.79
C1 FUC G . -12.42 7.31 44.98
C2 FUC G . -10.87 7.18 44.85
C3 FUC G . -10.12 7.57 46.15
C4 FUC G . -10.92 7.29 47.46
C5 FUC G . -12.41 7.81 47.42
C6 FUC G . -13.44 6.81 47.95
O2 FUC G . -10.40 8.00 43.82
O3 FUC G . -8.80 6.99 46.23
O4 FUC G . -10.90 5.92 47.75
O5 FUC G . -12.82 8.20 46.04
C1 NAG H . 37.49 14.36 6.48
C2 NAG H . 37.89 15.25 5.28
C3 NAG H . 39.40 15.58 5.27
C4 NAG H . 39.97 16.01 6.68
C5 NAG H . 39.44 15.01 7.75
C6 NAG H . 39.94 15.07 9.22
C7 NAG H . 36.90 15.29 3.07
C8 NAG H . 35.44 14.97 2.84
N2 NAG H . 37.52 14.60 4.03
O3 NAG H . 39.72 16.54 4.28
O4 NAG H . 41.42 15.99 6.63
O5 NAG H . 37.99 14.92 7.74
O6 NAG H . 39.03 15.81 10.14
O7 NAG H . 37.44 16.15 2.40
C1 FUC H . 39.65 16.48 11.23
C2 FUC H . 40.21 15.50 12.33
C3 FUC H . 40.69 16.29 13.53
C4 FUC H . 41.67 17.43 13.17
C5 FUC H . 41.24 18.29 11.88
C6 FUC H . 40.45 19.64 11.95
O2 FUC H . 41.26 14.68 11.86
O3 FUC H . 39.55 16.84 14.16
O4 FUC H . 42.01 18.25 14.27
O5 FUC H . 40.62 17.44 10.83
C1 NAG I . 36.12 8.36 15.60
C2 NAG I . 35.94 9.25 16.86
C3 NAG I . 37.19 9.13 17.79
C4 NAG I . 37.63 7.66 18.08
C5 NAG I . 37.71 6.86 16.73
C6 NAG I . 38.00 5.35 16.93
C7 NAG I . 34.92 11.36 17.31
C8 NAG I . 33.40 11.47 17.03
N2 NAG I . 35.64 10.60 16.49
O3 NAG I . 36.88 9.74 19.04
O4 NAG I . 38.91 7.63 18.76
O5 NAG I . 36.45 7.00 15.94
O6 NAG I . 36.93 4.75 17.72
O7 NAG I . 35.38 11.97 18.27
C1 FUC I . 37.09 3.39 18.10
C2 FUC I . 36.75 2.40 16.90
C3 FUC I . 37.68 1.15 16.82
C4 FUC I . 38.21 0.62 18.18
C5 FUC I . 38.59 1.72 19.25
C6 FUC I . 37.97 1.60 20.64
O2 FUC I . 36.61 3.05 15.65
O3 FUC I . 37.15 0.08 16.04
O4 FUC I . 37.41 -0.42 18.72
O5 FUC I . 38.36 3.10 18.75
C1 NAG J . 16.49 37.55 2.00
C2 NAG J . 17.68 38.27 1.27
C3 NAG J . 18.95 38.35 2.15
C4 NAG J . 18.66 38.75 3.64
C5 NAG J . 17.45 38.02 4.24
C6 NAG J . 17.09 38.43 5.68
C7 NAG J . 18.41 38.37 -1.00
C8 NAG J . 17.37 39.09 -1.87
N2 NAG J . 17.94 37.65 -0.03
O3 NAG J . 19.91 39.18 1.58
O4 NAG J . 19.82 38.62 4.52
O5 NAG J . 16.28 38.07 3.36
O6 NAG J . 15.77 39.06 5.79
O7 NAG J . 19.61 38.46 -1.24
C1 FUC J . 15.33 39.52 7.05
C2 FUC J . 14.74 38.34 7.90
C3 FUC J . 15.30 38.31 9.37
C4 FUC J . 15.30 39.71 10.04
C5 FUC J . 15.94 40.81 9.13
C6 FUC J . 15.13 42.07 8.97
O2 FUC J . 14.99 37.11 7.25
O3 FUC J . 14.54 37.40 10.17
O4 FUC J . 13.97 40.05 10.38
O5 FUC J . 16.30 40.31 7.77
C1 NAG K . 12.75 48.74 -14.42
C2 NAG K . 14.28 49.03 -14.51
C3 NAG K . 14.65 50.31 -13.73
C4 NAG K . 13.73 51.53 -14.01
C5 NAG K . 12.22 51.13 -14.09
C6 NAG K . 11.34 52.22 -14.68
C7 NAG K . 16.18 47.51 -14.59
C8 NAG K . 16.03 46.46 -15.69
N2 NAG K . 15.05 47.89 -13.98
O3 NAG K . 16.03 50.66 -13.93
O4 NAG K . 13.92 52.60 -13.07
O5 NAG K . 12.04 49.93 -14.89
O6 NAG K . 11.75 52.47 -16.06
O7 NAG K . 17.29 47.96 -14.29
C1 FUC K . 10.84 53.23 -16.87
C2 FUC K . 9.64 52.35 -17.40
C3 FUC K . 8.27 53.03 -17.20
C4 FUC K . 8.29 54.51 -17.68
C5 FUC K . 9.46 55.32 -17.03
C6 FUC K . 10.31 56.17 -17.98
O2 FUC K . 9.62 51.08 -16.78
O3 FUC K . 7.27 52.33 -17.93
O4 FUC K . 8.41 54.55 -19.10
O5 FUC K . 10.38 54.47 -16.24
C1 NAG L . -39.01 20.52 4.45
C2 NAG L . -38.38 20.48 5.91
C3 NAG L . -39.43 19.83 6.86
C4 NAG L . -40.80 20.57 6.86
C5 NAG L . -41.31 20.71 5.39
C6 NAG L . -42.66 21.39 5.21
C7 NAG L . -36.30 19.71 6.93
C8 NAG L . -35.23 20.78 6.96
N2 NAG L . -37.13 19.72 5.90
O3 NAG L . -38.95 19.63 8.18
O4 NAG L . -41.75 19.81 7.66
O5 NAG L . -40.28 21.28 4.51
O6 NAG L . -42.72 22.26 4.03
O7 NAG L . -36.38 18.90 7.83
C1 FUC L . -43.32 23.54 4.18
C2 FUC L . -44.90 23.44 4.12
C3 FUC L . -45.63 24.77 4.45
C4 FUC L . -45.02 25.46 5.73
C5 FUC L . -43.48 25.62 5.61
C6 FUC L . -42.92 26.66 4.61
O2 FUC L . -45.44 22.34 4.85
O3 FUC L . -45.53 25.63 3.33
O4 FUC L . -45.64 26.70 6.07
O5 FUC L . -42.83 24.32 5.34
C1 NAG M . -13.57 12.44 -19.02
C2 NAG M . -13.65 13.77 -19.72
C3 NAG M . -12.21 14.43 -19.67
C4 NAG M . -11.56 14.40 -18.26
C5 NAG M . -11.74 13.01 -17.50
C6 NAG M . -11.30 12.99 -16.07
C7 NAG M . -14.53 14.69 -21.72
C8 NAG M . -16.03 14.95 -21.75
N2 NAG M . -14.12 13.64 -21.08
O3 NAG M . -12.32 15.79 -20.13
O4 NAG M . -10.13 14.71 -18.39
O5 NAG M . -13.13 12.52 -17.63
O6 NAG M . -12.41 12.95 -15.09
O7 NAG M . -13.79 15.40 -22.40
C1 FUC M . -12.37 13.86 -14.02
C2 FUC M . -11.36 13.41 -12.92
C3 FUC M . -10.52 14.57 -12.30
C4 FUC M . -11.30 15.90 -12.11
C5 FUC M . -12.17 16.28 -13.37
C6 FUC M . -13.63 16.64 -13.09
O2 FUC M . -10.51 12.36 -13.36
O3 FUC M . -9.94 14.16 -11.04
O4 FUC M . -12.11 15.82 -10.97
O5 FUC M . -12.15 15.23 -14.43
C1 NAG N . -16.80 -4.97 -41.10
C2 NAG N . -18.00 -5.31 -40.21
C3 NAG N . -18.97 -6.39 -40.79
C4 NAG N . -19.27 -6.22 -42.30
C5 NAG N . -17.95 -6.02 -43.10
C6 NAG N . -18.08 -5.75 -44.57
C7 NAG N . -18.28 -5.54 -37.87
C8 NAG N . -18.13 -4.24 -37.07
N2 NAG N . -17.51 -5.71 -38.92
O3 NAG N . -20.15 -6.43 -40.06
O4 NAG N . -19.97 -7.39 -42.81
O5 NAG N . -17.21 -4.86 -42.57
O6 NAG N . -18.82 -4.50 -44.83
O7 NAG N . -19.10 -6.38 -37.43
C1 FUC N . -19.06 -4.18 -46.21
C2 FUC N . -17.86 -3.46 -46.88
C3 FUC N . -17.82 -3.66 -48.43
C4 FUC N . -19.22 -3.83 -49.08
C5 FUC N . -20.16 -4.87 -48.34
C6 FUC N . -21.59 -4.40 -48.12
O2 FUC N . -16.66 -3.93 -46.38
O3 FUC N . -17.09 -2.63 -49.11
O4 FUC N . -19.88 -2.59 -49.15
O5 FUC N . -19.60 -5.25 -47.01
C1 NAG O . 41.61 12.34 -40.99
C2 NAG O . 43.03 12.15 -40.35
C3 NAG O . 44.20 12.57 -41.25
C4 NAG O . 44.03 12.03 -42.72
C5 NAG O . 42.56 12.29 -43.27
C6 NAG O . 42.27 11.74 -44.68
C7 NAG O . 43.69 12.04 -38.05
C8 NAG O . 42.81 11.38 -37.01
N2 NAG O . 43.09 12.72 -39.03
O3 NAG O . 45.39 12.04 -40.68
O4 NAG O . 45.04 12.53 -43.64
O5 NAG O . 41.58 11.72 -42.32
O6 NAG O . 42.38 10.27 -44.69
O7 NAG O . 44.91 11.94 -37.96
C1 FUC O . 42.45 9.59 -45.94
C2 FUC O . 41.06 9.31 -46.59
C3 FUC O . 41.10 8.74 -48.05
C4 FUC O . 42.51 8.68 -48.79
C5 FUC O . 43.70 9.40 -48.11
C6 FUC O . 45.03 8.67 -47.83
O2 FUC O . 40.28 10.52 -46.60
O3 FUC O . 40.46 7.45 -48.13
O4 FUC O . 42.85 7.34 -49.03
O5 FUC O . 43.34 10.22 -46.93
C1 NAG P . 33.38 16.05 -47.13
C2 NAG P . 32.83 15.08 -48.25
C3 NAG P . 33.43 15.54 -49.61
C4 NAG P . 33.24 17.08 -49.94
C5 NAG P . 33.66 17.89 -48.68
C6 NAG P . 33.53 19.45 -48.83
C7 NAG P . 32.49 12.73 -48.26
C8 NAG P . 31.57 12.25 -47.16
N2 NAG P . 33.30 13.76 -47.98
O3 NAG P . 32.93 14.74 -50.67
O4 NAG P . 34.10 17.40 -51.06
O5 NAG P . 33.03 17.41 -47.43
O6 NAG P . 33.21 20.10 -47.57
O7 NAG P . 32.51 12.12 -49.34
C1 FUC P . 32.23 21.12 -47.73
C2 FUC P . 31.52 21.39 -46.39
C3 FUC P . 31.11 22.87 -46.13
C4 FUC P . 30.73 23.60 -47.45
C5 FUC P . 31.91 23.52 -48.51
C6 FUC P . 31.66 23.67 -50.01
O2 FUC P . 32.27 20.87 -45.30
O3 FUC P . 30.00 22.89 -45.22
O4 FUC P . 29.52 23.04 -47.93
O5 FUC P . 32.79 22.34 -48.33
#